data_6BAL
#
_entry.id   6BAL
#
_cell.length_a   74.108
_cell.length_b   78.079
_cell.length_c   114.029
_cell.angle_alpha   71.09
_cell.angle_beta   75.44
_cell.angle_gamma   68.06
#
_symmetry.space_group_name_H-M   'P 1'
#
loop_
_entity.id
_entity.type
_entity.pdbx_description
1 polymer 'Malate dehydrogenase'
2 non-polymer '(2S)-2-hydroxybutanedioic acid'
3 non-polymer 'CHLORIDE ION'
4 water water
#
_entity_poly.entity_id   1
_entity_poly.type   'polypeptide(L)'
_entity_poly.pdbx_seq_one_letter_code
;MHHHHHHSSGVDLGTENLYFQSNAMKVAVLGAAGGIGQALALLLKLQLPAGTDLSLYDIAPVTPGVAVDVSHIPTAVNVK
GFSGEDPTPALEGADVVLISAGVARKPGMDRSDLFNINAGIVRGLIEKVAVTCPKACVGIITNPVNTTVAIAAEVLKKAG
VYDKRKLFGVTTLDVLRSETFVAELKGLNVSRTSVPVIGGHSGVTILPLLSQVQYAKWNEDEIEPLTKRIQNAGTEVLNA
KAGGGSATLSMAQAAARFARSLVKGLSGETVVECTYVEGDGKYARFFSQPVRLGKEGVEEILPIGPLSNFEQQALENMLP
TLRADIELGEKFING
;
_entity_poly.pdbx_strand_id   A,B,C,D,E,F,G,H
#
# COMPACT_ATOMS: atom_id res chain seq x y z
N ALA A 24 55.04 6.73 -20.01
CA ALA A 24 53.58 6.86 -20.32
C ALA A 24 53.08 5.67 -21.18
N MET A 25 52.46 4.70 -20.52
CA MET A 25 51.96 3.50 -21.16
C MET A 25 50.52 3.78 -21.63
N LYS A 26 50.10 3.08 -22.70
CA LYS A 26 48.75 3.25 -23.25
C LYS A 26 48.04 1.92 -23.41
N VAL A 27 46.84 1.83 -22.82
CA VAL A 27 46.01 0.62 -22.89
C VAL A 27 44.73 0.95 -23.68
N ALA A 28 44.45 0.12 -24.69
CA ALA A 28 43.28 0.30 -25.55
C ALA A 28 42.29 -0.85 -25.35
N VAL A 29 41.01 -0.55 -25.31
CA VAL A 29 39.97 -1.56 -25.16
C VAL A 29 39.08 -1.49 -26.38
N LEU A 30 39.08 -2.58 -27.17
CA LEU A 30 38.24 -2.68 -28.35
C LEU A 30 37.04 -3.54 -27.93
N GLY A 31 35.89 -2.87 -27.84
CA GLY A 31 34.65 -3.50 -27.37
C GLY A 31 34.26 -2.90 -26.03
N ALA A 32 34.59 -1.62 -25.83
CA ALA A 32 34.34 -0.91 -24.58
C ALA A 32 32.89 -0.54 -24.24
N ALA A 33 31.94 -0.75 -25.15
CA ALA A 33 30.53 -0.42 -24.86
C ALA A 33 29.74 -1.63 -24.34
N GLY A 34 30.30 -2.83 -24.50
CA GLY A 34 29.61 -4.04 -24.06
C GLY A 34 29.62 -4.21 -22.55
N GLY A 35 29.11 -5.35 -22.10
CA GLY A 35 29.05 -5.65 -20.68
C GLY A 35 30.42 -5.72 -20.06
N ILE A 36 31.28 -6.57 -20.64
CA ILE A 36 32.65 -6.72 -20.17
C ILE A 36 33.37 -5.38 -20.33
N GLY A 37 33.23 -4.79 -21.50
CA GLY A 37 33.90 -3.55 -21.87
C GLY A 37 33.72 -2.38 -20.92
N GLN A 38 32.48 -2.10 -20.57
CA GLN A 38 32.20 -0.96 -19.67
C GLN A 38 32.76 -1.21 -18.30
N ALA A 39 32.55 -2.42 -17.77
CA ALA A 39 33.07 -2.80 -16.46
C ALA A 39 34.60 -2.74 -16.47
N LEU A 40 35.19 -3.20 -17.57
CA LEU A 40 36.64 -3.16 -17.74
C LEU A 40 37.13 -1.70 -17.82
N ALA A 41 36.39 -0.83 -18.49
CA ALA A 41 36.81 0.58 -18.56
C ALA A 41 36.88 1.16 -17.13
N LEU A 42 35.87 0.84 -16.33
CA LEU A 42 35.81 1.27 -14.94
C LEU A 42 36.99 0.75 -14.12
N LEU A 43 37.23 -0.56 -14.18
CA LEU A 43 38.34 -1.14 -13.39
C LEU A 43 39.72 -0.59 -13.78
N LEU A 44 39.95 -0.42 -15.07
CA LEU A 44 41.24 0.11 -15.55
C LEU A 44 41.46 1.55 -15.09
N LYS A 45 40.40 2.35 -15.11
CA LYS A 45 40.47 3.73 -14.63
C LYS A 45 40.89 3.75 -13.15
N LEU A 46 40.40 2.77 -12.39
CA LEU A 46 40.68 2.66 -10.96
C LEU A 46 41.95 1.91 -10.61
N GLN A 47 42.41 1.01 -11.49
CA GLN A 47 43.54 0.16 -11.18
C GLN A 47 44.84 0.43 -11.93
N LEU A 48 44.80 1.07 -13.09
CA LEU A 48 46.04 1.31 -13.85
C LEU A 48 46.93 2.30 -13.11
N PRO A 49 48.27 2.21 -13.32
CA PRO A 49 49.17 3.16 -12.67
C PRO A 49 48.93 4.61 -13.08
N ALA A 50 49.32 5.53 -12.20
CA ALA A 50 49.17 6.96 -12.48
C ALA A 50 49.91 7.31 -13.77
N GLY A 51 49.27 8.13 -14.60
CA GLY A 51 49.88 8.55 -15.88
C GLY A 51 49.61 7.66 -17.08
N THR A 52 48.92 6.53 -16.88
CA THR A 52 48.61 5.61 -17.96
C THR A 52 47.45 6.17 -18.79
N ASP A 53 47.54 6.05 -20.12
CA ASP A 53 46.48 6.49 -21.01
C ASP A 53 45.54 5.31 -21.27
N LEU A 54 44.24 5.55 -21.20
CA LEU A 54 43.24 4.52 -21.47
C LEU A 54 42.42 4.98 -22.67
N SER A 55 42.34 4.13 -23.68
CA SER A 55 41.64 4.45 -24.90
C SER A 55 40.50 3.45 -25.08
N LEU A 56 39.28 3.97 -25.27
CA LEU A 56 38.09 3.12 -25.44
C LEU A 56 37.45 3.22 -26.83
N TYR A 57 37.19 2.06 -27.43
CA TYR A 57 36.57 2.00 -28.75
C TYR A 57 35.49 0.94 -28.85
N ASP A 58 34.44 1.28 -29.59
CA ASP A 58 33.38 0.34 -29.90
C ASP A 58 32.56 0.94 -31.05
N ILE A 59 31.99 0.09 -31.89
CA ILE A 59 31.14 0.59 -32.98
C ILE A 59 29.97 1.40 -32.46
N ALA A 60 29.47 1.06 -31.27
CA ALA A 60 28.34 1.76 -30.67
C ALA A 60 28.65 3.24 -30.36
N PRO A 61 27.77 4.17 -30.75
CA PRO A 61 27.99 5.60 -30.52
C PRO A 61 28.00 6.07 -29.04
N VAL A 62 27.74 5.17 -28.11
CA VAL A 62 27.76 5.51 -26.67
C VAL A 62 29.20 5.59 -26.13
N THR A 63 30.16 5.03 -26.85
CA THR A 63 31.54 4.92 -26.40
C THR A 63 32.25 6.22 -25.97
N PRO A 64 32.12 7.32 -26.73
CA PRO A 64 32.74 8.55 -26.21
C PRO A 64 32.14 8.95 -24.85
N GLY A 65 30.85 8.67 -24.69
CA GLY A 65 30.14 8.94 -23.45
C GLY A 65 30.65 8.06 -22.31
N VAL A 66 30.98 6.79 -22.60
CA VAL A 66 31.53 5.88 -21.59
C VAL A 66 32.85 6.45 -21.03
N ALA A 67 33.66 7.03 -21.91
CA ALA A 67 34.93 7.63 -21.53
C ALA A 67 34.72 8.92 -20.71
N VAL A 68 33.76 9.75 -21.12
CA VAL A 68 33.49 10.98 -20.34
C VAL A 68 33.02 10.56 -18.93
N ASP A 69 32.11 9.58 -18.88
CA ASP A 69 31.59 8.99 -17.63
C ASP A 69 32.76 8.58 -16.72
N VAL A 70 33.61 7.72 -17.25
CA VAL A 70 34.77 7.24 -16.52
C VAL A 70 35.78 8.35 -16.17
N SER A 71 35.88 9.38 -17.01
CA SER A 71 36.83 10.48 -16.76
C SER A 71 36.50 11.31 -15.53
N HIS A 72 35.24 11.26 -15.09
CA HIS A 72 34.85 11.99 -13.87
C HIS A 72 35.34 11.31 -12.57
N ILE A 73 35.84 10.08 -12.68
CA ILE A 73 36.38 9.36 -11.51
C ILE A 73 37.77 9.95 -11.26
N PRO A 74 38.04 10.43 -10.04
CA PRO A 74 39.31 11.08 -9.78
C PRO A 74 40.53 10.18 -9.62
N THR A 75 41.09 9.72 -10.73
CA THR A 75 42.35 8.97 -10.70
C THR A 75 43.23 9.59 -11.78
N ALA A 76 44.54 9.37 -11.68
CA ALA A 76 45.51 9.93 -12.63
C ALA A 76 45.63 9.15 -13.95
N VAL A 77 44.57 8.44 -14.35
CA VAL A 77 44.54 7.73 -15.63
C VAL A 77 43.74 8.59 -16.60
N ASN A 78 44.34 8.93 -17.74
CA ASN A 78 43.69 9.76 -18.76
C ASN A 78 42.86 8.86 -19.68
N VAL A 79 41.59 9.20 -19.88
CA VAL A 79 40.72 8.36 -20.69
C VAL A 79 40.04 9.11 -21.85
N LYS A 80 39.96 8.44 -23.01
CA LYS A 80 39.32 8.96 -24.21
C LYS A 80 38.53 7.83 -24.88
N GLY A 81 37.41 8.19 -25.50
CA GLY A 81 36.51 7.24 -26.18
C GLY A 81 36.31 7.53 -27.66
N PHE A 82 36.08 6.47 -28.44
CA PHE A 82 35.93 6.56 -29.89
C PHE A 82 34.85 5.61 -30.38
N SER A 83 34.15 6.01 -31.43
CA SER A 83 33.10 5.18 -32.05
C SER A 83 33.21 5.24 -33.58
N GLY A 84 32.24 4.67 -34.27
CA GLY A 84 32.27 4.63 -35.73
C GLY A 84 32.90 3.30 -36.16
N GLU A 85 33.10 3.15 -37.46
CA GLU A 85 33.63 1.91 -38.05
C GLU A 85 35.15 1.75 -38.01
N ASP A 86 35.89 2.82 -37.71
CA ASP A 86 37.35 2.81 -37.74
C ASP A 86 38.00 2.90 -36.32
N PRO A 87 38.66 1.81 -35.86
CA PRO A 87 39.31 1.86 -34.53
C PRO A 87 40.71 2.45 -34.54
N THR A 88 41.24 2.77 -35.72
CA THR A 88 42.61 3.33 -35.86
C THR A 88 42.91 4.49 -34.90
N PRO A 89 42.02 5.51 -34.81
CA PRO A 89 42.28 6.62 -33.86
C PRO A 89 42.43 6.16 -32.42
N ALA A 90 41.63 5.17 -32.00
CA ALA A 90 41.70 4.62 -30.64
C ALA A 90 43.00 3.84 -30.37
N LEU A 91 43.56 3.24 -31.42
CA LEU A 91 44.78 2.42 -31.30
C LEU A 91 46.09 3.17 -31.43
N GLU A 92 46.04 4.47 -31.74
CA GLU A 92 47.27 5.25 -31.88
C GLU A 92 48.15 5.14 -30.63
N GLY A 93 49.37 4.62 -30.79
CA GLY A 93 50.33 4.48 -29.69
C GLY A 93 49.99 3.47 -28.61
N ALA A 94 49.09 2.52 -28.88
CA ALA A 94 48.72 1.55 -27.84
C ALA A 94 49.87 0.58 -27.57
N ASP A 95 50.12 0.34 -26.28
CA ASP A 95 51.16 -0.61 -25.83
C ASP A 95 50.48 -1.95 -25.51
N VAL A 96 49.23 -1.85 -25.06
CA VAL A 96 48.41 -3.00 -24.76
C VAL A 96 47.04 -2.77 -25.41
N VAL A 97 46.50 -3.82 -26.03
CA VAL A 97 45.20 -3.80 -26.68
C VAL A 97 44.37 -4.98 -26.16
N LEU A 98 43.22 -4.69 -25.56
CA LEU A 98 42.33 -5.73 -25.01
C LEU A 98 41.12 -5.80 -25.90
N ILE A 99 40.83 -6.99 -26.44
CA ILE A 99 39.71 -7.19 -27.34
C ILE A 99 38.61 -8.02 -26.68
N SER A 100 37.52 -7.34 -26.36
CA SER A 100 36.35 -7.95 -25.74
C SER A 100 35.11 -7.77 -26.60
N ALA A 101 35.28 -7.24 -27.82
CA ALA A 101 34.14 -7.03 -28.72
C ALA A 101 33.45 -8.35 -29.05
N GLY A 102 32.32 -8.26 -29.73
CA GLY A 102 31.58 -9.45 -30.15
C GLY A 102 30.44 -9.84 -29.24
N VAL A 103 29.77 -10.91 -29.62
CA VAL A 103 28.61 -11.39 -28.87
C VAL A 103 29.00 -12.47 -27.88
N ALA A 104 28.15 -12.60 -26.86
CA ALA A 104 28.33 -13.56 -25.79
C ALA A 104 27.40 -14.75 -25.98
N ARG A 105 27.61 -15.79 -25.18
CA ARG A 105 26.80 -16.99 -25.25
C ARG A 105 25.35 -16.78 -24.86
N LYS A 106 24.50 -17.67 -25.37
CA LYS A 106 23.07 -17.71 -25.10
C LYS A 106 22.94 -19.06 -24.38
N PRO A 107 21.93 -19.23 -23.50
CA PRO A 107 21.77 -20.53 -22.81
C PRO A 107 21.71 -21.74 -23.76
N GLY A 108 22.52 -22.77 -23.47
CA GLY A 108 22.59 -23.99 -24.30
C GLY A 108 23.83 -24.11 -25.18
N MET A 109 24.48 -22.97 -25.47
CA MET A 109 25.67 -22.94 -26.33
C MET A 109 26.98 -23.23 -25.62
N ASP A 110 27.96 -23.67 -26.42
CA ASP A 110 29.35 -23.86 -25.99
C ASP A 110 30.06 -22.64 -26.60
N ARG A 111 31.27 -22.34 -26.13
CA ARG A 111 31.99 -21.15 -26.64
C ARG A 111 32.24 -21.20 -28.16
N SER A 112 32.34 -22.41 -28.72
CA SER A 112 32.58 -22.61 -30.17
C SER A 112 31.41 -22.17 -31.08
N ASP A 113 30.18 -22.19 -30.57
CA ASP A 113 29.01 -21.79 -31.35
C ASP A 113 28.97 -20.28 -31.67
N LEU A 114 29.81 -19.50 -30.98
CA LEU A 114 29.92 -18.04 -31.22
C LEU A 114 30.85 -17.72 -32.39
N PHE A 115 31.52 -18.74 -32.92
CA PHE A 115 32.49 -18.57 -34.00
C PHE A 115 32.02 -17.73 -35.17
N ASN A 116 30.89 -18.13 -35.77
CA ASN A 116 30.34 -17.45 -36.97
C ASN A 116 30.17 -15.94 -36.87
N ILE A 117 29.84 -15.43 -35.68
CA ILE A 117 29.65 -13.99 -35.47
C ILE A 117 30.96 -13.31 -35.06
N ASN A 118 31.67 -13.92 -34.11
CA ASN A 118 32.90 -13.34 -33.56
C ASN A 118 34.16 -13.48 -34.41
N ALA A 119 34.25 -14.49 -35.26
CA ALA A 119 35.45 -14.66 -36.10
C ALA A 119 35.70 -13.42 -36.94
N GLY A 120 34.64 -12.91 -37.57
CA GLY A 120 34.71 -11.72 -38.41
C GLY A 120 35.01 -10.45 -37.65
N ILE A 121 34.45 -10.32 -36.45
CA ILE A 121 34.69 -9.15 -35.62
C ILE A 121 36.15 -9.10 -35.17
N VAL A 122 36.70 -10.25 -34.78
CA VAL A 122 38.10 -10.33 -34.34
C VAL A 122 39.03 -10.02 -35.53
N ARG A 123 38.77 -10.65 -36.69
CA ARG A 123 39.57 -10.41 -37.89
C ARG A 123 39.67 -8.90 -38.21
N GLY A 124 38.51 -8.24 -38.29
CA GLY A 124 38.44 -6.81 -38.60
C GLY A 124 39.27 -5.96 -37.65
N LEU A 125 39.14 -6.24 -36.36
CA LEU A 125 39.88 -5.51 -35.35
C LEU A 125 41.39 -5.74 -35.45
N ILE A 126 41.80 -7.00 -35.66
CA ILE A 126 43.23 -7.32 -35.77
C ILE A 126 43.87 -6.72 -37.04
N GLU A 127 43.13 -6.62 -38.13
CA GLU A 127 43.67 -5.99 -39.35
C GLU A 127 44.08 -4.54 -39.03
N LYS A 128 43.30 -3.89 -38.18
CA LYS A 128 43.53 -2.51 -37.77
C LYS A 128 44.69 -2.43 -36.78
N VAL A 129 44.75 -3.39 -35.84
CA VAL A 129 45.88 -3.44 -34.90
C VAL A 129 47.18 -3.67 -35.70
N ALA A 130 47.11 -4.57 -36.68
CA ALA A 130 48.27 -4.91 -37.48
C ALA A 130 48.93 -3.71 -38.16
N VAL A 131 48.12 -2.76 -38.61
CA VAL A 131 48.64 -1.57 -39.31
C VAL A 131 48.80 -0.33 -38.43
N THR A 132 48.11 -0.29 -37.29
CA THR A 132 48.11 0.90 -36.42
C THR A 132 49.04 0.80 -35.19
N CYS A 133 49.14 -0.38 -34.60
CA CYS A 133 50.01 -0.58 -33.43
C CYS A 133 50.52 -2.03 -33.38
N PRO A 134 51.30 -2.44 -34.40
CA PRO A 134 51.81 -3.81 -34.51
C PRO A 134 52.74 -4.26 -33.37
N LYS A 135 53.29 -3.32 -32.60
CA LYS A 135 54.18 -3.67 -31.46
C LYS A 135 53.43 -3.84 -30.13
N ALA A 136 52.10 -3.70 -30.12
CA ALA A 136 51.33 -3.81 -28.89
C ALA A 136 51.10 -5.26 -28.48
N CYS A 137 50.96 -5.46 -27.18
CA CYS A 137 50.62 -6.76 -26.64
C CYS A 137 49.11 -6.84 -26.76
N VAL A 138 48.64 -7.85 -27.46
CA VAL A 138 47.23 -8.01 -27.71
C VAL A 138 46.66 -9.15 -26.90
N GLY A 139 45.68 -8.82 -26.05
CA GLY A 139 44.98 -9.79 -25.22
C GLY A 139 43.58 -10.03 -25.77
N ILE A 140 43.34 -11.23 -26.26
CA ILE A 140 42.04 -11.62 -26.81
C ILE A 140 41.14 -12.17 -25.70
N ILE A 141 40.01 -11.51 -25.48
CA ILE A 141 39.01 -11.92 -24.48
C ILE A 141 37.80 -12.51 -25.21
N THR A 142 37.50 -11.97 -26.39
CA THR A 142 36.39 -12.43 -27.23
C THR A 142 36.44 -13.93 -27.47
N ASN A 143 35.34 -14.62 -27.19
CA ASN A 143 35.25 -16.08 -27.39
C ASN A 143 34.88 -16.48 -28.82
N PRO A 144 35.25 -17.70 -29.25
CA PRO A 144 36.02 -18.69 -28.46
C PRO A 144 37.53 -18.38 -28.52
N VAL A 145 38.09 -18.02 -27.37
CA VAL A 145 39.52 -17.63 -27.24
C VAL A 145 40.48 -18.63 -27.88
N ASN A 146 40.24 -19.94 -27.71
CA ASN A 146 41.12 -20.98 -28.29
C ASN A 146 41.29 -20.81 -29.80
N THR A 147 40.21 -20.35 -30.44
CA THR A 147 40.15 -20.16 -31.88
C THR A 147 40.44 -18.74 -32.32
N THR A 148 39.85 -17.75 -31.64
CA THR A 148 40.02 -16.36 -32.04
C THR A 148 41.47 -15.87 -31.94
N VAL A 149 42.25 -16.49 -31.05
CA VAL A 149 43.68 -16.18 -30.93
C VAL A 149 44.38 -16.62 -32.21
N ALA A 150 44.02 -17.80 -32.72
CA ALA A 150 44.58 -18.32 -33.97
C ALA A 150 44.21 -17.40 -35.14
N ILE A 151 42.97 -16.92 -35.14
CA ILE A 151 42.51 -15.97 -36.16
C ILE A 151 43.41 -14.74 -36.15
N ALA A 152 43.64 -14.19 -34.96
CA ALA A 152 44.47 -12.99 -34.78
C ALA A 152 45.89 -13.20 -35.28
N ALA A 153 46.46 -14.36 -34.98
CA ALA A 153 47.83 -14.67 -35.41
C ALA A 153 47.96 -14.65 -36.93
N GLU A 154 47.02 -15.29 -37.62
CA GLU A 154 47.07 -15.36 -39.08
C GLU A 154 46.82 -14.01 -39.76
N VAL A 155 45.98 -13.18 -39.16
CA VAL A 155 45.74 -11.84 -39.69
C VAL A 155 47.05 -11.06 -39.57
N LEU A 156 47.69 -11.18 -38.39
CA LEU A 156 48.96 -10.50 -38.14
C LEU A 156 50.05 -10.97 -39.12
N LYS A 157 50.07 -12.27 -39.43
CA LYS A 157 51.04 -12.82 -40.38
C LYS A 157 50.85 -12.28 -41.80
N LYS A 158 49.60 -12.13 -42.24
CA LYS A 158 49.34 -11.58 -43.58
C LYS A 158 49.77 -10.12 -43.70
N ALA A 159 49.84 -9.40 -42.58
CA ALA A 159 50.30 -8.01 -42.56
C ALA A 159 51.82 -7.95 -42.43
N GLY A 160 52.45 -9.11 -42.19
CA GLY A 160 53.91 -9.21 -42.06
C GLY A 160 54.47 -8.63 -40.75
N VAL A 161 53.65 -8.65 -39.69
CA VAL A 161 54.07 -8.10 -38.40
C VAL A 161 53.84 -9.03 -37.20
N TYR A 162 53.57 -10.31 -37.44
CA TYR A 162 53.29 -11.21 -36.34
C TYR A 162 54.49 -11.45 -35.43
N ASP A 163 54.30 -11.15 -34.14
CA ASP A 163 55.32 -11.34 -33.13
C ASP A 163 54.68 -12.21 -32.04
N LYS A 164 55.07 -13.49 -31.99
CA LYS A 164 54.54 -14.49 -31.03
C LYS A 164 54.56 -14.05 -29.57
N ARG A 165 55.50 -13.18 -29.25
CA ARG A 165 55.66 -12.67 -27.91
C ARG A 165 54.57 -11.68 -27.51
N LYS A 166 53.77 -11.22 -28.47
CA LYS A 166 52.78 -10.17 -28.22
C LYS A 166 51.31 -10.50 -28.40
N LEU A 167 50.99 -11.77 -28.65
CA LEU A 167 49.61 -12.21 -28.81
C LEU A 167 49.27 -13.17 -27.68
N PHE A 168 48.19 -12.85 -26.96
CA PHE A 168 47.75 -13.63 -25.82
C PHE A 168 46.25 -13.90 -25.81
N GLY A 169 45.89 -15.11 -25.43
CA GLY A 169 44.50 -15.46 -25.19
C GLY A 169 44.39 -15.25 -23.68
N VAL A 170 43.41 -14.46 -23.24
CA VAL A 170 43.26 -14.17 -21.82
C VAL A 170 42.45 -15.28 -21.15
N THR A 171 43.12 -16.03 -20.29
CA THR A 171 42.51 -17.17 -19.57
C THR A 171 42.39 -16.89 -18.08
N THR A 172 42.80 -15.68 -17.69
CA THR A 172 42.85 -15.23 -16.29
C THR A 172 41.57 -15.46 -15.48
N LEU A 173 40.41 -15.51 -16.14
CA LEU A 173 39.16 -15.77 -15.40
C LEU A 173 39.14 -17.20 -14.82
N ASP A 174 39.82 -18.12 -15.49
CA ASP A 174 39.92 -19.51 -15.03
C ASP A 174 40.76 -19.51 -13.75
N VAL A 175 41.77 -18.63 -13.73
CA VAL A 175 42.64 -18.47 -12.56
C VAL A 175 41.82 -17.89 -11.38
N LEU A 176 41.11 -16.78 -11.59
CA LEU A 176 40.24 -16.22 -10.53
C LEU A 176 39.26 -17.27 -9.96
N ARG A 177 38.59 -17.99 -10.85
CA ARG A 177 37.65 -19.02 -10.42
C ARG A 177 38.34 -20.07 -9.59
N SER A 178 39.51 -20.53 -10.06
CA SER A 178 40.27 -21.54 -9.34
C SER A 178 40.67 -21.03 -7.96
N GLU A 179 41.27 -19.84 -7.92
CA GLU A 179 41.66 -19.24 -6.64
C GLU A 179 40.47 -19.20 -5.69
N THR A 180 39.32 -18.75 -6.19
CA THR A 180 38.11 -18.65 -5.37
C THR A 180 37.60 -20.02 -4.86
N PHE A 181 37.35 -20.96 -5.77
CA PHE A 181 36.85 -22.27 -5.35
C PHE A 181 37.82 -23.05 -4.45
N VAL A 182 39.13 -22.97 -4.75
CA VAL A 182 40.13 -23.68 -3.95
C VAL A 182 40.21 -23.10 -2.53
N ALA A 183 40.22 -21.77 -2.43
CA ALA A 183 40.29 -21.12 -1.13
C ALA A 183 39.09 -21.47 -0.24
N GLU A 184 37.90 -21.52 -0.84
CA GLU A 184 36.68 -21.84 -0.10
C GLU A 184 36.70 -23.28 0.38
N LEU A 185 37.02 -24.19 -0.53
CA LEU A 185 37.00 -25.62 -0.21
C LEU A 185 38.12 -26.06 0.74
N LYS A 186 39.32 -25.51 0.59
CA LYS A 186 40.47 -25.94 1.39
C LYS A 186 40.84 -25.02 2.57
N GLY A 187 40.01 -24.00 2.85
CA GLY A 187 40.28 -23.11 3.97
C GLY A 187 41.59 -22.34 3.82
N LEU A 188 41.78 -21.73 2.66
CA LEU A 188 42.98 -20.95 2.39
C LEU A 188 42.58 -19.49 2.22
N ASN A 189 43.60 -18.63 2.25
CA ASN A 189 43.40 -17.20 2.12
C ASN A 189 43.08 -16.96 0.64
N VAL A 190 41.88 -16.44 0.37
CA VAL A 190 41.45 -16.23 -1.00
C VAL A 190 42.31 -15.20 -1.74
N SER A 191 42.87 -14.24 -1.00
CA SER A 191 43.74 -13.24 -1.59
C SER A 191 45.14 -13.75 -1.92
N ARG A 192 45.60 -14.80 -1.24
CA ARG A 192 46.98 -15.26 -1.45
C ARG A 192 47.17 -16.71 -1.90
N THR A 193 46.12 -17.36 -2.40
CA THR A 193 46.24 -18.74 -2.92
C THR A 193 46.58 -18.70 -4.41
N SER A 194 47.63 -19.42 -4.82
CA SER A 194 48.03 -19.45 -6.22
C SER A 194 47.66 -20.79 -6.86
N VAL A 195 46.91 -20.75 -7.96
CA VAL A 195 46.49 -21.96 -8.66
C VAL A 195 46.84 -21.83 -10.12
N PRO A 196 47.83 -22.62 -10.60
CA PRO A 196 48.13 -22.61 -12.01
C PRO A 196 47.01 -23.25 -12.80
N VAL A 197 46.78 -22.75 -14.01
CA VAL A 197 45.75 -23.29 -14.89
C VAL A 197 46.36 -23.31 -16.27
N ILE A 198 46.27 -24.46 -16.94
CA ILE A 198 46.85 -24.64 -18.25
C ILE A 198 45.82 -25.13 -19.23
N GLY A 199 46.24 -25.21 -20.49
CA GLY A 199 45.39 -25.70 -21.57
C GLY A 199 44.84 -24.58 -22.42
N GLY A 200 43.53 -24.43 -22.40
CA GLY A 200 42.83 -23.41 -23.15
C GLY A 200 41.72 -22.83 -22.33
N HIS A 201 40.81 -22.11 -23.00
CA HIS A 201 39.68 -21.44 -22.36
C HIS A 201 38.34 -21.98 -22.90
N SER A 202 38.03 -23.21 -22.53
CA SER A 202 36.78 -23.85 -22.90
C SER A 202 36.54 -25.03 -21.95
N GLY A 203 35.31 -25.49 -21.86
CA GLY A 203 34.92 -26.60 -20.98
C GLY A 203 35.99 -27.65 -20.73
N VAL A 204 36.30 -28.45 -21.74
CA VAL A 204 37.27 -29.53 -21.57
C VAL A 204 38.76 -29.11 -21.67
N THR A 205 39.07 -27.92 -22.18
CA THR A 205 40.47 -27.50 -22.28
C THR A 205 41.02 -26.75 -21.04
N ILE A 206 40.15 -26.40 -20.08
CA ILE A 206 40.59 -25.71 -18.86
C ILE A 206 41.14 -26.76 -17.88
N LEU A 207 42.41 -26.65 -17.50
CA LEU A 207 43.02 -27.62 -16.58
C LEU A 207 43.71 -26.97 -15.36
N PRO A 208 42.99 -26.92 -14.22
CA PRO A 208 43.60 -26.37 -13.00
C PRO A 208 44.56 -27.38 -12.42
N LEU A 209 45.79 -26.95 -12.13
CA LEU A 209 46.80 -27.84 -11.55
C LEU A 209 46.69 -27.78 -10.04
N LEU A 210 45.65 -28.46 -9.54
CA LEU A 210 45.37 -28.52 -8.10
C LEU A 210 46.50 -29.14 -7.30
N SER A 211 47.26 -30.05 -7.92
CA SER A 211 48.37 -30.74 -7.24
C SER A 211 49.53 -29.82 -6.87
N GLN A 212 49.63 -28.66 -7.53
CA GLN A 212 50.69 -27.69 -7.27
C GLN A 212 50.29 -26.60 -6.24
N VAL A 213 49.05 -26.68 -5.73
CA VAL A 213 48.57 -25.72 -4.73
C VAL A 213 49.17 -26.09 -3.38
N GLN A 214 49.76 -25.11 -2.72
CA GLN A 214 50.37 -25.30 -1.40
C GLN A 214 49.32 -25.34 -0.29
N TYR A 215 49.68 -26.01 0.79
CA TYR A 215 48.85 -26.12 2.00
C TYR A 215 47.50 -26.81 1.78
N ALA A 216 47.43 -27.69 0.80
CA ALA A 216 46.18 -28.38 0.50
C ALA A 216 46.37 -29.89 0.34
N LYS A 217 45.89 -30.65 1.31
CA LYS A 217 45.91 -32.11 1.24
C LYS A 217 44.64 -32.50 0.50
N TRP A 218 44.79 -33.09 -0.68
CA TRP A 218 43.64 -33.45 -1.49
C TRP A 218 43.08 -34.83 -1.19
N ASN A 219 41.77 -34.89 -0.93
CA ASN A 219 41.08 -36.14 -0.72
C ASN A 219 40.80 -36.72 -2.12
N GLU A 220 40.79 -38.04 -2.21
CA GLU A 220 40.54 -38.77 -3.47
C GLU A 220 39.33 -38.20 -4.24
N ASP A 221 38.20 -38.08 -3.53
CA ASP A 221 36.92 -37.59 -4.10
C ASP A 221 36.74 -36.06 -4.34
N GLU A 222 37.72 -35.23 -3.97
CA GLU A 222 37.64 -33.76 -4.14
C GLU A 222 38.15 -33.22 -5.47
N ILE A 223 39.17 -33.86 -6.03
CA ILE A 223 39.82 -33.37 -7.26
C ILE A 223 38.91 -33.25 -8.48
N GLU A 224 38.21 -34.32 -8.85
CA GLU A 224 37.37 -34.30 -10.05
C GLU A 224 36.18 -33.34 -9.97
N PRO A 225 35.42 -33.34 -8.84
CA PRO A 225 34.30 -32.38 -8.78
C PRO A 225 34.76 -30.92 -8.86
N LEU A 226 35.87 -30.59 -8.19
CA LEU A 226 36.41 -29.22 -8.21
C LEU A 226 36.95 -28.84 -9.58
N THR A 227 37.55 -29.81 -10.28
CA THR A 227 38.08 -29.56 -11.61
C THR A 227 36.90 -29.28 -12.55
N LYS A 228 35.86 -30.12 -12.47
CA LYS A 228 34.64 -29.94 -13.29
C LYS A 228 33.93 -28.62 -12.98
N ARG A 229 33.99 -28.19 -11.73
CA ARG A 229 33.35 -26.93 -11.34
C ARG A 229 34.09 -25.73 -11.98
N ILE A 230 35.42 -25.75 -11.94
CA ILE A 230 36.25 -24.72 -12.55
C ILE A 230 36.03 -24.72 -14.06
N GLN A 231 35.97 -25.91 -14.65
CA GLN A 231 35.78 -26.07 -16.09
C GLN A 231 34.44 -25.58 -16.60
N ASN A 232 33.37 -25.79 -15.82
CA ASN A 232 32.02 -25.42 -16.23
C ASN A 232 31.49 -24.15 -15.60
N ALA A 233 32.37 -23.39 -14.95
CA ALA A 233 31.98 -22.15 -14.27
C ALA A 233 31.26 -21.17 -15.21
N GLY A 234 31.80 -21.00 -16.42
CA GLY A 234 31.19 -20.13 -17.44
C GLY A 234 29.75 -20.52 -17.76
N THR A 235 29.47 -21.82 -17.74
CA THR A 235 28.12 -22.35 -17.97
C THR A 235 27.23 -22.09 -16.74
N GLU A 236 27.82 -22.13 -15.55
CA GLU A 236 27.07 -21.90 -14.33
C GLU A 236 26.60 -20.44 -14.26
N VAL A 237 27.45 -19.49 -14.68
CA VAL A 237 27.03 -18.07 -14.70
C VAL A 237 25.96 -17.88 -15.78
N LEU A 238 26.19 -18.48 -16.95
CA LEU A 238 25.27 -18.40 -18.09
C LEU A 238 23.86 -18.87 -17.72
N ASN A 239 23.76 -20.01 -17.04
CA ASN A 239 22.46 -20.54 -16.61
C ASN A 239 21.82 -19.70 -15.51
N ALA A 240 22.64 -19.23 -14.58
CA ALA A 240 22.14 -18.41 -13.46
C ALA A 240 21.61 -17.05 -13.92
N LYS A 241 22.13 -16.53 -15.05
CA LYS A 241 21.65 -15.26 -15.60
C LYS A 241 20.34 -15.41 -16.39
N ALA A 242 19.92 -16.66 -16.62
CA ALA A 242 18.62 -16.95 -17.27
C ALA A 242 18.38 -16.19 -18.57
N GLY A 243 19.38 -16.17 -19.45
CA GLY A 243 19.28 -15.49 -20.75
C GLY A 243 19.84 -14.08 -20.78
N GLY A 244 20.36 -13.61 -19.65
CA GLY A 244 20.95 -12.27 -19.56
C GLY A 244 22.43 -12.23 -19.92
N GLY A 245 22.94 -13.31 -20.50
CA GLY A 245 24.34 -13.37 -20.93
C GLY A 245 25.23 -14.24 -20.07
N SER A 246 26.53 -14.14 -20.32
CA SER A 246 27.56 -14.89 -19.62
C SER A 246 28.25 -13.98 -18.61
N ALA A 247 29.37 -14.42 -18.03
CA ALA A 247 30.08 -13.60 -17.07
C ALA A 247 30.63 -12.31 -17.69
N THR A 248 30.41 -11.19 -17.02
CA THR A 248 30.88 -9.89 -17.51
C THR A 248 31.72 -9.16 -16.46
N LEU A 249 31.27 -9.20 -15.21
CA LEU A 249 31.90 -8.47 -14.12
C LEU A 249 33.19 -9.12 -13.64
N SER A 250 33.17 -10.44 -13.39
CA SER A 250 34.37 -11.17 -13.00
C SER A 250 35.35 -11.20 -14.16
N MET A 251 34.81 -11.26 -15.37
CA MET A 251 35.63 -11.26 -16.58
C MET A 251 36.37 -9.91 -16.71
N ALA A 252 35.71 -8.81 -16.36
CA ALA A 252 36.35 -7.49 -16.41
C ALA A 252 37.51 -7.45 -15.44
N GLN A 253 37.32 -8.00 -14.22
CA GLN A 253 38.41 -8.01 -13.23
C GLN A 253 39.55 -8.91 -13.72
N ALA A 254 39.21 -10.05 -14.30
CA ALA A 254 40.23 -10.94 -14.83
C ALA A 254 41.04 -10.23 -15.94
N ALA A 255 40.31 -9.55 -16.83
CA ALA A 255 40.96 -8.80 -17.90
C ALA A 255 41.79 -7.64 -17.35
N ALA A 256 41.30 -6.99 -16.29
CA ALA A 256 42.04 -5.88 -15.68
C ALA A 256 43.32 -6.41 -15.02
N ARG A 257 43.24 -7.55 -14.34
CA ARG A 257 44.44 -8.13 -13.71
C ARG A 257 45.49 -8.49 -14.75
N PHE A 258 45.04 -9.06 -15.87
CA PHE A 258 45.95 -9.43 -16.92
C PHE A 258 46.60 -8.17 -17.51
N ALA A 259 45.81 -7.12 -17.72
CA ALA A 259 46.36 -5.86 -18.26
C ALA A 259 47.41 -5.28 -17.32
N ARG A 260 47.13 -5.33 -16.02
CA ARG A 260 48.09 -4.84 -15.03
C ARG A 260 49.41 -5.62 -15.09
N SER A 261 49.33 -6.93 -15.26
CA SER A 261 50.54 -7.73 -15.38
C SER A 261 51.33 -7.38 -16.64
N LEU A 262 50.66 -7.21 -17.77
CA LEU A 262 51.32 -6.83 -19.01
C LEU A 262 52.02 -5.47 -18.87
N VAL A 263 51.30 -4.50 -18.30
CA VAL A 263 51.88 -3.18 -18.09
C VAL A 263 53.13 -3.28 -17.20
N LYS A 264 53.04 -4.07 -16.13
CA LYS A 264 54.19 -4.25 -15.24
C LYS A 264 55.35 -4.88 -15.99
N GLY A 265 55.05 -5.89 -16.80
CA GLY A 265 56.09 -6.54 -17.60
C GLY A 265 56.70 -5.52 -18.55
N LEU A 266 55.85 -4.76 -19.24
CA LEU A 266 56.33 -3.74 -20.17
C LEU A 266 57.20 -2.69 -19.49
N SER A 267 56.93 -2.44 -18.21
CA SER A 267 57.67 -1.45 -17.41
C SER A 267 58.97 -1.97 -16.81
N GLY A 268 59.24 -3.26 -16.96
CA GLY A 268 60.48 -3.84 -16.43
C GLY A 268 60.35 -4.65 -15.15
N GLU A 269 59.14 -4.81 -14.62
CA GLU A 269 58.96 -5.63 -13.40
C GLU A 269 58.80 -7.08 -13.83
N THR A 270 59.12 -7.98 -12.92
CA THR A 270 59.00 -9.40 -13.18
C THR A 270 57.65 -9.90 -12.73
N VAL A 271 56.89 -10.51 -13.65
CA VAL A 271 55.60 -11.11 -13.29
C VAL A 271 55.36 -12.37 -14.09
N VAL A 272 54.64 -13.31 -13.50
CA VAL A 272 54.31 -14.58 -14.13
C VAL A 272 52.80 -14.75 -14.13
N GLU A 273 52.23 -15.06 -15.29
CA GLU A 273 50.79 -15.27 -15.44
C GLU A 273 50.57 -16.46 -16.36
N CYS A 274 49.53 -17.24 -16.06
CA CYS A 274 49.14 -18.34 -16.95
C CYS A 274 48.37 -17.70 -18.09
N THR A 275 48.84 -17.90 -19.32
CA THR A 275 48.21 -17.28 -20.48
C THR A 275 48.46 -18.11 -21.75
N TYR A 276 47.48 -18.01 -22.66
CA TYR A 276 47.44 -18.77 -23.90
C TYR A 276 48.31 -18.10 -24.97
N VAL A 277 49.44 -18.71 -25.28
CA VAL A 277 50.40 -18.17 -26.25
C VAL A 277 50.98 -19.23 -27.17
N GLU A 278 51.57 -18.78 -28.27
CA GLU A 278 52.22 -19.67 -29.22
C GLU A 278 53.60 -20.00 -28.65
N GLY A 279 53.77 -21.25 -28.22
CA GLY A 279 55.02 -21.74 -27.65
C GLY A 279 55.72 -22.72 -28.57
N ASP A 280 56.35 -23.73 -27.98
CA ASP A 280 57.10 -24.74 -28.76
C ASP A 280 56.24 -25.78 -29.50
N GLY A 281 54.92 -25.79 -29.26
CA GLY A 281 54.03 -26.72 -29.98
C GLY A 281 53.95 -28.15 -29.49
N LYS A 282 54.63 -28.42 -28.38
CA LYS A 282 54.66 -29.71 -27.70
C LYS A 282 53.27 -30.29 -27.41
N TYR A 283 52.36 -29.43 -26.94
CA TYR A 283 50.99 -29.84 -26.64
C TYR A 283 50.08 -29.43 -27.78
N ALA A 284 50.13 -28.15 -28.12
CA ALA A 284 49.36 -27.60 -29.23
C ALA A 284 50.07 -26.32 -29.66
N ARG A 285 49.76 -25.83 -30.87
CA ARG A 285 50.40 -24.63 -31.40
C ARG A 285 50.31 -23.48 -30.40
N PHE A 286 49.10 -23.23 -29.91
CA PHE A 286 48.82 -22.27 -28.84
C PHE A 286 48.44 -23.10 -27.63
N PHE A 287 49.00 -22.76 -26.48
CA PHE A 287 48.73 -23.48 -25.24
C PHE A 287 48.93 -22.52 -24.10
N SER A 288 48.07 -22.62 -23.08
CA SER A 288 48.16 -21.74 -21.92
C SER A 288 49.03 -22.40 -20.84
N GLN A 289 49.99 -21.64 -20.33
CA GLN A 289 50.92 -22.14 -19.32
C GLN A 289 51.58 -20.93 -18.66
N PRO A 290 52.31 -21.13 -17.55
CA PRO A 290 52.93 -19.96 -16.92
C PRO A 290 53.91 -19.26 -17.86
N VAL A 291 53.81 -17.95 -17.95
CA VAL A 291 54.69 -17.15 -18.78
C VAL A 291 55.28 -15.99 -18.00
N ARG A 292 56.61 -15.85 -18.02
CA ARG A 292 57.23 -14.69 -17.41
C ARG A 292 57.03 -13.58 -18.44
N LEU A 293 56.50 -12.45 -18.01
CA LEU A 293 56.24 -11.32 -18.89
C LEU A 293 57.38 -10.30 -18.74
N GLY A 294 57.71 -9.62 -19.84
CA GLY A 294 58.79 -8.65 -19.86
C GLY A 294 58.55 -7.51 -20.82
N LYS A 295 59.63 -6.80 -21.15
CA LYS A 295 59.55 -5.62 -22.01
C LYS A 295 59.04 -5.85 -23.43
N GLU A 296 59.10 -7.10 -23.90
CA GLU A 296 58.62 -7.42 -25.24
C GLU A 296 57.36 -8.26 -25.21
N GLY A 297 56.74 -8.38 -24.03
CA GLY A 297 55.55 -9.22 -23.84
C GLY A 297 56.07 -10.52 -23.25
N VAL A 298 55.90 -11.62 -23.97
CA VAL A 298 56.44 -12.90 -23.48
C VAL A 298 57.95 -12.73 -23.30
N GLU A 299 58.45 -13.06 -22.12
CA GLU A 299 59.87 -13.00 -21.80
C GLU A 299 60.36 -14.45 -21.84
N GLU A 300 59.60 -15.35 -21.20
CA GLU A 300 59.92 -16.80 -21.22
C GLU A 300 58.69 -17.63 -20.88
N ILE A 301 58.38 -18.58 -21.76
CA ILE A 301 57.30 -19.52 -21.55
C ILE A 301 57.86 -20.60 -20.64
N LEU A 302 57.34 -20.68 -19.41
CA LEU A 302 57.85 -21.62 -18.43
C LEU A 302 57.17 -22.98 -18.56
N PRO A 303 57.86 -24.05 -18.12
CA PRO A 303 57.26 -25.40 -18.17
C PRO A 303 56.05 -25.51 -17.23
N ILE A 304 55.18 -26.47 -17.50
CA ILE A 304 53.98 -26.67 -16.67
C ILE A 304 54.28 -27.27 -15.29
N GLY A 305 55.49 -27.78 -15.11
CA GLY A 305 55.89 -28.38 -13.83
C GLY A 305 55.33 -29.79 -13.68
N PRO A 306 55.51 -30.38 -12.49
CA PRO A 306 55.01 -31.74 -12.28
C PRO A 306 53.48 -31.83 -12.21
N LEU A 307 52.94 -32.81 -12.92
CA LEU A 307 51.50 -33.07 -12.96
C LEU A 307 51.19 -34.40 -12.27
N SER A 308 50.03 -34.47 -11.65
CA SER A 308 49.57 -35.69 -11.02
C SER A 308 49.01 -36.60 -12.12
N ASN A 309 48.78 -37.88 -11.80
N ASN A 309 48.77 -37.86 -11.78
CA ASN A 309 48.22 -38.82 -12.76
CA ASN A 309 48.18 -38.85 -12.70
C ASN A 309 46.90 -38.28 -13.34
C ASN A 309 46.91 -38.30 -13.32
N PHE A 310 46.05 -37.71 -12.49
CA PHE A 310 44.80 -37.13 -12.96
C PHE A 310 45.00 -35.99 -13.97
N GLU A 311 45.91 -35.08 -13.65
CA GLU A 311 46.22 -33.93 -14.53
C GLU A 311 46.87 -34.36 -15.86
N GLN A 312 47.75 -35.36 -15.83
CA GLN A 312 48.36 -35.88 -17.05
C GLN A 312 47.28 -36.43 -17.98
N GLN A 313 46.33 -37.17 -17.40
CA GLN A 313 45.24 -37.76 -18.16
C GLN A 313 44.26 -36.66 -18.65
N ALA A 314 43.98 -35.67 -17.81
CA ALA A 314 43.10 -34.58 -18.24
C ALA A 314 43.75 -33.80 -19.41
N LEU A 315 45.08 -33.71 -19.38
CA LEU A 315 45.84 -33.05 -20.45
C LEU A 315 45.78 -33.87 -21.73
N GLU A 316 45.90 -35.20 -21.63
CA GLU A 316 45.80 -36.05 -22.84
C GLU A 316 44.43 -35.92 -23.48
N ASN A 317 43.39 -35.97 -22.65
CA ASN A 317 42.01 -35.88 -23.13
C ASN A 317 41.64 -34.55 -23.83
N MET A 318 42.28 -33.44 -23.49
CA MET A 318 41.92 -32.15 -24.12
C MET A 318 42.60 -31.88 -25.47
N LEU A 319 43.81 -32.44 -25.66
CA LEU A 319 44.62 -32.11 -26.85
C LEU A 319 43.93 -32.15 -28.23
N PRO A 320 43.19 -33.24 -28.55
CA PRO A 320 42.51 -33.23 -29.85
C PRO A 320 41.50 -32.09 -30.01
N THR A 321 40.76 -31.78 -28.95
CA THR A 321 39.79 -30.68 -29.01
C THR A 321 40.52 -29.35 -29.20
N LEU A 322 41.61 -29.15 -28.46
CA LEU A 322 42.37 -27.90 -28.51
C LEU A 322 42.97 -27.68 -29.90
N ARG A 323 43.56 -28.73 -30.46
CA ARG A 323 44.15 -28.67 -31.81
C ARG A 323 43.10 -28.34 -32.89
N ALA A 324 41.88 -28.84 -32.72
CA ALA A 324 40.78 -28.55 -33.66
C ALA A 324 40.31 -27.10 -33.51
N ASP A 325 40.25 -26.61 -32.26
CA ASP A 325 39.88 -25.21 -31.98
C ASP A 325 40.81 -24.23 -32.70
N ILE A 326 42.11 -24.56 -32.68
CA ILE A 326 43.15 -23.76 -33.30
C ILE A 326 43.04 -23.81 -34.82
N GLU A 327 42.97 -25.04 -35.35
CA GLU A 327 42.87 -25.28 -36.80
C GLU A 327 41.68 -24.56 -37.42
N LEU A 328 40.59 -24.46 -36.66
CA LEU A 328 39.39 -23.77 -37.12
C LEU A 328 39.69 -22.29 -37.35
N GLY A 329 40.49 -21.70 -36.47
CA GLY A 329 40.86 -20.28 -36.56
C GLY A 329 41.85 -20.01 -37.66
N GLU A 330 42.81 -20.92 -37.82
CA GLU A 330 43.83 -20.85 -38.87
C GLU A 330 43.15 -20.89 -40.24
N LYS A 331 42.20 -21.80 -40.41
CA LYS A 331 41.47 -21.98 -41.67
C LYS A 331 40.52 -20.85 -42.02
N PHE A 332 40.12 -20.07 -41.02
CA PHE A 332 39.26 -18.91 -41.28
C PHE A 332 40.02 -17.85 -42.10
N ILE A 333 41.33 -17.71 -41.85
CA ILE A 333 42.18 -16.72 -42.56
C ILE A 333 42.97 -17.30 -43.75
N ASN A 334 43.69 -18.40 -43.52
CA ASN A 334 44.48 -19.06 -44.58
C ASN A 334 43.61 -19.83 -45.56
N GLY A 335 42.79 -20.73 -45.03
CA GLY A 335 41.90 -21.56 -45.85
C GLY A 335 42.09 -23.02 -45.53
N ASN B 23 32.42 -8.06 14.05
CA ASN B 23 31.12 -7.50 13.55
C ASN B 23 30.95 -7.66 12.03
N ALA B 24 30.39 -8.80 11.63
CA ALA B 24 30.15 -9.12 10.21
C ALA B 24 29.08 -8.20 9.61
N MET B 25 29.52 -7.23 8.82
CA MET B 25 28.63 -6.29 8.15
C MET B 25 27.89 -6.93 7.00
N LYS B 26 26.68 -6.44 6.76
CA LYS B 26 25.89 -6.88 5.61
C LYS B 26 25.41 -5.66 4.84
N VAL B 27 25.79 -5.61 3.57
CA VAL B 27 25.40 -4.53 2.68
C VAL B 27 24.46 -5.11 1.62
N ALA B 28 23.26 -4.53 1.51
CA ALA B 28 22.31 -4.96 0.50
C ALA B 28 22.21 -3.90 -0.62
N VAL B 29 22.13 -4.37 -1.86
CA VAL B 29 21.98 -3.50 -3.01
C VAL B 29 20.64 -3.81 -3.65
N LEU B 30 19.73 -2.83 -3.63
CA LEU B 30 18.43 -2.96 -4.25
C LEU B 30 18.52 -2.19 -5.57
N GLY B 31 18.53 -2.95 -6.65
CA GLY B 31 18.68 -2.40 -7.99
C GLY B 31 19.97 -2.93 -8.60
N ALA B 32 20.31 -4.15 -8.23
CA ALA B 32 21.58 -4.78 -8.66
C ALA B 32 21.63 -5.29 -10.10
N ALA B 33 20.52 -5.24 -10.83
CA ALA B 33 20.52 -5.68 -12.22
C ALA B 33 20.67 -4.53 -13.21
N GLY B 34 20.49 -3.30 -12.74
CA GLY B 34 20.62 -2.12 -13.61
C GLY B 34 22.05 -1.77 -13.88
N GLY B 35 22.27 -0.82 -14.78
CA GLY B 35 23.61 -0.40 -15.15
C GLY B 35 24.44 -0.01 -13.96
N ILE B 36 23.92 0.91 -13.14
CA ILE B 36 24.64 1.35 -11.94
C ILE B 36 24.79 0.19 -10.96
N GLY B 37 23.71 -0.57 -10.80
CA GLY B 37 23.67 -1.69 -9.86
C GLY B 37 24.71 -2.76 -10.03
N GLN B 38 24.93 -3.18 -11.29
CA GLN B 38 25.92 -4.22 -11.57
C GLN B 38 27.34 -3.72 -11.36
N ALA B 39 27.61 -2.50 -11.82
CA ALA B 39 28.93 -1.92 -11.65
C ALA B 39 29.18 -1.74 -10.15
N LEU B 40 28.16 -1.34 -9.42
CA LEU B 40 28.27 -1.17 -7.97
C LEU B 40 28.54 -2.51 -7.27
N ALA B 41 27.84 -3.56 -7.70
CA ALA B 41 28.07 -4.91 -7.17
C ALA B 41 29.54 -5.32 -7.32
N LEU B 42 30.10 -5.05 -8.49
CA LEU B 42 31.50 -5.36 -8.79
C LEU B 42 32.44 -4.61 -7.88
N LEU B 43 32.24 -3.30 -7.74
CA LEU B 43 33.08 -2.49 -6.90
C LEU B 43 33.00 -2.89 -5.43
N LEU B 44 31.80 -3.19 -4.94
CA LEU B 44 31.62 -3.60 -3.54
C LEU B 44 32.30 -4.96 -3.28
N LYS B 45 32.21 -5.85 -4.25
CA LYS B 45 32.88 -7.14 -4.13
C LYS B 45 34.39 -6.93 -3.98
N LEU B 46 34.95 -5.94 -4.68
CA LEU B 46 36.37 -5.66 -4.64
C LEU B 46 36.85 -4.73 -3.51
N GLN B 47 35.97 -3.87 -3.02
CA GLN B 47 36.35 -2.85 -2.04
C GLN B 47 35.89 -3.08 -0.60
N LEU B 48 34.87 -3.90 -0.37
CA LEU B 48 34.38 -4.11 1.01
C LEU B 48 35.37 -4.89 1.87
N PRO B 49 35.39 -4.61 3.19
CA PRO B 49 36.29 -5.33 4.11
C PRO B 49 36.03 -6.83 4.11
N ALA B 50 37.08 -7.60 4.39
CA ALA B 50 36.97 -9.05 4.44
C ALA B 50 35.91 -9.44 5.47
N GLY B 51 35.13 -10.45 5.13
CA GLY B 51 34.06 -10.94 6.00
C GLY B 51 32.71 -10.26 5.78
N THR B 52 32.67 -9.21 4.95
CA THR B 52 31.41 -8.54 4.69
C THR B 52 30.49 -9.41 3.81
N ASP B 53 29.20 -9.38 4.09
CA ASP B 53 28.19 -10.08 3.30
C ASP B 53 27.62 -9.03 2.33
N LEU B 54 27.49 -9.39 1.06
CA LEU B 54 26.92 -8.52 0.03
C LEU B 54 25.69 -9.22 -0.53
N SER B 55 24.55 -8.56 -0.43
CA SER B 55 23.28 -9.11 -0.88
C SER B 55 22.80 -8.29 -2.08
N LEU B 56 22.54 -8.96 -3.20
CA LEU B 56 22.10 -8.27 -4.41
C LEU B 56 20.67 -8.62 -4.76
N TYR B 57 19.85 -7.60 -4.97
CA TYR B 57 18.47 -7.77 -5.37
C TYR B 57 17.99 -6.87 -6.52
N ASP B 58 17.10 -7.42 -7.33
CA ASP B 58 16.41 -6.65 -8.33
C ASP B 58 15.31 -7.55 -8.88
N ILE B 59 14.31 -6.95 -9.50
CA ILE B 59 13.19 -7.71 -10.05
C ILE B 59 13.63 -8.74 -11.11
N ALA B 60 14.53 -8.33 -11.99
CA ALA B 60 14.97 -9.14 -13.13
C ALA B 60 15.62 -10.48 -12.75
N PRO B 61 15.30 -11.57 -13.49
CA PRO B 61 15.87 -12.90 -13.17
C PRO B 61 17.38 -13.04 -13.44
N VAL B 62 18.01 -12.00 -14.00
CA VAL B 62 19.45 -12.03 -14.22
C VAL B 62 20.19 -11.86 -12.89
N THR B 63 19.54 -11.24 -11.90
CA THR B 63 20.18 -10.90 -10.63
C THR B 63 20.96 -12.02 -9.91
N PRO B 64 20.35 -13.21 -9.69
CA PRO B 64 21.13 -14.29 -9.08
C PRO B 64 22.39 -14.58 -9.87
N GLY B 65 22.28 -14.48 -11.19
CA GLY B 65 23.41 -14.67 -12.09
C GLY B 65 24.47 -13.59 -11.96
N VAL B 66 24.04 -12.35 -11.66
CA VAL B 66 24.99 -11.25 -11.41
C VAL B 66 25.80 -11.58 -10.15
N ALA B 67 25.10 -12.10 -9.13
CA ALA B 67 25.78 -12.51 -7.90
C ALA B 67 26.78 -13.65 -8.16
N VAL B 68 26.39 -14.68 -8.90
CA VAL B 68 27.28 -15.81 -9.20
C VAL B 68 28.52 -15.29 -9.95
N ASP B 69 28.31 -14.41 -10.92
CA ASP B 69 29.38 -13.76 -11.70
C ASP B 69 30.36 -13.09 -10.73
N VAL B 70 29.81 -12.22 -9.90
CA VAL B 70 30.61 -11.50 -8.92
C VAL B 70 31.26 -12.44 -7.89
N SER B 71 30.57 -13.52 -7.52
CA SER B 71 31.11 -14.46 -6.52
C SER B 71 32.39 -15.14 -6.97
N HIS B 72 32.69 -15.11 -8.26
CA HIS B 72 33.92 -15.74 -8.74
C HIS B 72 35.19 -14.91 -8.56
N ILE B 73 35.04 -13.64 -8.15
CA ILE B 73 36.18 -12.78 -7.89
C ILE B 73 36.75 -13.19 -6.52
N PRO B 74 38.07 -13.45 -6.45
CA PRO B 74 38.66 -13.92 -5.22
C PRO B 74 38.89 -12.88 -4.12
N THR B 75 37.80 -12.45 -3.47
CA THR B 75 37.88 -11.59 -2.29
C THR B 75 37.03 -12.27 -1.21
N ALA B 76 37.29 -11.91 0.04
CA ALA B 76 36.61 -12.49 1.19
C ALA B 76 35.27 -11.81 1.51
N VAL B 77 34.49 -11.54 0.47
CA VAL B 77 33.18 -10.94 0.59
C VAL B 77 32.19 -11.99 0.08
N ASN B 78 31.24 -12.40 0.93
CA ASN B 78 30.25 -13.43 0.56
C ASN B 78 29.10 -12.77 -0.21
N VAL B 79 28.79 -13.28 -1.40
CA VAL B 79 27.77 -12.69 -2.27
C VAL B 79 26.61 -13.64 -2.56
N LYS B 80 25.39 -13.12 -2.44
CA LYS B 80 24.16 -13.86 -2.72
C LYS B 80 23.28 -12.97 -3.59
N GLY B 81 22.54 -13.59 -4.50
CA GLY B 81 21.64 -12.86 -5.41
C GLY B 81 20.20 -13.28 -5.27
N PHE B 82 19.28 -12.32 -5.42
CA PHE B 82 17.85 -12.57 -5.29
C PHE B 82 17.09 -11.80 -6.37
N SER B 83 15.96 -12.38 -6.80
CA SER B 83 15.12 -11.76 -7.84
C SER B 83 13.65 -11.93 -7.49
N GLY B 84 12.80 -11.48 -8.39
CA GLY B 84 11.36 -11.56 -8.18
C GLY B 84 10.86 -10.29 -7.51
N GLU B 85 9.59 -10.32 -7.15
CA GLU B 85 8.90 -9.15 -6.58
C GLU B 85 9.20 -8.79 -5.13
N ASP B 86 9.85 -9.69 -4.38
CA ASP B 86 10.04 -9.49 -2.95
C ASP B 86 11.51 -9.35 -2.53
N PRO B 87 11.93 -8.14 -2.08
CA PRO B 87 13.31 -7.97 -1.60
C PRO B 87 13.55 -8.42 -0.16
N THR B 88 12.50 -8.81 0.58
CA THR B 88 12.67 -9.22 1.99
C THR B 88 13.83 -10.21 2.23
N PRO B 89 13.87 -11.33 1.49
CA PRO B 89 14.99 -12.25 1.68
C PRO B 89 16.36 -11.58 1.55
N ALA B 90 16.51 -10.72 0.54
CA ALA B 90 17.76 -10.01 0.32
C ALA B 90 18.10 -9.02 1.45
N LEU B 91 17.08 -8.47 2.09
CA LEU B 91 17.26 -7.48 3.17
C LEU B 91 17.52 -8.04 4.58
N GLU B 92 17.43 -9.37 4.74
CA GLU B 92 17.66 -10.02 6.06
C GLU B 92 19.00 -9.65 6.71
N GLY B 93 18.94 -9.01 7.87
CA GLY B 93 20.11 -8.60 8.64
C GLY B 93 20.96 -7.52 8.01
N ALA B 94 20.42 -6.79 7.03
CA ALA B 94 21.20 -5.74 6.36
C ALA B 94 21.51 -4.57 7.29
N ASP B 95 22.76 -4.14 7.29
CA ASP B 95 23.24 -3.00 8.09
C ASP B 95 23.28 -1.73 7.20
N VAL B 96 23.52 -1.95 5.91
CA VAL B 96 23.55 -0.87 4.91
C VAL B 96 22.71 -1.32 3.72
N VAL B 97 21.78 -0.48 3.28
CA VAL B 97 20.94 -0.75 2.12
C VAL B 97 21.19 0.36 1.09
N LEU B 98 21.69 0.00 -0.08
CA LEU B 98 21.97 0.96 -1.16
C LEU B 98 20.87 0.79 -2.21
N ILE B 99 20.18 1.86 -2.52
CA ILE B 99 19.08 1.82 -3.47
C ILE B 99 19.47 2.49 -4.77
N SER B 100 19.70 1.67 -5.81
CA SER B 100 20.07 2.17 -7.14
C SER B 100 19.06 1.76 -8.20
N ALA B 101 17.90 1.28 -7.76
CA ALA B 101 16.85 0.84 -8.68
C ALA B 101 16.28 2.01 -9.46
N GLY B 102 15.56 1.71 -10.53
CA GLY B 102 14.95 2.73 -11.34
C GLY B 102 15.77 3.10 -12.55
N VAL B 103 15.33 4.13 -13.25
CA VAL B 103 15.99 4.54 -14.47
C VAL B 103 16.91 5.71 -14.16
N ALA B 104 18.01 5.78 -14.91
CA ALA B 104 18.98 6.86 -14.79
C ALA B 104 18.71 7.86 -15.91
N ARG B 105 19.32 9.03 -15.80
CA ARG B 105 19.13 10.07 -16.79
C ARG B 105 19.85 9.61 -18.07
N LYS B 106 19.10 9.57 -19.18
CA LYS B 106 19.61 9.16 -20.50
C LYS B 106 19.30 10.22 -21.56
N PRO B 107 20.04 10.22 -22.70
CA PRO B 107 19.81 11.22 -23.75
C PRO B 107 18.32 11.41 -24.09
N GLY B 108 17.80 12.60 -23.77
CA GLY B 108 16.39 12.92 -24.01
C GLY B 108 15.51 12.53 -22.83
N MET B 109 15.89 12.97 -21.63
CA MET B 109 15.13 12.74 -20.39
C MET B 109 15.37 13.87 -19.38
N ASP B 110 14.28 14.44 -18.86
CA ASP B 110 14.37 15.49 -17.86
C ASP B 110 14.21 14.90 -16.47
N ARG B 111 14.51 15.71 -15.45
CA ARG B 111 14.34 15.29 -14.05
C ARG B 111 12.89 14.86 -13.80
N SER B 112 11.98 15.31 -14.68
CA SER B 112 10.56 14.95 -14.60
C SER B 112 10.36 13.49 -14.98
N ASP B 113 11.12 13.00 -15.96
CA ASP B 113 11.04 11.58 -16.37
C ASP B 113 11.52 10.67 -15.27
N LEU B 114 12.57 11.10 -14.56
CA LEU B 114 13.12 10.34 -13.45
C LEU B 114 12.11 10.19 -12.32
N PHE B 115 11.58 11.31 -11.85
CA PHE B 115 10.58 11.30 -10.77
C PHE B 115 9.33 10.51 -11.19
N ASN B 116 8.94 10.67 -12.45
CA ASN B 116 7.78 10.01 -13.01
C ASN B 116 7.88 8.48 -12.89
N ILE B 117 9.06 7.93 -13.17
CA ILE B 117 9.32 6.48 -13.10
C ILE B 117 9.82 5.97 -11.73
N ASN B 118 10.75 6.71 -11.12
CA ASN B 118 11.42 6.28 -9.87
C ASN B 118 10.70 6.48 -8.52
N ALA B 119 9.73 7.40 -8.45
CA ALA B 119 9.04 7.67 -7.20
C ALA B 119 8.35 6.44 -6.62
N GLY B 120 7.59 5.75 -7.47
CA GLY B 120 6.89 4.52 -7.08
C GLY B 120 7.82 3.35 -6.78
N ILE B 121 8.95 3.32 -7.46
CA ILE B 121 9.96 2.27 -7.26
C ILE B 121 10.60 2.45 -5.88
N VAL B 122 11.05 3.67 -5.58
CA VAL B 122 11.66 3.96 -4.29
C VAL B 122 10.66 3.67 -3.17
N ARG B 123 9.43 4.15 -3.30
CA ARG B 123 8.40 3.92 -2.29
C ARG B 123 8.26 2.44 -1.94
N GLY B 124 8.04 1.59 -2.95
CA GLY B 124 7.88 0.15 -2.74
C GLY B 124 9.07 -0.53 -2.05
N LEU B 125 10.28 -0.11 -2.42
CA LEU B 125 11.50 -0.65 -1.84
C LEU B 125 11.63 -0.26 -0.37
N ILE B 126 11.39 1.02 -0.05
CA ILE B 126 11.48 1.50 1.33
C ILE B 126 10.41 0.86 2.22
N GLU B 127 9.24 0.54 1.67
CA GLU B 127 8.18 -0.14 2.42
C GLU B 127 8.71 -1.49 2.95
N LYS B 128 9.53 -2.16 2.15
CA LYS B 128 10.13 -3.44 2.52
C LYS B 128 11.30 -3.24 3.48
N VAL B 129 12.09 -2.18 3.27
CA VAL B 129 13.16 -1.85 4.21
C VAL B 129 12.56 -1.60 5.60
N ALA B 130 11.47 -0.83 5.63
CA ALA B 130 10.80 -0.49 6.90
C ALA B 130 10.42 -1.70 7.74
N VAL B 131 9.90 -2.76 7.11
CA VAL B 131 9.51 -3.98 7.83
C VAL B 131 10.60 -5.05 7.95
N THR B 132 11.65 -4.99 7.12
CA THR B 132 12.68 -6.05 7.09
C THR B 132 14.00 -5.72 7.79
N CYS B 133 14.44 -4.47 7.70
CA CYS B 133 15.69 -4.02 8.33
C CYS B 133 15.60 -2.52 8.63
N PRO B 134 14.67 -2.13 9.54
CA PRO B 134 14.45 -0.72 9.84
C PRO B 134 15.61 0.03 10.48
N LYS B 135 16.59 -0.71 11.05
CA LYS B 135 17.77 -0.09 11.66
C LYS B 135 18.98 -0.03 10.73
N ALA B 136 18.78 -0.36 9.45
CA ALA B 136 19.87 -0.26 8.48
C ALA B 136 20.04 1.20 8.11
N CYS B 137 21.26 1.55 7.68
CA CYS B 137 21.52 2.88 7.14
C CYS B 137 21.17 2.73 5.67
N VAL B 138 20.32 3.64 5.18
CA VAL B 138 19.83 3.60 3.80
C VAL B 138 20.48 4.70 2.96
N GLY B 139 21.14 4.31 1.87
CA GLY B 139 21.77 5.25 0.96
C GLY B 139 20.95 5.28 -0.32
N ILE B 140 20.28 6.40 -0.59
CA ILE B 140 19.48 6.56 -1.82
C ILE B 140 20.35 7.12 -2.94
N ILE B 141 20.53 6.29 -3.98
CA ILE B 141 21.31 6.63 -5.17
C ILE B 141 20.33 7.03 -6.29
N THR B 142 19.23 6.30 -6.38
CA THR B 142 18.16 6.56 -7.36
C THR B 142 17.73 8.03 -7.39
N ASN B 143 17.75 8.66 -8.57
CA ASN B 143 17.38 10.07 -8.73
C ASN B 143 15.87 10.33 -9.01
N PRO B 144 15.38 11.56 -8.74
CA PRO B 144 16.15 12.70 -8.19
C PRO B 144 16.27 12.62 -6.66
N VAL B 145 17.50 12.47 -6.19
CA VAL B 145 17.83 12.34 -4.75
C VAL B 145 17.15 13.38 -3.86
N ASN B 146 17.20 14.64 -4.24
CA ASN B 146 16.54 15.71 -3.47
C ASN B 146 15.11 15.34 -3.05
N THR B 147 14.40 14.71 -3.98
CA THR B 147 13.02 14.31 -3.83
C THR B 147 12.83 12.88 -3.33
N THR B 148 13.56 11.92 -3.89
CA THR B 148 13.44 10.51 -3.51
C THR B 148 13.80 10.22 -2.05
N VAL B 149 14.66 11.05 -1.45
CA VAL B 149 15.00 10.88 -0.03
C VAL B 149 13.78 11.26 0.83
N ALA B 150 13.08 12.33 0.45
CA ALA B 150 11.88 12.74 1.18
C ALA B 150 10.81 11.65 1.10
N ILE B 151 10.71 11.00 -0.06
CA ILE B 151 9.78 9.90 -0.24
C ILE B 151 10.09 8.80 0.77
N ALA B 152 11.37 8.43 0.86
CA ALA B 152 11.82 7.38 1.78
C ALA B 152 11.52 7.75 3.23
N ALA B 153 11.76 9.01 3.59
CA ALA B 153 11.53 9.44 4.95
C ALA B 153 10.06 9.27 5.32
N GLU B 154 9.17 9.71 4.43
CA GLU B 154 7.73 9.59 4.69
C GLU B 154 7.24 8.13 4.74
N VAL B 155 7.80 7.26 3.91
CA VAL B 155 7.39 5.83 3.92
C VAL B 155 7.83 5.22 5.26
N LEU B 156 9.05 5.54 5.70
CA LEU B 156 9.57 5.06 6.98
C LEU B 156 8.70 5.57 8.15
N LYS B 157 8.34 6.87 8.12
CA LYS B 157 7.46 7.46 9.14
C LYS B 157 6.12 6.76 9.26
N LYS B 158 5.51 6.46 8.12
CA LYS B 158 4.22 5.78 8.07
C LYS B 158 4.33 4.39 8.72
N ALA B 159 5.49 3.75 8.58
CA ALA B 159 5.75 2.44 9.19
C ALA B 159 6.17 2.57 10.66
N GLY B 160 6.28 3.81 11.14
CA GLY B 160 6.63 4.08 12.54
C GLY B 160 8.05 3.76 12.94
N VAL B 161 8.98 3.75 11.98
CA VAL B 161 10.39 3.40 12.27
C VAL B 161 11.40 4.40 11.71
N TYR B 162 10.99 5.65 11.51
CA TYR B 162 11.92 6.64 10.91
C TYR B 162 12.99 7.10 11.88
N ASP B 163 14.24 6.85 11.51
CA ASP B 163 15.41 7.28 12.27
C ASP B 163 16.20 8.17 11.32
N LYS B 164 16.19 9.48 11.57
CA LYS B 164 16.85 10.41 10.65
C LYS B 164 18.39 10.31 10.63
N ARG B 165 18.95 9.55 11.57
CA ARG B 165 20.37 9.27 11.59
C ARG B 165 20.75 8.22 10.54
N LYS B 166 19.75 7.51 10.01
CA LYS B 166 19.99 6.39 9.09
C LYS B 166 19.51 6.56 7.65
N LEU B 167 19.13 7.78 7.26
CA LEU B 167 18.68 8.03 5.90
C LEU B 167 19.64 9.00 5.22
N PHE B 168 20.14 8.59 4.06
CA PHE B 168 21.12 9.38 3.32
C PHE B 168 20.81 9.48 1.83
N GLY B 169 21.01 10.67 1.29
CA GLY B 169 20.91 10.89 -0.14
C GLY B 169 22.35 10.88 -0.59
N VAL B 170 22.72 9.95 -1.47
CA VAL B 170 24.10 9.84 -1.94
C VAL B 170 24.43 10.92 -2.97
N THR B 171 25.21 11.92 -2.54
CA THR B 171 25.61 13.07 -3.37
C THR B 171 27.06 13.02 -3.82
N THR B 172 27.73 11.95 -3.40
CA THR B 172 29.16 11.75 -3.59
C THR B 172 29.66 12.00 -5.03
N LEU B 173 28.81 11.77 -6.03
CA LEU B 173 29.23 11.99 -7.43
C LEU B 173 29.61 13.45 -7.70
N ASP B 174 28.94 14.38 -7.03
CA ASP B 174 29.23 15.80 -7.16
C ASP B 174 30.64 16.05 -6.61
N VAL B 175 31.00 15.29 -5.56
CA VAL B 175 32.32 15.37 -4.94
C VAL B 175 33.39 14.81 -5.91
N LEU B 176 33.15 13.63 -6.47
CA LEU B 176 34.10 13.04 -7.44
C LEU B 176 34.37 13.99 -8.59
N ARG B 177 33.29 14.54 -9.16
CA ARG B 177 33.40 15.48 -10.26
C ARG B 177 34.13 16.73 -9.82
N SER B 178 33.83 17.24 -8.62
CA SER B 178 34.52 18.44 -8.14
C SER B 178 36.03 18.19 -7.99
N GLU B 179 36.38 17.08 -7.34
CA GLU B 179 37.81 16.69 -7.13
C GLU B 179 38.55 16.58 -8.45
N THR B 180 37.90 15.94 -9.44
CA THR B 180 38.49 15.75 -10.74
C THR B 180 38.73 17.06 -11.50
N PHE B 181 37.72 17.94 -11.54
CA PHE B 181 37.85 19.20 -12.27
C PHE B 181 38.78 20.21 -11.58
N VAL B 182 38.71 20.27 -10.25
CA VAL B 182 39.56 21.20 -9.48
C VAL B 182 41.02 20.80 -9.65
N ALA B 183 41.28 19.50 -9.55
CA ALA B 183 42.64 18.98 -9.69
C ALA B 183 43.18 19.24 -11.09
N GLU B 184 42.33 19.04 -12.11
CA GLU B 184 42.69 19.27 -13.51
C GLU B 184 43.03 20.74 -13.73
N LEU B 185 42.13 21.61 -13.29
CA LEU B 185 42.28 23.04 -13.50
C LEU B 185 43.37 23.70 -12.66
N LYS B 186 43.57 23.26 -11.43
CA LYS B 186 44.55 23.91 -10.53
C LYS B 186 45.88 23.18 -10.34
N GLY B 187 46.07 22.07 -11.06
CA GLY B 187 47.33 21.31 -10.96
C GLY B 187 47.59 20.68 -9.60
N LEU B 188 46.57 20.07 -9.01
CA LEU B 188 46.68 19.41 -7.72
C LEU B 188 46.63 17.89 -7.90
N ASN B 189 46.97 17.17 -6.85
CA ASN B 189 46.95 15.71 -6.89
C ASN B 189 45.51 15.26 -6.88
N VAL B 190 45.07 14.60 -7.96
CA VAL B 190 43.67 14.17 -8.08
C VAL B 190 43.27 13.20 -6.96
N SER B 191 44.21 12.39 -6.48
CA SER B 191 43.96 11.43 -5.41
C SER B 191 43.85 12.05 -4.04
N ARG B 192 44.51 13.19 -3.81
CA ARG B 192 44.54 13.79 -2.48
C ARG B 192 43.97 15.22 -2.42
N THR B 193 43.02 15.54 -3.31
CA THR B 193 42.36 16.86 -3.29
C THR B 193 40.96 16.68 -2.69
N SER B 194 40.64 17.54 -1.74
CA SER B 194 39.36 17.49 -1.03
C SER B 194 38.52 18.72 -1.36
N VAL B 195 37.30 18.50 -1.84
CA VAL B 195 36.39 19.58 -2.20
C VAL B 195 35.03 19.35 -1.53
N PRO B 196 34.65 20.20 -0.57
CA PRO B 196 33.33 20.01 0.03
C PRO B 196 32.25 20.41 -0.97
N VAL B 197 31.11 19.71 -0.91
CA VAL B 197 29.98 20.03 -1.78
C VAL B 197 28.76 20.00 -0.87
N ILE B 198 28.02 21.11 -0.85
CA ILE B 198 26.82 21.20 -0.02
C ILE B 198 25.56 21.45 -0.85
N GLY B 199 24.41 21.41 -0.17
CA GLY B 199 23.12 21.66 -0.80
C GLY B 199 22.32 20.45 -1.21
N GLY B 200 22.16 20.27 -2.52
CA GLY B 200 21.40 19.17 -3.09
C GLY B 200 22.19 18.45 -4.15
N HIS B 201 21.51 17.58 -4.89
CA HIS B 201 22.16 16.74 -5.89
C HIS B 201 21.85 17.09 -7.34
N SER B 202 21.13 18.19 -7.60
CA SER B 202 20.80 18.57 -8.98
C SER B 202 20.83 20.06 -9.26
N GLY B 203 21.36 20.42 -10.43
CA GLY B 203 21.41 21.80 -10.91
C GLY B 203 21.99 22.84 -9.97
N VAL B 204 21.23 23.90 -9.70
CA VAL B 204 21.72 25.00 -8.84
C VAL B 204 21.81 24.61 -7.36
N THR B 205 21.29 23.44 -6.99
CA THR B 205 21.37 22.99 -5.59
C THR B 205 22.75 22.37 -5.28
N ILE B 206 23.53 22.05 -6.32
CA ILE B 206 24.86 21.48 -6.13
C ILE B 206 25.78 22.67 -5.93
N LEU B 207 26.33 22.79 -4.72
CA LEU B 207 27.21 23.91 -4.39
C LEU B 207 28.60 23.47 -3.92
N PRO B 208 29.57 23.42 -4.86
CA PRO B 208 30.93 23.04 -4.47
C PRO B 208 31.59 24.20 -3.76
N LEU B 209 32.22 23.93 -2.62
CA LEU B 209 32.87 24.97 -1.84
C LEU B 209 34.31 25.12 -2.27
N LEU B 210 34.46 25.69 -3.46
CA LEU B 210 35.78 25.93 -4.05
C LEU B 210 36.68 26.82 -3.18
N SER B 211 36.10 27.73 -2.39
CA SER B 211 36.89 28.62 -1.52
C SER B 211 37.60 27.86 -0.37
N GLN B 212 37.11 26.66 -0.04
CA GLN B 212 37.70 25.88 1.04
C GLN B 212 38.75 24.85 0.54
N VAL B 213 39.09 24.88 -0.75
CA VAL B 213 40.10 23.96 -1.30
C VAL B 213 41.49 24.51 -1.02
N GLN B 214 42.36 23.65 -0.50
CA GLN B 214 43.73 24.06 -0.17
C GLN B 214 44.60 24.11 -1.42
N TYR B 215 45.59 25.01 -1.39
CA TYR B 215 46.60 25.17 -2.45
C TYR B 215 46.07 25.63 -3.80
N ALA B 216 44.87 26.22 -3.81
CA ALA B 216 44.27 26.69 -5.06
C ALA B 216 43.95 28.18 -4.96
N LYS B 217 44.61 28.99 -5.80
CA LYS B 217 44.39 30.42 -5.84
C LYS B 217 43.43 30.70 -6.99
N TRP B 218 42.26 31.23 -6.67
CA TRP B 218 41.23 31.48 -7.68
C TRP B 218 41.22 32.89 -8.24
N ASN B 219 41.05 32.98 -9.55
CA ASN B 219 40.85 34.24 -10.24
C ASN B 219 39.33 34.36 -10.21
N GLU B 220 38.78 35.57 -10.15
CA GLU B 220 37.31 35.73 -10.11
C GLU B 220 36.65 34.95 -11.24
N ASP B 221 37.14 35.18 -12.46
CA ASP B 221 36.61 34.53 -13.69
C ASP B 221 36.58 32.97 -13.76
N GLU B 222 37.23 32.28 -12.83
CA GLU B 222 37.24 30.79 -12.82
C GLU B 222 36.13 30.15 -12.00
N ILE B 223 35.68 30.85 -10.97
CA ILE B 223 34.67 30.35 -10.02
C ILE B 223 33.33 29.95 -10.62
N GLU B 224 32.71 30.86 -11.37
CA GLU B 224 31.39 30.58 -11.96
C GLU B 224 31.41 29.48 -13.04
N PRO B 225 32.37 29.56 -14.01
CA PRO B 225 32.44 28.51 -15.03
C PRO B 225 32.68 27.09 -14.45
N LEU B 226 33.53 26.99 -13.43
CA LEU B 226 33.84 25.71 -12.80
C LEU B 226 32.61 25.23 -12.01
N THR B 227 31.96 26.17 -11.33
CA THR B 227 30.74 25.84 -10.56
C THR B 227 29.63 25.37 -11.49
N LYS B 228 29.42 26.07 -12.61
CA LYS B 228 28.42 25.63 -13.57
C LYS B 228 28.81 24.29 -14.21
N ARG B 229 30.11 24.08 -14.44
CA ARG B 229 30.58 22.83 -15.04
C ARG B 229 30.28 21.63 -14.12
N ILE B 230 30.49 21.83 -12.82
CA ILE B 230 30.20 20.79 -11.82
C ILE B 230 28.68 20.53 -11.75
N GLN B 231 27.90 21.61 -11.70
CA GLN B 231 26.43 21.50 -11.65
C GLN B 231 25.84 20.84 -12.90
N ASN B 232 26.46 21.08 -14.05
CA ASN B 232 25.97 20.56 -15.33
C ASN B 232 26.78 19.36 -15.87
N ALA B 233 27.64 18.77 -15.04
CA ALA B 233 28.51 17.66 -15.48
C ALA B 233 27.79 16.46 -16.12
N GLY B 234 26.57 16.17 -15.68
CA GLY B 234 25.80 15.05 -16.23
C GLY B 234 25.54 15.19 -17.71
N THR B 235 25.38 16.45 -18.15
CA THR B 235 25.12 16.79 -19.56
C THR B 235 26.32 16.47 -20.46
N GLU B 236 27.54 16.61 -19.94
CA GLU B 236 28.74 16.26 -20.71
C GLU B 236 28.70 14.78 -21.09
N VAL B 237 28.13 13.94 -20.22
CA VAL B 237 28.00 12.50 -20.49
C VAL B 237 26.88 12.26 -21.50
N LEU B 238 25.70 12.83 -21.24
CA LEU B 238 24.53 12.69 -22.13
C LEU B 238 24.74 13.26 -23.52
N ASN B 239 25.40 14.42 -23.62
CA ASN B 239 25.67 15.07 -24.91
C ASN B 239 27.07 14.77 -25.46
N ALA B 240 27.64 13.61 -25.10
CA ALA B 240 28.97 13.25 -25.60
C ALA B 240 28.88 13.04 -27.10
N LYS B 241 30.00 13.24 -27.80
CA LYS B 241 30.03 13.09 -29.26
C LYS B 241 29.55 11.70 -29.74
N ALA B 242 28.93 11.68 -30.92
CA ALA B 242 28.36 10.47 -31.55
C ALA B 242 26.94 10.10 -31.08
N GLY B 243 26.59 10.43 -29.82
CA GLY B 243 25.25 10.10 -29.28
C GLY B 243 25.12 10.28 -27.77
N GLY B 244 26.19 9.94 -27.04
CA GLY B 244 26.21 10.07 -25.58
C GLY B 244 25.52 8.92 -24.87
N GLY B 245 25.57 8.96 -23.53
CA GLY B 245 24.93 7.94 -22.69
C GLY B 245 24.66 8.44 -21.27
N SER B 246 24.47 7.50 -20.34
CA SER B 246 24.22 7.83 -18.94
C SER B 246 25.51 7.70 -18.10
N ALA B 247 25.60 8.47 -17.01
CA ALA B 247 26.78 8.43 -16.11
C ALA B 247 26.68 7.22 -15.15
N THR B 248 26.74 6.03 -15.72
CA THR B 248 26.61 4.77 -14.98
C THR B 248 27.82 4.37 -14.10
N LEU B 249 29.00 4.39 -14.70
CA LEU B 249 30.21 3.96 -14.03
C LEU B 249 30.71 4.88 -12.91
N SER B 250 30.74 6.20 -13.15
CA SER B 250 31.16 7.15 -12.11
C SER B 250 30.16 7.19 -10.93
N MET B 251 28.89 6.99 -11.25
CA MET B 251 27.82 6.96 -10.26
C MET B 251 27.99 5.70 -9.37
N ALA B 252 28.41 4.59 -9.97
CA ALA B 252 28.65 3.36 -9.21
C ALA B 252 29.85 3.56 -8.28
N GLN B 253 30.90 4.21 -8.75
CA GLN B 253 32.09 4.43 -7.92
C GLN B 253 31.78 5.41 -6.79
N ALA B 254 30.93 6.39 -7.07
CA ALA B 254 30.54 7.35 -6.05
C ALA B 254 29.78 6.61 -4.96
N ALA B 255 28.87 5.73 -5.38
CA ALA B 255 28.09 4.95 -4.44
C ALA B 255 28.98 4.01 -3.61
N ALA B 256 29.93 3.35 -4.27
CA ALA B 256 30.85 2.44 -3.60
C ALA B 256 31.70 3.20 -2.57
N ARG B 257 32.15 4.39 -2.94
CA ARG B 257 32.94 5.22 -2.03
C ARG B 257 32.09 5.61 -0.82
N PHE B 258 30.83 5.99 -1.07
CA PHE B 258 29.95 6.32 0.04
C PHE B 258 29.71 5.12 0.96
N ALA B 259 29.37 3.97 0.37
CA ALA B 259 29.14 2.75 1.13
C ALA B 259 30.36 2.41 1.99
N ARG B 260 31.54 2.55 1.41
CA ARG B 260 32.78 2.30 2.13
C ARG B 260 32.84 3.15 3.40
N SER B 261 32.53 4.45 3.28
CA SER B 261 32.55 5.36 4.43
C SER B 261 31.50 4.97 5.47
N LEU B 262 30.29 4.60 5.03
CA LEU B 262 29.23 4.16 5.95
C LEU B 262 29.66 2.92 6.74
N VAL B 263 30.27 1.96 6.04
CA VAL B 263 30.76 0.73 6.66
C VAL B 263 31.82 1.05 7.70
N LYS B 264 32.74 1.96 7.37
CA LYS B 264 33.78 2.38 8.32
C LYS B 264 33.16 3.00 9.57
N GLY B 265 32.17 3.88 9.38
CA GLY B 265 31.47 4.54 10.48
C GLY B 265 30.76 3.54 11.35
N LEU B 266 30.07 2.58 10.73
CA LEU B 266 29.37 1.55 11.47
C LEU B 266 30.34 0.66 12.25
N SER B 267 31.57 0.53 11.75
CA SER B 267 32.59 -0.31 12.38
C SER B 267 33.38 0.38 13.48
N GLY B 268 33.19 1.69 13.64
CA GLY B 268 33.90 2.43 14.69
C GLY B 268 34.98 3.42 14.26
N GLU B 269 35.26 3.50 12.96
N GLU B 269 35.29 3.49 12.96
CA GLU B 269 36.27 4.41 12.42
CA GLU B 269 36.30 4.44 12.50
C GLU B 269 35.68 5.79 12.21
C GLU B 269 35.66 5.80 12.31
N THR B 270 36.47 6.85 12.38
CA THR B 270 36.01 8.22 12.19
C THR B 270 36.13 8.62 10.72
N VAL B 271 35.01 8.99 10.09
CA VAL B 271 35.00 9.48 8.69
C VAL B 271 33.98 10.60 8.53
N VAL B 272 34.27 11.54 7.65
CA VAL B 272 33.37 12.64 7.37
C VAL B 272 33.12 12.68 5.86
N GLU B 273 31.84 12.75 5.51
CA GLU B 273 31.37 12.79 4.13
C GLU B 273 30.26 13.83 3.96
N CYS B 274 30.27 14.48 2.80
CA CYS B 274 29.19 15.40 2.47
C CYS B 274 28.04 14.50 2.04
N THR B 275 26.91 14.58 2.74
CA THR B 275 25.76 13.76 2.42
C THR B 275 24.45 14.48 2.78
N TYR B 276 23.40 14.17 2.02
CA TYR B 276 22.08 14.77 2.13
C TYR B 276 21.28 14.08 3.25
N VAL B 277 21.14 14.80 4.37
CA VAL B 277 20.44 14.27 5.54
C VAL B 277 19.46 15.27 6.14
N GLU B 278 18.55 14.76 6.95
CA GLU B 278 17.61 15.60 7.67
C GLU B 278 18.34 16.08 8.92
N GLY B 279 18.78 17.35 8.86
CA GLY B 279 19.51 17.99 9.95
C GLY B 279 18.68 19.01 10.72
N ASP B 280 19.28 20.18 10.99
CA ASP B 280 18.61 21.25 11.76
C ASP B 280 17.50 22.01 11.02
N GLY B 281 17.39 21.81 9.72
CA GLY B 281 16.34 22.48 8.93
C GLY B 281 16.52 23.97 8.73
N LYS B 282 17.73 24.47 9.00
CA LYS B 282 18.05 25.90 8.85
C LYS B 282 17.95 26.37 7.39
N TYR B 283 18.29 25.48 6.45
CA TYR B 283 18.22 25.80 5.02
C TYR B 283 17.02 25.11 4.39
N ALA B 284 16.91 23.80 4.62
CA ALA B 284 15.82 23.00 4.10
C ALA B 284 15.68 21.75 4.99
N ARG B 285 14.54 21.07 4.94
CA ARG B 285 14.33 19.89 5.79
C ARG B 285 15.48 18.88 5.61
N PHE B 286 15.84 18.64 4.36
CA PHE B 286 16.98 17.81 4.01
C PHE B 286 18.01 18.72 3.37
N PHE B 287 19.28 18.51 3.70
CA PHE B 287 20.36 19.34 3.17
C PHE B 287 21.68 18.56 3.26
N SER B 288 22.48 18.63 2.19
CA SER B 288 23.79 17.97 2.16
C SER B 288 24.85 18.90 2.70
N GLN B 289 25.55 18.42 3.73
CA GLN B 289 26.64 19.17 4.39
C GLN B 289 27.58 18.10 4.97
N PRO B 290 28.76 18.50 5.50
CA PRO B 290 29.64 17.47 6.05
C PRO B 290 29.00 16.77 7.25
N VAL B 291 29.13 15.45 7.30
CA VAL B 291 28.57 14.64 8.36
C VAL B 291 29.60 13.63 8.84
N ARG B 292 29.86 13.61 10.14
CA ARG B 292 30.73 12.59 10.72
C ARG B 292 29.85 11.34 10.86
N LEU B 293 30.30 10.20 10.33
CA LEU B 293 29.54 8.95 10.40
C LEU B 293 30.01 8.13 11.59
N GLY B 294 29.07 7.40 12.21
CA GLY B 294 29.36 6.59 13.39
C GLY B 294 28.54 5.31 13.44
N LYS B 295 28.55 4.68 14.61
CA LYS B 295 27.84 3.42 14.82
C LYS B 295 26.32 3.46 14.57
N GLU B 296 25.72 4.65 14.62
CA GLU B 296 24.27 4.78 14.38
C GLU B 296 23.94 5.51 13.07
N GLY B 297 24.91 5.57 12.15
CA GLY B 297 24.75 6.31 10.89
C GLY B 297 25.32 7.72 11.12
N VAL B 298 24.45 8.71 11.19
CA VAL B 298 24.88 10.07 11.46
C VAL B 298 25.38 10.15 12.90
N GLU B 299 26.59 10.68 13.10
CA GLU B 299 27.15 10.85 14.45
C GLU B 299 26.99 12.33 14.77
N GLU B 300 27.39 13.18 13.84
CA GLU B 300 27.24 14.63 13.99
C GLU B 300 27.20 15.33 12.63
N ILE B 301 26.21 16.20 12.48
CA ILE B 301 26.03 16.99 11.27
C ILE B 301 26.88 18.24 11.52
N LEU B 302 27.97 18.36 10.79
CA LEU B 302 28.88 19.48 10.99
C LEU B 302 28.46 20.69 10.21
N PRO B 303 28.83 21.89 10.69
CA PRO B 303 28.46 23.10 9.94
C PRO B 303 29.21 23.20 8.60
N ILE B 304 28.63 23.95 7.67
CA ILE B 304 29.21 24.13 6.33
C ILE B 304 30.54 24.90 6.30
N GLY B 305 30.90 25.56 7.40
CA GLY B 305 32.15 26.33 7.44
C GLY B 305 31.98 27.68 6.75
N PRO B 306 33.07 28.48 6.67
CA PRO B 306 32.99 29.82 6.05
C PRO B 306 32.84 29.78 4.53
N LEU B 307 31.95 30.63 4.00
CA LEU B 307 31.69 30.73 2.58
C LEU B 307 32.13 32.07 2.00
N SER B 308 32.49 32.05 0.71
CA SER B 308 32.82 33.28 0.00
C SER B 308 31.49 33.96 -0.38
N ASN B 309 31.54 35.22 -0.82
CA ASN B 309 30.31 35.94 -1.23
C ASN B 309 29.56 35.19 -2.34
N PHE B 310 30.30 34.66 -3.31
CA PHE B 310 29.70 33.88 -4.39
C PHE B 310 28.93 32.66 -3.86
N GLU B 311 29.57 31.92 -2.95
CA GLU B 311 28.98 30.71 -2.37
C GLU B 311 27.77 31.03 -1.47
N GLN B 312 27.92 32.07 -0.67
CA GLN B 312 26.83 32.53 0.20
C GLN B 312 25.61 32.87 -0.69
N GLN B 313 25.87 33.55 -1.80
CA GLN B 313 24.81 33.94 -2.74
C GLN B 313 24.20 32.70 -3.41
N ALA B 314 25.05 31.79 -3.85
CA ALA B 314 24.61 30.56 -4.49
C ALA B 314 23.75 29.78 -3.53
N LEU B 315 24.15 29.76 -2.24
CA LEU B 315 23.39 29.05 -1.20
C LEU B 315 21.98 29.64 -1.07
N GLU B 316 21.90 30.95 -0.88
CA GLU B 316 20.60 31.62 -0.77
C GLU B 316 19.75 31.38 -2.03
N ASN B 317 20.35 31.44 -3.22
CA ASN B 317 19.65 31.21 -4.51
C ASN B 317 18.99 29.83 -4.68
N MET B 318 19.61 28.77 -4.14
CA MET B 318 19.10 27.42 -4.36
C MET B 318 17.91 27.01 -3.51
N LEU B 319 17.75 27.67 -2.35
CA LEU B 319 16.77 27.22 -1.35
C LEU B 319 15.33 27.01 -1.83
N PRO B 320 14.76 27.95 -2.64
CA PRO B 320 13.41 27.69 -3.13
C PRO B 320 13.32 26.43 -4.01
N THR B 321 14.35 26.16 -4.80
CA THR B 321 14.35 24.97 -5.68
C THR B 321 14.45 23.71 -4.84
N LEU B 322 15.33 23.73 -3.85
CA LEU B 322 15.54 22.58 -2.97
C LEU B 322 14.28 22.25 -2.18
N ARG B 323 13.65 23.28 -1.61
CA ARG B 323 12.44 23.08 -0.83
C ARG B 323 11.32 22.53 -1.67
N ALA B 324 11.27 22.94 -2.94
CA ALA B 324 10.26 22.46 -3.86
C ALA B 324 10.52 20.98 -4.17
N ASP B 325 11.79 20.61 -4.37
CA ASP B 325 12.15 19.22 -4.64
C ASP B 325 11.71 18.34 -3.47
N ILE B 326 11.98 18.82 -2.26
CA ILE B 326 11.60 18.11 -1.06
C ILE B 326 10.07 17.95 -0.95
N GLU B 327 9.35 19.05 -1.13
CA GLU B 327 7.89 19.05 -1.03
C GLU B 327 7.24 18.07 -2.01
N LEU B 328 7.83 17.95 -3.20
CA LEU B 328 7.32 17.05 -4.23
C LEU B 328 7.34 15.58 -3.75
N GLY B 329 8.39 15.21 -3.00
CA GLY B 329 8.52 13.86 -2.47
C GLY B 329 7.61 13.58 -1.29
N GLU B 330 7.49 14.60 -0.41
CA GLU B 330 6.59 14.52 0.74
C GLU B 330 5.16 14.35 0.24
N LYS B 331 4.78 15.15 -0.75
CA LYS B 331 3.43 15.07 -1.32
C LYS B 331 3.15 13.74 -2.00
N PHE B 332 4.17 13.12 -2.58
CA PHE B 332 3.96 11.84 -3.25
C PHE B 332 3.38 10.78 -2.30
N ILE B 333 3.81 10.80 -1.03
CA ILE B 333 3.34 9.84 -0.02
C ILE B 333 2.16 10.37 0.80
N ASN B 334 2.23 11.62 1.23
CA ASN B 334 1.19 12.20 2.08
C ASN B 334 -0.01 12.77 1.31
N GLY B 335 0.11 12.92 0.00
CA GLY B 335 -0.97 13.47 -0.82
C GLY B 335 -1.08 14.98 -0.65
N ASN C 23 -2.48 -14.80 57.02
CA ASN C 23 -2.81 -16.13 57.60
C ASN C 23 -4.05 -16.73 56.91
N ALA C 24 -3.81 -17.43 55.80
CA ALA C 24 -4.86 -18.09 55.01
C ALA C 24 -5.96 -17.14 54.50
N MET C 25 -5.58 -16.12 53.73
CA MET C 25 -6.56 -15.22 53.14
C MET C 25 -7.26 -15.96 52.02
N LYS C 26 -8.44 -15.47 51.65
CA LYS C 26 -9.20 -16.00 50.52
C LYS C 26 -9.58 -14.84 49.62
N VAL C 27 -9.19 -14.94 48.35
CA VAL C 27 -9.48 -13.93 47.37
C VAL C 27 -10.48 -14.54 46.39
N ALA C 28 -11.60 -13.87 46.20
CA ALA C 28 -12.62 -14.30 45.27
C ALA C 28 -12.63 -13.38 44.07
N VAL C 29 -12.82 -13.97 42.90
CA VAL C 29 -12.91 -13.20 41.65
C VAL C 29 -14.27 -13.49 41.04
N LEU C 30 -15.11 -12.44 40.95
CA LEU C 30 -16.43 -12.53 40.32
C LEU C 30 -16.26 -11.90 38.95
N GLY C 31 -16.36 -12.74 37.92
CA GLY C 31 -16.16 -12.32 36.54
C GLY C 31 -14.95 -13.02 35.92
N ALA C 32 -14.63 -14.20 36.45
CA ALA C 32 -13.44 -14.95 36.05
C ALA C 32 -13.41 -15.62 34.67
N ALA C 33 -14.54 -15.63 33.95
CA ALA C 33 -14.59 -16.23 32.61
C ALA C 33 -14.38 -15.19 31.48
N GLY C 34 -14.52 -13.91 31.80
CA GLY C 34 -14.33 -12.84 30.81
C GLY C 34 -12.86 -12.55 30.54
N GLY C 35 -12.61 -11.61 29.64
CA GLY C 35 -11.25 -11.22 29.27
C GLY C 35 -10.37 -10.87 30.46
N ILE C 36 -10.80 -9.88 31.23
CA ILE C 36 -10.04 -9.41 32.40
C ILE C 36 -9.97 -10.49 33.47
N GLY C 37 -11.10 -11.11 33.74
CA GLY C 37 -11.16 -12.13 34.78
C GLY C 37 -10.21 -13.29 34.57
N GLN C 38 -10.11 -13.79 33.36
CA GLN C 38 -9.21 -14.93 33.08
C GLN C 38 -7.75 -14.57 33.27
N ALA C 39 -7.36 -13.41 32.76
CA ALA C 39 -5.99 -12.94 32.88
C ALA C 39 -5.70 -12.66 34.34
N LEU C 40 -6.70 -12.14 35.05
CA LEU C 40 -6.57 -11.85 36.49
C LEU C 40 -6.37 -13.13 37.30
N ALA C 41 -7.12 -14.17 36.94
CA ALA C 41 -7.00 -15.48 37.61
C ALA C 41 -5.58 -16.00 37.47
N LEU C 42 -5.02 -15.85 36.26
CA LEU C 42 -3.66 -16.29 35.99
C LEU C 42 -2.63 -15.53 36.84
N LEU C 43 -2.74 -14.20 36.87
CA LEU C 43 -1.81 -13.38 37.62
C LEU C 43 -1.88 -13.63 39.14
N LEU C 44 -3.10 -13.79 39.67
CA LEU C 44 -3.28 -14.07 41.10
C LEU C 44 -2.66 -15.43 41.46
N LYS C 45 -2.79 -16.42 40.59
CA LYS C 45 -2.18 -17.73 40.85
C LYS C 45 -0.67 -17.56 40.96
N LEU C 46 -0.09 -16.72 40.10
CA LEU C 46 1.35 -16.48 40.08
C LEU C 46 1.86 -15.49 41.10
N GLN C 47 1.01 -14.55 41.54
CA GLN C 47 1.45 -13.48 42.45
C GLN C 47 0.99 -13.51 43.91
N LEU C 48 -0.12 -14.20 44.22
CA LEU C 48 -0.58 -14.23 45.61
C LEU C 48 0.37 -15.00 46.52
N PRO C 49 0.41 -14.66 47.82
CA PRO C 49 1.26 -15.38 48.75
C PRO C 49 0.90 -16.84 48.88
N ALA C 50 1.89 -17.64 49.26
CA ALA C 50 1.77 -19.07 49.47
C ALA C 50 0.69 -19.34 50.52
N GLY C 51 -0.16 -20.31 50.24
CA GLY C 51 -1.26 -20.65 51.15
C GLY C 51 -2.57 -19.91 50.90
N THR C 52 -2.56 -18.88 50.04
CA THR C 52 -3.77 -18.12 49.76
C THR C 52 -4.75 -18.99 48.97
N ASP C 53 -6.03 -18.89 49.29
CA ASP C 53 -7.07 -19.60 48.56
C ASP C 53 -7.63 -18.61 47.52
N LEU C 54 -7.80 -19.07 46.29
CA LEU C 54 -8.32 -18.27 45.19
C LEU C 54 -9.57 -18.94 44.63
N SER C 55 -10.70 -18.24 44.66
N SER C 55 -10.71 -18.24 44.66
CA SER C 55 -11.93 -18.78 44.10
CA SER C 55 -11.98 -18.78 44.16
C SER C 55 -12.30 -17.97 42.88
C SER C 55 -12.46 -17.98 42.95
N LEU C 56 -12.75 -18.67 41.85
CA LEU C 56 -13.18 -18.05 40.61
C LEU C 56 -14.67 -18.29 40.39
N TYR C 57 -15.38 -17.23 40.05
CA TYR C 57 -16.80 -17.34 39.72
C TYR C 57 -17.22 -16.55 38.48
N ASP C 58 -18.13 -17.18 37.73
CA ASP C 58 -18.78 -16.50 36.63
C ASP C 58 -19.94 -17.42 36.24
N ILE C 59 -20.97 -16.83 35.65
CA ILE C 59 -22.15 -17.59 35.23
C ILE C 59 -21.81 -18.69 34.22
N ALA C 60 -20.97 -18.36 33.26
CA ALA C 60 -20.61 -19.28 32.18
C ALA C 60 -20.02 -20.59 32.70
N PRO C 61 -20.45 -21.74 32.12
CA PRO C 61 -19.93 -23.04 32.56
C PRO C 61 -18.42 -23.27 32.36
N VAL C 62 -17.75 -22.42 31.58
CA VAL C 62 -16.32 -22.56 31.35
C VAL C 62 -15.50 -22.26 32.60
N THR C 63 -16.09 -21.58 33.59
CA THR C 63 -15.35 -21.13 34.78
C THR C 63 -14.61 -22.22 35.59
N PRO C 64 -15.28 -23.35 35.92
CA PRO C 64 -14.54 -24.42 36.58
C PRO C 64 -13.31 -24.84 35.79
N GLY C 65 -13.44 -24.87 34.47
CA GLY C 65 -12.34 -25.19 33.57
C GLY C 65 -11.24 -24.15 33.62
N VAL C 66 -11.60 -22.87 33.74
CA VAL C 66 -10.58 -21.80 33.89
C VAL C 66 -9.78 -22.12 35.16
N ALA C 67 -10.46 -22.51 36.24
CA ALA C 67 -9.80 -22.86 37.50
C ALA C 67 -8.88 -24.07 37.33
N VAL C 68 -9.38 -25.12 36.68
CA VAL C 68 -8.57 -26.32 36.44
C VAL C 68 -7.30 -25.96 35.66
N ASP C 69 -7.46 -25.14 34.63
CA ASP C 69 -6.35 -24.68 33.78
C ASP C 69 -5.28 -24.04 34.66
N VAL C 70 -5.70 -23.03 35.42
CA VAL C 70 -4.80 -22.30 36.31
C VAL C 70 -4.25 -23.17 37.45
N SER C 71 -5.02 -24.17 37.90
CA SER C 71 -4.58 -25.05 38.99
C SER C 71 -3.35 -25.88 38.60
N HIS C 72 -3.09 -25.98 37.29
CA HIS C 72 -1.91 -26.74 36.84
C HIS C 72 -0.61 -25.96 36.95
N ILE C 73 -0.68 -24.69 37.32
CA ILE C 73 0.51 -23.87 37.51
C ILE C 73 1.06 -24.17 38.91
N PRO C 74 2.32 -24.59 38.98
CA PRO C 74 2.88 -24.96 40.27
C PRO C 74 3.26 -23.81 41.25
N THR C 75 2.24 -23.26 41.91
CA THR C 75 2.43 -22.28 42.98
C THR C 75 1.55 -22.76 44.14
N ALA C 76 1.88 -22.34 45.35
CA ALA C 76 1.14 -22.77 46.53
C ALA C 76 -0.15 -21.97 46.78
N VAL C 77 -0.82 -21.54 45.70
CA VAL C 77 -2.09 -20.83 45.78
C VAL C 77 -3.10 -21.88 45.35
N ASN C 78 -4.10 -22.13 46.19
N ASN C 78 -4.11 -22.10 46.18
CA ASN C 78 -5.15 -23.15 45.93
CA ASN C 78 -5.13 -23.09 45.93
C ASN C 78 -6.32 -22.50 45.18
C ASN C 78 -6.26 -22.43 45.14
N VAL C 79 -6.57 -22.95 43.96
CA VAL C 79 -7.61 -22.38 43.13
C VAL C 79 -8.76 -23.34 42.87
N LYS C 80 -9.98 -22.81 42.92
CA LYS C 80 -11.21 -23.54 42.61
C LYS C 80 -12.14 -22.61 41.85
N GLY C 81 -12.93 -23.17 40.94
CA GLY C 81 -13.82 -22.37 40.10
C GLY C 81 -15.25 -22.82 40.23
N PHE C 82 -16.15 -21.86 40.07
CA PHE C 82 -17.59 -22.10 40.22
C PHE C 82 -18.39 -21.38 39.13
N SER C 83 -19.53 -21.96 38.77
CA SER C 83 -20.40 -21.40 37.73
C SER C 83 -21.88 -21.53 38.07
N GLY C 84 -22.72 -21.10 37.14
CA GLY C 84 -24.15 -21.13 37.33
C GLY C 84 -24.59 -19.83 37.98
N GLU C 85 -25.81 -19.82 38.49
CA GLU C 85 -26.39 -18.61 39.08
C GLU C 85 -25.92 -18.25 40.49
N ASP C 86 -25.27 -19.18 41.18
CA ASP C 86 -24.91 -18.98 42.58
C ASP C 86 -23.41 -18.70 42.86
N PRO C 87 -23.07 -17.44 43.23
CA PRO C 87 -21.69 -17.12 43.55
C PRO C 87 -21.33 -17.46 44.99
N THR C 88 -22.30 -17.92 45.77
CA THR C 88 -22.09 -18.27 47.19
C THR C 88 -20.81 -19.05 47.51
N PRO C 89 -20.56 -20.21 46.84
CA PRO C 89 -19.34 -20.95 47.20
C PRO C 89 -18.02 -20.21 46.92
N ALA C 90 -18.02 -19.28 45.98
CA ALA C 90 -16.82 -18.50 45.72
C ALA C 90 -16.65 -17.44 46.80
N LEU C 91 -17.77 -16.93 47.30
CA LEU C 91 -17.77 -15.85 48.28
C LEU C 91 -17.65 -16.26 49.75
N GLU C 92 -18.02 -17.50 50.10
CA GLU C 92 -17.97 -17.91 51.50
C GLU C 92 -16.55 -17.84 52.05
N GLY C 93 -16.39 -17.16 53.20
CA GLY C 93 -15.07 -17.01 53.82
C GLY C 93 -14.09 -16.07 53.10
N ALA C 94 -14.56 -15.37 52.07
CA ALA C 94 -13.68 -14.49 51.29
C ALA C 94 -13.25 -13.25 52.07
N ASP C 95 -11.97 -12.93 51.99
CA ASP C 95 -11.41 -11.75 52.67
C ASP C 95 -11.37 -10.59 51.68
N VAL C 96 -11.15 -10.91 50.40
CA VAL C 96 -11.10 -9.93 49.33
C VAL C 96 -12.02 -10.44 48.20
N VAL C 97 -12.86 -9.56 47.70
CA VAL C 97 -13.74 -9.89 46.56
C VAL C 97 -13.47 -8.88 45.45
N LEU C 98 -12.98 -9.39 44.33
CA LEU C 98 -12.69 -8.59 43.15
C LEU C 98 -13.81 -8.78 42.12
N ILE C 99 -14.49 -7.69 41.79
CA ILE C 99 -15.58 -7.73 40.83
C ILE C 99 -15.16 -7.15 39.48
N SER C 100 -14.99 -8.04 38.50
CA SER C 100 -14.62 -7.69 37.14
C SER C 100 -15.69 -8.16 36.14
N ALA C 101 -16.86 -8.54 36.66
CA ALA C 101 -17.95 -9.03 35.80
C ALA C 101 -18.52 -7.94 34.89
N GLY C 102 -19.30 -8.38 33.92
CA GLY C 102 -19.94 -7.48 32.98
C GLY C 102 -19.13 -7.21 31.74
N VAL C 103 -19.43 -6.10 31.09
CA VAL C 103 -18.79 -5.77 29.83
C VAL C 103 -17.71 -4.73 29.92
N ALA C 104 -16.72 -4.85 29.02
CA ALA C 104 -15.63 -3.91 28.89
C ALA C 104 -16.02 -3.00 27.71
N ARG C 105 -15.27 -1.93 27.52
CA ARG C 105 -15.60 -0.94 26.49
C ARG C 105 -15.43 -1.40 25.03
N LYS C 106 -16.30 -0.86 24.17
CA LYS C 106 -16.31 -1.11 22.71
C LYS C 106 -16.16 0.25 22.01
N PRO C 107 -15.53 0.29 20.80
CA PRO C 107 -15.33 1.51 20.02
C PRO C 107 -16.47 2.54 20.01
N GLY C 108 -16.11 3.81 20.17
CA GLY C 108 -17.07 4.93 20.18
C GLY C 108 -17.71 5.25 21.52
N MET C 109 -17.69 4.30 22.47
CA MET C 109 -18.32 4.47 23.79
C MET C 109 -17.45 5.20 24.81
N ASP C 110 -18.13 5.67 25.86
CA ASP C 110 -17.50 6.33 27.01
C ASP C 110 -17.84 5.49 28.25
N ARG C 111 -19.03 5.71 28.84
CA ARG C 111 -19.49 4.98 30.03
C ARG C 111 -21.01 4.75 30.06
N SER C 112 -21.72 5.22 29.04
CA SER C 112 -23.18 5.13 29.01
C SER C 112 -23.67 3.70 28.85
N ASP C 113 -23.16 3.05 27.79
CA ASP C 113 -23.52 1.69 27.48
C ASP C 113 -22.91 0.71 28.47
N LEU C 114 -21.78 1.11 29.09
CA LEU C 114 -21.19 0.23 30.11
C LEU C 114 -22.11 0.22 31.31
N PHE C 115 -22.55 1.40 31.74
CA PHE C 115 -23.50 1.53 32.85
C PHE C 115 -24.81 0.81 32.53
N ASN C 116 -25.31 0.98 31.30
CA ASN C 116 -26.57 0.35 30.84
C ASN C 116 -26.60 -1.18 31.10
N ILE C 117 -25.47 -1.83 30.87
CA ILE C 117 -25.37 -3.28 31.06
C ILE C 117 -24.83 -3.69 32.44
N ASN C 118 -23.80 -3.00 32.91
CA ASN C 118 -23.12 -3.34 34.16
C ASN C 118 -23.78 -2.98 35.49
N ALA C 119 -24.68 -1.98 35.50
CA ALA C 119 -25.34 -1.52 36.74
C ALA C 119 -26.07 -2.65 37.47
N GLY C 120 -26.91 -3.38 36.74
CA GLY C 120 -27.66 -4.50 37.31
C GLY C 120 -26.77 -5.67 37.68
N ILE C 121 -25.69 -5.89 36.92
CA ILE C 121 -24.77 -7.00 37.19
C ILE C 121 -24.07 -6.76 38.53
N VAL C 122 -23.53 -5.55 38.71
CA VAL C 122 -22.87 -5.18 39.95
C VAL C 122 -23.85 -5.23 41.12
N ARG C 123 -25.07 -4.73 40.93
CA ARG C 123 -26.06 -4.75 41.99
C ARG C 123 -26.30 -6.17 42.47
N GLY C 124 -26.59 -7.08 41.54
CA GLY C 124 -26.86 -8.48 41.90
C GLY C 124 -25.73 -9.16 42.66
N LEU C 125 -24.50 -8.91 42.23
CA LEU C 125 -23.33 -9.52 42.90
C LEU C 125 -23.12 -8.94 44.31
N ILE C 126 -23.21 -7.62 44.47
CA ILE C 126 -23.02 -6.97 45.77
C ILE C 126 -24.11 -7.39 46.76
N GLU C 127 -25.32 -7.66 46.26
CA GLU C 127 -26.39 -8.17 47.13
C GLU C 127 -25.98 -9.51 47.75
N LYS C 128 -25.29 -10.34 46.97
CA LYS C 128 -24.78 -11.63 47.46
C LYS C 128 -23.62 -11.43 48.43
N VAL C 129 -22.72 -10.50 48.10
CA VAL C 129 -21.60 -10.17 49.00
C VAL C 129 -22.16 -9.71 50.35
N ALA C 130 -23.18 -8.85 50.31
CA ALA C 130 -23.80 -8.32 51.53
C ALA C 130 -24.24 -9.37 52.55
N VAL C 131 -24.73 -10.52 52.08
CA VAL C 131 -25.18 -11.60 52.96
C VAL C 131 -24.21 -12.76 53.16
N THR C 132 -23.23 -12.95 52.26
CA THR C 132 -22.33 -14.09 52.37
C THR C 132 -20.95 -13.73 52.91
N CYS C 133 -20.44 -12.55 52.59
CA CYS C 133 -19.13 -12.13 53.10
C CYS C 133 -19.13 -10.61 53.32
N PRO C 134 -20.04 -10.12 54.20
CA PRO C 134 -20.21 -8.69 54.50
C PRO C 134 -18.97 -7.95 55.02
N LYS C 135 -17.99 -8.67 55.55
CA LYS C 135 -16.75 -8.08 56.07
C LYS C 135 -15.57 -8.17 55.10
N ALA C 136 -15.82 -8.64 53.89
CA ALA C 136 -14.77 -8.71 52.88
C ALA C 136 -14.45 -7.31 52.35
N CYS C 137 -13.21 -7.11 51.92
CA CYS C 137 -12.83 -5.88 51.25
C CYS C 137 -13.25 -6.14 49.80
N VAL C 138 -14.01 -5.21 49.23
CA VAL C 138 -14.52 -5.35 47.87
C VAL C 138 -13.83 -4.37 46.94
N GLY C 139 -13.23 -4.90 45.88
CA GLY C 139 -12.54 -4.10 44.88
C GLY C 139 -13.36 -4.10 43.60
N ILE C 140 -13.88 -2.95 43.23
CA ILE C 140 -14.69 -2.85 42.02
C ILE C 140 -13.81 -2.52 40.83
N ILE C 141 -13.78 -3.44 39.87
CA ILE C 141 -13.01 -3.28 38.64
C ILE C 141 -13.98 -2.91 37.51
N THR C 142 -15.15 -3.53 37.54
CA THR C 142 -16.22 -3.30 36.55
C THR C 142 -16.49 -1.80 36.34
N ASN C 143 -16.52 -1.37 35.07
CA ASN C 143 -16.76 0.04 34.74
C ASN C 143 -18.25 0.36 34.48
N PRO C 144 -18.66 1.63 34.65
CA PRO C 144 -17.80 2.77 35.04
C PRO C 144 -17.62 2.85 36.56
N VAL C 145 -16.37 2.69 37.00
CA VAL C 145 -15.98 2.65 38.41
C VAL C 145 -16.56 3.77 39.26
N ASN C 146 -16.44 5.00 38.76
CA ASN C 146 -16.95 6.18 39.47
C ASN C 146 -18.39 5.96 39.92
N THR C 147 -19.15 5.26 39.09
CA THR C 147 -20.57 4.97 39.33
C THR C 147 -20.85 3.62 39.97
N THR C 148 -20.18 2.56 39.52
CA THR C 148 -20.45 1.22 40.06
C THR C 148 -20.08 1.09 41.55
N VAL C 149 -19.10 1.88 42.00
CA VAL C 149 -18.73 1.87 43.42
C VAL C 149 -19.87 2.48 44.24
N ALA C 150 -20.52 3.52 43.71
CA ALA C 150 -21.66 4.15 44.41
C ALA C 150 -22.85 3.17 44.44
N ILE C 151 -23.04 2.41 43.37
CA ILE C 151 -24.07 1.37 43.32
C ILE C 151 -23.83 0.39 44.46
N ALA C 152 -22.59 -0.10 44.56
CA ALA C 152 -22.20 -1.06 45.59
C ALA C 152 -22.42 -0.54 47.00
N ALA C 153 -21.99 0.69 47.26
CA ALA C 153 -22.19 1.31 48.57
C ALA C 153 -23.67 1.36 48.96
N GLU C 154 -24.53 1.72 48.02
CA GLU C 154 -25.96 1.80 48.30
C GLU C 154 -26.63 0.44 48.49
N VAL C 155 -26.12 -0.58 47.81
CA VAL C 155 -26.64 -1.94 48.00
C VAL C 155 -26.26 -2.42 49.40
N LEU C 156 -25.01 -2.18 49.79
CA LEU C 156 -24.53 -2.58 51.12
C LEU C 156 -25.31 -1.85 52.23
N LYS C 157 -25.58 -0.56 52.03
CA LYS C 157 -26.35 0.20 53.03
C LYS C 157 -27.75 -0.36 53.18
N LYS C 158 -28.38 -0.66 52.06
CA LYS C 158 -29.74 -1.19 52.05
C LYS C 158 -29.76 -2.49 52.84
N ALA C 159 -28.69 -3.27 52.74
CA ALA C 159 -28.56 -4.54 53.49
C ALA C 159 -28.19 -4.34 54.97
N GLY C 160 -27.81 -3.12 55.36
CA GLY C 160 -27.44 -2.83 56.77
C GLY C 160 -26.04 -3.28 57.17
N VAL C 161 -25.15 -3.51 56.21
CA VAL C 161 -23.79 -3.99 56.50
C VAL C 161 -22.68 -3.11 55.90
N TYR C 162 -23.02 -1.91 55.44
CA TYR C 162 -22.01 -1.06 54.79
C TYR C 162 -20.90 -0.58 55.72
N ASP C 163 -19.66 -0.88 55.32
CA ASP C 163 -18.48 -0.48 56.03
C ASP C 163 -17.64 0.23 54.97
N LYS C 164 -17.57 1.56 55.05
CA LYS C 164 -16.84 2.36 54.06
C LYS C 164 -15.32 2.11 54.01
N ARG C 165 -14.80 1.41 55.01
CA ARG C 165 -13.40 1.01 55.03
C ARG C 165 -13.12 -0.16 54.09
N LYS C 166 -14.18 -0.81 53.61
CA LYS C 166 -14.02 -2.03 52.82
C LYS C 166 -14.50 -1.99 51.37
N LEU C 167 -14.78 -0.82 50.83
CA LEU C 167 -15.22 -0.70 49.43
C LEU C 167 -14.23 0.17 48.67
N PHE C 168 -13.73 -0.36 47.56
CA PHE C 168 -12.74 0.33 46.75
C PHE C 168 -13.06 0.31 45.26
N GLY C 169 -12.80 1.42 44.59
CA GLY C 169 -12.89 1.47 43.15
C GLY C 169 -11.44 1.25 42.74
N VAL C 170 -11.17 0.23 41.92
CA VAL C 170 -9.82 -0.08 41.52
C VAL C 170 -9.38 0.88 40.40
N THR C 171 -8.60 1.90 40.77
CA THR C 171 -8.11 2.90 39.81
C THR C 171 -6.66 2.65 39.41
N THR C 172 -6.11 1.54 39.89
CA THR C 172 -4.70 1.21 39.71
C THR C 172 -4.18 1.28 38.26
N LEU C 173 -5.02 1.01 37.28
CA LEU C 173 -4.59 1.08 35.88
C LEU C 173 -4.09 2.48 35.51
N ASP C 174 -4.73 3.52 36.06
CA ASP C 174 -4.30 4.91 35.82
C ASP C 174 -2.88 5.15 36.36
N VAL C 175 -2.57 4.50 37.49
CA VAL C 175 -1.26 4.58 38.11
C VAL C 175 -0.22 3.85 37.23
N LEU C 176 -0.53 2.62 36.78
CA LEU C 176 0.39 1.88 35.88
C LEU C 176 0.76 2.68 34.64
N ARG C 177 -0.27 3.25 34.01
CA ARG C 177 -0.10 4.06 32.82
C ARG C 177 0.73 5.30 33.11
N SER C 178 0.49 5.93 34.25
CA SER C 178 1.24 7.14 34.61
C SER C 178 2.70 6.79 34.83
N GLU C 179 2.96 5.72 35.59
CA GLU C 179 4.33 5.27 35.83
C GLU C 179 5.02 4.99 34.51
N THR C 180 4.35 4.26 33.63
CA THR C 180 4.92 3.89 32.34
C THR C 180 5.24 5.11 31.47
N PHE C 181 4.29 6.03 31.35
CA PHE C 181 4.48 7.21 30.49
C PHE C 181 5.49 8.21 31.05
N VAL C 182 5.47 8.41 32.36
CA VAL C 182 6.39 9.34 33.00
C VAL C 182 7.82 8.82 32.90
N ALA C 183 8.01 7.53 33.16
CA ALA C 183 9.34 6.92 33.12
C ALA C 183 10.00 7.02 31.73
N GLU C 184 9.23 6.75 30.67
CA GLU C 184 9.77 6.83 29.30
C GLU C 184 10.05 8.27 28.87
N LEU C 185 9.22 9.21 29.30
CA LEU C 185 9.41 10.60 28.92
C LEU C 185 10.56 11.29 29.67
N LYS C 186 10.70 11.04 30.97
CA LYS C 186 11.72 11.71 31.79
C LYS C 186 12.97 10.87 32.09
N GLY C 187 13.11 9.71 31.46
CA GLY C 187 14.26 8.86 31.65
C GLY C 187 14.45 8.38 33.09
N LEU C 188 13.38 7.83 33.65
CA LEU C 188 13.43 7.32 35.00
C LEU C 188 13.21 5.82 34.92
N ASN C 189 13.62 5.11 35.97
CA ASN C 189 13.46 3.66 36.04
C ASN C 189 11.96 3.38 36.14
N VAL C 190 11.45 2.68 35.14
CA VAL C 190 10.03 2.35 35.08
C VAL C 190 9.51 1.53 36.28
N SER C 191 10.40 0.77 36.93
CA SER C 191 10.03 -0.07 38.08
C SER C 191 10.02 0.63 39.43
N ARG C 192 10.79 1.72 39.56
CA ARG C 192 10.89 2.45 40.82
C ARG C 192 10.23 3.84 40.80
N THR C 193 9.62 4.22 39.67
CA THR C 193 8.93 5.52 39.57
C THR C 193 7.55 5.44 40.19
N SER C 194 7.21 6.45 40.99
CA SER C 194 5.93 6.50 41.70
C SER C 194 5.19 7.78 41.30
N VAL C 195 3.95 7.61 40.84
CA VAL C 195 3.13 8.73 40.40
C VAL C 195 1.74 8.67 41.06
N PRO C 196 1.44 9.62 41.99
CA PRO C 196 0.11 9.61 42.59
C PRO C 196 -0.95 10.01 41.56
N VAL C 197 -2.12 9.41 41.64
CA VAL C 197 -3.20 9.71 40.73
C VAL C 197 -4.47 9.83 41.55
N ILE C 198 -5.09 11.00 41.46
CA ILE C 198 -6.28 11.28 42.23
C ILE C 198 -7.49 11.51 41.36
N GLY C 199 -8.65 11.60 42.02
CA GLY C 199 -9.91 11.88 41.35
C GLY C 199 -10.78 10.66 41.15
N GLY C 200 -11.02 10.34 39.89
CA GLY C 200 -11.84 9.22 39.48
C GLY C 200 -11.15 8.40 38.42
N HIS C 201 -11.90 7.45 37.85
CA HIS C 201 -11.35 6.52 36.91
C HIS C 201 -11.67 6.76 35.42
N SER C 202 -12.18 7.94 35.06
CA SER C 202 -12.50 8.18 33.65
C SER C 202 -12.33 9.61 33.15
N GLY C 203 -11.88 9.72 31.90
CA GLY C 203 -11.71 10.99 31.21
C GLY C 203 -11.09 12.10 32.04
N VAL C 204 -11.85 13.18 32.24
CA VAL C 204 -11.35 14.33 33.00
C VAL C 204 -11.21 14.09 34.49
N THR C 205 -11.79 13.01 35.00
CA THR C 205 -11.68 12.73 36.44
C THR C 205 -10.31 12.10 36.82
N ILE C 206 -9.52 11.65 35.85
CA ILE C 206 -8.20 11.05 36.11
C ILE C 206 -7.18 12.19 36.21
N LEU C 207 -6.59 12.38 37.39
CA LEU C 207 -5.64 13.47 37.61
C LEU C 207 -4.31 12.99 38.15
N PRO C 208 -3.34 12.75 37.25
CA PRO C 208 -2.01 12.33 37.70
C PRO C 208 -1.27 13.53 38.28
N LEU C 209 -0.72 13.38 39.49
CA LEU C 209 0.00 14.47 40.14
C LEU C 209 1.45 14.44 39.72
N LEU C 210 1.68 14.86 38.48
CA LEU C 210 3.02 14.89 37.89
C LEU C 210 3.98 15.75 38.70
N SER C 211 3.47 16.82 39.28
CA SER C 211 4.30 17.74 40.08
C SER C 211 4.93 17.08 41.32
N GLN C 212 4.37 15.94 41.76
CA GLN C 212 4.89 15.22 42.94
C GLN C 212 5.91 14.12 42.58
N VAL C 213 6.20 13.94 41.29
CA VAL C 213 7.16 12.96 40.84
C VAL C 213 8.59 13.45 41.11
N GLN C 214 9.37 12.64 41.80
CA GLN C 214 10.74 12.96 42.11
C GLN C 214 11.65 12.83 40.89
N TYR C 215 12.67 13.69 40.84
CA TYR C 215 13.69 13.64 39.80
C TYR C 215 13.23 13.98 38.36
N ALA C 216 12.11 14.68 38.25
CA ALA C 216 11.59 15.07 36.94
C ALA C 216 11.33 16.58 36.91
N LYS C 217 12.02 17.30 36.03
CA LYS C 217 11.76 18.73 35.89
C LYS C 217 10.90 18.88 34.62
N TRP C 218 9.75 19.52 34.79
CA TRP C 218 8.77 19.67 33.74
C TRP C 218 8.78 21.01 33.00
N ASN C 219 8.63 20.95 31.68
N ASN C 219 8.64 20.96 31.68
CA ASN C 219 8.52 22.14 30.87
CA ASN C 219 8.52 22.15 30.87
C ASN C 219 7.02 22.45 30.85
C ASN C 219 7.03 22.45 30.86
N GLU C 220 6.64 23.71 30.64
CA GLU C 220 5.21 24.09 30.58
C GLU C 220 4.47 23.27 29.50
N ASP C 221 5.17 23.01 28.40
N ASP C 221 5.15 23.01 28.39
CA ASP C 221 4.65 22.25 27.26
CA ASP C 221 4.60 22.27 27.26
C ASP C 221 4.39 20.76 27.51
C ASP C 221 4.42 20.74 27.47
N GLU C 222 5.05 20.18 28.51
CA GLU C 222 4.92 18.72 28.80
C GLU C 222 3.72 18.27 29.62
N ILE C 223 3.24 19.15 30.50
CA ILE C 223 2.17 18.81 31.44
C ILE C 223 0.81 18.46 30.83
N GLU C 224 0.28 19.36 30.02
CA GLU C 224 -1.04 19.13 29.43
C GLU C 224 -1.09 17.91 28.48
N PRO C 225 -0.12 17.78 27.56
CA PRO C 225 -0.16 16.59 26.69
C PRO C 225 0.00 15.26 27.43
N LEU C 226 0.86 15.21 28.44
CA LEU C 226 1.07 13.98 29.21
C LEU C 226 -0.17 13.64 30.02
N THR C 227 -0.71 14.65 30.69
CA THR C 227 -1.93 14.48 31.48
C THR C 227 -3.02 13.92 30.57
N LYS C 228 -3.20 14.53 29.40
CA LYS C 228 -4.21 14.06 28.46
C LYS C 228 -3.95 12.65 27.94
N ARG C 229 -2.68 12.28 27.79
CA ARG C 229 -2.35 10.94 27.31
C ARG C 229 -2.73 9.90 28.36
N ILE C 230 -2.49 10.23 29.62
CA ILE C 230 -2.87 9.37 30.75
C ILE C 230 -4.40 9.22 30.82
N GLN C 231 -5.09 10.35 30.76
CA GLN C 231 -6.57 10.36 30.81
C GLN C 231 -7.25 9.62 29.66
N ASN C 232 -6.66 9.69 28.46
CA ASN C 232 -7.24 9.08 27.26
C ASN C 232 -6.61 7.75 26.84
N ALA C 233 -5.74 7.19 27.70
CA ALA C 233 -5.05 5.94 27.35
C ALA C 233 -5.96 4.76 27.02
N GLY C 234 -7.15 4.72 27.61
CA GLY C 234 -8.11 3.64 27.32
C GLY C 234 -8.56 3.69 25.86
N THR C 235 -8.66 4.90 25.32
CA THR C 235 -9.04 5.10 23.93
C THR C 235 -7.87 4.73 22.99
N GLU C 236 -6.64 4.94 23.47
CA GLU C 236 -5.44 4.57 22.70
C GLU C 236 -5.45 3.04 22.46
N VAL C 237 -5.87 2.27 23.46
CA VAL C 237 -5.96 0.81 23.32
C VAL C 237 -7.12 0.42 22.38
N LEU C 238 -8.29 1.05 22.57
CA LEU C 238 -9.48 0.80 21.69
C LEU C 238 -9.19 0.97 20.22
N ASN C 239 -8.55 2.08 19.87
CA ASN C 239 -8.21 2.38 18.49
C ASN C 239 -7.24 1.35 17.92
N ALA C 240 -6.16 1.08 18.65
CA ALA C 240 -5.15 0.11 18.20
C ALA C 240 -5.73 -1.31 18.07
N LYS C 241 -6.75 -1.64 18.88
CA LYS C 241 -7.42 -2.96 18.79
C LYS C 241 -8.41 -3.05 17.63
N ALA C 242 -8.62 -1.94 16.91
CA ALA C 242 -9.51 -1.91 15.72
C ALA C 242 -10.81 -2.71 15.87
N GLY C 243 -11.54 -2.48 16.97
CA GLY C 243 -12.81 -3.17 17.23
C GLY C 243 -12.77 -4.40 18.13
N GLY C 244 -11.58 -4.84 18.52
CA GLY C 244 -11.43 -6.04 19.38
C GLY C 244 -11.56 -5.86 20.89
N GLY C 245 -12.01 -4.69 21.34
CA GLY C 245 -12.18 -4.44 22.77
C GLY C 245 -11.20 -3.44 23.34
N SER C 246 -11.12 -3.38 24.67
CA SER C 246 -10.25 -2.42 25.34
C SER C 246 -9.11 -3.10 26.12
N ALA C 247 -8.61 -2.41 27.14
CA ALA C 247 -7.55 -2.91 27.97
C ALA C 247 -8.04 -4.12 28.79
N THR C 248 -7.43 -5.28 28.52
CA THR C 248 -7.72 -6.52 29.23
C THR C 248 -6.54 -6.91 30.08
N LEU C 249 -5.39 -7.04 29.43
CA LEU C 249 -4.18 -7.54 30.05
C LEU C 249 -3.60 -6.57 31.07
N SER C 250 -3.39 -5.32 30.70
CA SER C 250 -2.89 -4.34 31.69
C SER C 250 -3.91 -4.13 32.83
N MET C 251 -5.20 -4.24 32.50
CA MET C 251 -6.27 -4.10 33.50
C MET C 251 -6.17 -5.23 34.52
N ALA C 252 -5.90 -6.44 34.05
CA ALA C 252 -5.72 -7.57 34.93
C ALA C 252 -4.52 -7.34 35.86
N GLN C 253 -3.40 -6.86 35.33
CA GLN C 253 -2.21 -6.59 36.16
C GLN C 253 -2.47 -5.46 37.19
N ALA C 254 -3.25 -4.46 36.80
CA ALA C 254 -3.57 -3.36 37.74
C ALA C 254 -4.40 -3.92 38.90
N ALA C 255 -5.34 -4.82 38.58
CA ALA C 255 -6.19 -5.44 39.59
C ALA C 255 -5.40 -6.38 40.50
N ALA C 256 -4.46 -7.12 39.92
CA ALA C 256 -3.63 -8.03 40.67
C ALA C 256 -2.75 -7.26 41.64
N ARG C 257 -2.20 -6.15 41.15
CA ARG C 257 -1.36 -5.29 41.99
C ARG C 257 -2.15 -4.76 43.17
N PHE C 258 -3.38 -4.34 42.91
CA PHE C 258 -4.24 -3.81 43.97
C PHE C 258 -4.63 -4.92 44.94
N ALA C 259 -4.94 -6.09 44.40
CA ALA C 259 -5.29 -7.26 45.22
C ALA C 259 -4.14 -7.61 46.16
N ARG C 260 -2.92 -7.59 45.62
N ARG C 260 -2.89 -7.61 45.65
CA ARG C 260 -1.69 -7.85 46.37
CA ARG C 260 -1.73 -7.90 46.52
C ARG C 260 -1.52 -6.87 47.54
C ARG C 260 -1.59 -6.87 47.61
N SER C 261 -1.83 -5.59 47.28
CA SER C 261 -1.75 -4.55 48.30
C SER C 261 -2.84 -4.77 49.38
N LEU C 262 -4.06 -5.11 48.97
CA LEU C 262 -5.14 -5.38 49.96
C LEU C 262 -4.77 -6.52 50.88
N VAL C 263 -4.29 -7.61 50.29
CA VAL C 263 -3.88 -8.82 51.03
C VAL C 263 -2.74 -8.48 52.02
N LYS C 264 -1.80 -7.63 51.60
CA LYS C 264 -0.71 -7.20 52.51
C LYS C 264 -1.26 -6.42 53.69
N GLY C 265 -2.17 -5.48 53.41
CA GLY C 265 -2.81 -4.67 54.44
C GLY C 265 -3.57 -5.52 55.41
N LEU C 266 -4.37 -6.44 54.89
CA LEU C 266 -5.15 -7.36 55.72
C LEU C 266 -4.27 -8.26 56.56
N SER C 267 -3.06 -8.55 56.08
CA SER C 267 -2.10 -9.41 56.78
C SER C 267 -1.23 -8.64 57.78
N GLY C 268 -1.45 -7.34 57.92
CA GLY C 268 -0.70 -6.53 58.87
C GLY C 268 0.50 -5.76 58.31
N GLU C 269 0.72 -5.83 57.00
CA GLU C 269 1.83 -5.10 56.39
C GLU C 269 1.32 -3.75 55.87
N THR C 270 2.06 -2.69 56.17
CA THR C 270 1.69 -1.33 55.78
C THR C 270 1.96 -1.03 54.30
N VAL C 271 0.92 -0.60 53.60
CA VAL C 271 1.03 -0.21 52.19
C VAL C 271 0.08 0.94 51.91
N VAL C 272 0.46 1.76 50.92
CA VAL C 272 -0.32 2.89 50.49
C VAL C 272 -0.60 2.72 49.02
N GLU C 273 -1.86 2.95 48.64
CA GLU C 273 -2.30 2.83 47.25
C GLU C 273 -3.31 3.91 46.94
N CYS C 274 -3.24 4.47 45.73
CA CYS C 274 -4.23 5.45 45.31
C CYS C 274 -5.44 4.62 44.94
N THR C 275 -6.56 4.86 45.62
CA THR C 275 -7.79 4.14 45.38
C THR C 275 -9.04 5.03 45.67
N TYR C 276 -10.12 4.71 44.98
CA TYR C 276 -11.40 5.44 45.02
C TYR C 276 -12.25 4.90 46.17
N VAL C 277 -12.41 5.72 47.21
CA VAL C 277 -13.14 5.33 48.40
C VAL C 277 -13.99 6.48 48.96
N GLU C 278 -14.89 6.14 49.89
CA GLU C 278 -15.74 7.13 50.53
C GLU C 278 -14.94 7.79 51.65
N GLY C 279 -14.44 8.99 51.38
CA GLY C 279 -13.62 9.75 52.33
C GLY C 279 -14.29 10.91 52.99
N ASP C 280 -13.53 11.99 53.19
CA ASP C 280 -14.03 13.19 53.88
C ASP C 280 -15.12 13.98 53.12
N GLY C 281 -15.27 13.74 51.82
CA GLY C 281 -16.29 14.43 51.05
C GLY C 281 -15.96 15.86 50.70
N LYS C 282 -14.69 16.25 50.85
CA LYS C 282 -14.22 17.60 50.53
C LYS C 282 -14.44 17.92 49.05
N TYR C 283 -14.20 16.94 48.17
CA TYR C 283 -14.35 17.13 46.73
C TYR C 283 -15.58 16.39 46.19
N ALA C 284 -15.71 15.13 46.58
CA ALA C 284 -16.84 14.30 46.18
C ALA C 284 -17.04 13.19 47.21
N ARG C 285 -18.23 12.59 47.25
CA ARG C 285 -18.50 11.55 48.26
C ARG C 285 -17.46 10.44 48.16
N PHE C 286 -17.22 9.99 46.93
CA PHE C 286 -16.19 8.99 46.63
C PHE C 286 -15.14 9.77 45.87
N PHE C 287 -13.87 9.51 46.19
CA PHE C 287 -12.77 10.22 45.57
C PHE C 287 -11.52 9.35 45.74
N SER C 288 -10.70 9.31 44.70
CA SER C 288 -9.47 8.53 44.74
C SER C 288 -8.30 9.38 45.23
N GLN C 289 -7.64 8.91 46.28
CA GLN C 289 -6.49 9.57 46.88
C GLN C 289 -5.62 8.49 47.56
N PRO C 290 -4.42 8.86 48.03
CA PRO C 290 -3.58 7.85 48.68
C PRO C 290 -4.28 7.35 49.94
N VAL C 291 -4.33 6.04 50.11
CA VAL C 291 -4.96 5.41 51.26
C VAL C 291 -3.99 4.41 51.88
N ARG C 292 -3.78 4.49 53.19
CA ARG C 292 -2.95 3.51 53.88
C ARG C 292 -3.88 2.30 54.12
N LEU C 293 -3.45 1.13 53.69
CA LEU C 293 -4.26 -0.09 53.87
C LEU C 293 -3.84 -0.81 55.14
N GLY C 294 -4.79 -1.51 55.76
CA GLY C 294 -4.52 -2.22 56.99
C GLY C 294 -5.47 -3.37 57.22
N LYS C 295 -5.54 -3.80 58.48
CA LYS C 295 -6.36 -4.94 58.87
C LYS C 295 -7.86 -4.85 58.60
N GLU C 296 -8.39 -3.63 58.49
CA GLU C 296 -9.82 -3.45 58.24
C GLU C 296 -10.09 -2.87 56.85
N GLY C 297 -9.10 -2.93 55.97
CA GLY C 297 -9.22 -2.34 54.64
C GLY C 297 -8.59 -0.96 54.76
N VAL C 298 -9.40 0.09 54.66
CA VAL C 298 -8.87 1.45 54.85
C VAL C 298 -8.42 1.62 56.30
N GLU C 299 -7.16 2.02 56.50
CA GLU C 299 -6.63 2.30 57.84
C GLU C 299 -6.60 3.82 58.01
N GLU C 300 -6.26 4.54 56.93
CA GLU C 300 -6.30 6.00 56.95
C GLU C 300 -6.28 6.56 55.52
N ILE C 301 -7.15 7.53 55.28
CA ILE C 301 -7.24 8.20 54.00
C ILE C 301 -6.35 9.44 54.12
N LEU C 302 -5.25 9.43 53.39
CA LEU C 302 -4.25 10.48 53.45
C LEU C 302 -4.59 11.71 52.59
N PRO C 303 -4.07 12.90 52.96
CA PRO C 303 -4.32 14.09 52.14
C PRO C 303 -3.71 13.98 50.74
N ILE C 304 -4.26 14.69 49.77
CA ILE C 304 -3.71 14.63 48.41
C ILE C 304 -2.33 15.28 48.32
N GLY C 305 -1.96 16.11 49.30
CA GLY C 305 -0.65 16.78 49.28
C GLY C 305 -0.67 17.97 48.33
N PRO C 306 0.47 18.69 48.22
CA PRO C 306 0.55 19.91 47.39
C PRO C 306 0.31 19.73 45.89
N LEU C 307 -0.53 20.60 45.32
CA LEU C 307 -0.87 20.59 43.90
C LEU C 307 -0.34 21.84 43.19
N SER C 308 0.04 21.67 41.92
CA SER C 308 0.45 22.78 41.09
C SER C 308 -0.83 23.52 40.71
N ASN C 309 -0.67 24.72 40.15
CA ASN C 309 -1.83 25.49 39.67
C ASN C 309 -2.63 24.70 38.63
N PHE C 310 -1.93 24.02 37.73
CA PHE C 310 -2.57 23.19 36.70
C PHE C 310 -3.40 22.06 37.33
N GLU C 311 -2.84 21.40 38.34
CA GLU C 311 -3.54 20.30 39.02
C GLU C 311 -4.78 20.80 39.79
N GLN C 312 -4.63 21.92 40.50
N GLN C 312 -4.63 21.91 40.51
CA GLN C 312 -5.74 22.52 41.26
CA GLN C 312 -5.76 22.49 41.27
C GLN C 312 -6.91 22.85 40.34
C GLN C 312 -6.91 22.87 40.35
N GLN C 313 -6.58 23.46 39.20
CA GLN C 313 -7.58 23.85 38.21
C GLN C 313 -8.20 22.59 37.59
N ALA C 314 -7.37 21.59 37.30
CA ALA C 314 -7.89 20.34 36.72
C ALA C 314 -8.86 19.67 37.71
N LEU C 315 -8.54 19.76 38.99
CA LEU C 315 -9.38 19.16 40.05
C LEU C 315 -10.73 19.86 40.11
N GLU C 316 -10.71 21.19 40.12
CA GLU C 316 -11.94 21.96 40.16
C GLU C 316 -12.81 21.69 38.92
N ASN C 317 -12.19 21.66 37.74
CA ASN C 317 -12.91 21.43 36.48
C ASN C 317 -13.60 20.07 36.37
N MET C 318 -13.10 19.06 37.07
CA MET C 318 -13.72 17.73 36.97
C MET C 318 -14.76 17.38 38.06
N LEU C 319 -14.87 18.20 39.09
CA LEU C 319 -15.83 17.91 40.18
C LEU C 319 -17.26 17.70 39.68
N PRO C 320 -17.78 18.59 38.80
CA PRO C 320 -19.15 18.36 38.32
C PRO C 320 -19.37 16.97 37.71
N THR C 321 -18.44 16.51 36.89
CA THR C 321 -18.58 15.21 36.22
C THR C 321 -18.49 14.07 37.23
N LEU C 322 -17.55 14.18 38.16
CA LEU C 322 -17.37 13.16 39.19
C LEU C 322 -18.63 13.01 40.08
N ARG C 323 -19.15 14.15 40.54
CA ARG C 323 -20.35 14.17 41.36
C ARG C 323 -21.52 13.55 40.58
N ALA C 324 -21.65 13.90 39.30
CA ALA C 324 -22.71 13.36 38.43
C ALA C 324 -22.60 11.82 38.26
N ASP C 325 -21.38 11.30 38.11
CA ASP C 325 -21.17 9.84 38.00
C ASP C 325 -21.64 9.13 39.26
N ILE C 326 -21.35 9.75 40.40
CA ILE C 326 -21.73 9.21 41.71
C ILE C 326 -23.25 9.24 41.87
N GLU C 327 -23.89 10.37 41.56
CA GLU C 327 -25.36 10.47 41.66
C GLU C 327 -26.05 9.39 40.85
N LEU C 328 -25.55 9.16 39.64
CA LEU C 328 -26.12 8.16 38.75
C LEU C 328 -26.18 6.78 39.41
N GLY C 329 -25.10 6.44 40.12
CA GLY C 329 -25.01 5.18 40.82
C GLY C 329 -25.92 5.13 42.02
N GLU C 330 -25.88 6.18 42.83
CA GLU C 330 -26.74 6.28 44.00
C GLU C 330 -28.22 6.19 43.59
N LYS C 331 -28.56 6.85 42.48
CA LYS C 331 -29.95 6.89 41.97
C LYS C 331 -30.43 5.53 41.47
N PHE C 332 -29.52 4.72 40.92
CA PHE C 332 -29.87 3.39 40.43
C PHE C 332 -30.45 2.50 41.54
N ILE C 333 -30.01 2.70 42.79
CA ILE C 333 -30.49 1.90 43.92
C ILE C 333 -31.59 2.61 44.70
N ASN C 334 -31.38 3.88 45.00
CA ASN C 334 -32.33 4.68 45.79
C ASN C 334 -33.56 5.16 45.00
N GLY C 335 -33.39 5.44 43.71
CA GLY C 335 -34.48 5.91 42.86
C GLY C 335 -34.65 7.41 42.92
N ALA D 24 20.51 -7.14 24.23
CA ALA D 24 19.32 -6.69 23.42
C ALA D 24 18.62 -7.86 22.72
N MET D 25 18.06 -8.77 23.51
CA MET D 25 17.34 -9.92 22.97
C MET D 25 15.98 -9.51 22.40
N LYS D 26 15.51 -10.25 21.41
CA LYS D 26 14.20 -10.03 20.83
C LYS D 26 13.42 -11.34 20.77
N VAL D 27 12.22 -11.32 21.34
CA VAL D 27 11.32 -12.45 21.39
C VAL D 27 10.08 -12.13 20.58
N ALA D 28 9.75 -13.03 19.66
CA ALA D 28 8.58 -12.88 18.81
C ALA D 28 7.57 -13.96 19.12
N VAL D 29 6.30 -13.54 19.18
CA VAL D 29 5.18 -14.44 19.43
C VAL D 29 4.26 -14.40 18.21
N LEU D 30 4.15 -15.53 17.51
CA LEU D 30 3.24 -15.66 16.35
C LEU D 30 2.01 -16.39 16.85
N GLY D 31 0.86 -15.72 16.70
CA GLY D 31 -0.41 -16.23 17.22
C GLY D 31 -0.74 -15.48 18.51
N ALA D 32 -0.34 -14.20 18.60
CA ALA D 32 -0.54 -13.42 19.80
C ALA D 32 -1.96 -12.93 20.11
N ALA D 33 -2.89 -13.08 19.17
CA ALA D 33 -4.28 -12.65 19.39
C ALA D 33 -5.14 -13.74 20.03
N GLY D 34 -4.68 -14.99 19.99
CA GLY D 34 -5.43 -16.12 20.55
C GLY D 34 -5.40 -16.17 22.06
N GLY D 35 -5.99 -17.24 22.61
CA GLY D 35 -6.07 -17.46 24.05
C GLY D 35 -4.70 -17.56 24.67
N ILE D 36 -3.89 -18.48 24.16
CA ILE D 36 -2.53 -18.68 24.63
C ILE D 36 -1.70 -17.42 24.39
N GLY D 37 -1.75 -16.91 23.17
CA GLY D 37 -0.97 -15.73 22.76
C GLY D 37 -1.10 -14.47 23.62
N GLN D 38 -2.33 -14.06 23.91
CA GLN D 38 -2.54 -12.85 24.74
C GLN D 38 -2.00 -13.01 26.15
N ALA D 39 -2.27 -14.14 26.77
CA ALA D 39 -1.77 -14.41 28.12
C ALA D 39 -0.26 -14.50 28.10
N LEU D 40 0.29 -15.03 27.02
CA LEU D 40 1.74 -15.16 26.87
C LEU D 40 2.38 -13.77 26.70
N ALA D 41 1.72 -12.92 25.94
CA ALA D 41 2.20 -11.54 25.77
C ALA D 41 2.28 -10.88 27.14
N LEU D 42 1.23 -11.04 27.92
CA LEU D 42 1.15 -10.47 29.26
C LEU D 42 2.30 -10.96 30.15
N LEU D 43 2.48 -12.27 30.20
CA LEU D 43 3.50 -12.89 31.04
C LEU D 43 4.91 -12.53 30.61
N LEU D 44 5.16 -12.47 29.31
CA LEU D 44 6.48 -12.10 28.79
C LEU D 44 6.79 -10.64 29.13
N LYS D 45 5.78 -9.79 29.10
CA LYS D 45 5.99 -8.39 29.47
C LYS D 45 6.43 -8.31 30.92
N LEU D 46 5.82 -9.15 31.76
CA LEU D 46 6.11 -9.17 33.20
C LEU D 46 7.36 -9.95 33.55
N GLN D 47 7.70 -10.97 32.76
CA GLN D 47 8.78 -11.85 33.12
C GLN D 47 10.12 -11.69 32.39
N LEU D 48 10.12 -11.29 31.11
CA LEU D 48 11.39 -11.13 30.39
C LEU D 48 12.33 -10.13 31.05
N PRO D 49 13.65 -10.33 30.89
CA PRO D 49 14.63 -9.39 31.47
C PRO D 49 14.52 -7.97 30.93
N ALA D 50 15.01 -7.02 31.70
CA ALA D 50 14.98 -5.61 31.31
C ALA D 50 15.72 -5.42 30.00
N GLY D 51 15.16 -4.61 29.12
CA GLY D 51 15.76 -4.32 27.81
C GLY D 51 15.40 -5.29 26.69
N THR D 52 14.65 -6.34 27.02
CA THR D 52 14.25 -7.30 26.01
C THR D 52 13.15 -6.71 25.13
N ASP D 53 13.24 -6.93 23.83
CA ASP D 53 12.23 -6.51 22.87
C ASP D 53 11.26 -7.67 22.69
N LEU D 54 9.96 -7.36 22.69
CA LEU D 54 8.88 -8.34 22.50
C LEU D 54 8.02 -7.90 21.31
N SER D 55 7.85 -8.79 20.32
N SER D 55 7.85 -8.79 20.32
CA SER D 55 7.02 -8.50 19.13
CA SER D 55 7.01 -8.53 19.15
C SER D 55 5.87 -9.52 19.06
C SER D 55 5.86 -9.53 19.10
N LEU D 56 4.66 -9.01 18.86
CA LEU D 56 3.46 -9.82 18.77
C LEU D 56 2.93 -9.79 17.36
N TYR D 57 2.50 -10.96 16.88
CA TYR D 57 1.93 -11.04 15.55
C TYR D 57 0.80 -12.03 15.45
N ASP D 58 -0.18 -11.67 14.63
CA ASP D 58 -1.28 -12.56 14.30
C ASP D 58 -2.00 -11.89 13.10
N ILE D 59 -2.72 -12.67 12.30
CA ILE D 59 -3.43 -12.08 11.17
C ILE D 59 -4.48 -11.07 11.65
N ALA D 60 -5.23 -11.45 12.70
CA ALA D 60 -6.30 -10.61 13.28
C ALA D 60 -5.87 -9.17 13.55
N PRO D 61 -6.65 -8.17 13.07
CA PRO D 61 -6.27 -6.76 13.26
C PRO D 61 -6.26 -6.22 14.70
N VAL D 62 -6.61 -7.06 15.68
CA VAL D 62 -6.60 -6.66 17.07
C VAL D 62 -5.18 -6.67 17.64
N THR D 63 -4.30 -7.42 16.99
CA THR D 63 -2.94 -7.63 17.48
C THR D 63 -2.12 -6.39 17.90
N PRO D 64 -2.05 -5.33 17.05
CA PRO D 64 -1.31 -4.13 17.48
C PRO D 64 -1.84 -3.56 18.81
N GLY D 65 -3.15 -3.67 19.01
CA GLY D 65 -3.80 -3.22 20.24
C GLY D 65 -3.47 -4.10 21.46
N VAL D 66 -3.26 -5.40 21.22
CA VAL D 66 -2.85 -6.29 22.30
C VAL D 66 -1.49 -5.80 22.82
N ALA D 67 -0.60 -5.40 21.90
CA ALA D 67 0.72 -4.89 22.29
C ALA D 67 0.59 -3.56 23.02
N VAL D 68 -0.29 -2.70 22.56
CA VAL D 68 -0.50 -1.39 23.20
C VAL D 68 -1.01 -1.59 24.64
N ASP D 69 -2.00 -2.48 24.80
CA ASP D 69 -2.57 -2.86 26.12
C ASP D 69 -1.41 -3.26 27.05
N VAL D 70 -0.64 -4.26 26.64
CA VAL D 70 0.49 -4.75 27.41
C VAL D 70 1.61 -3.70 27.59
N SER D 71 1.76 -2.79 26.62
CA SER D 71 2.78 -1.73 26.73
C SER D 71 2.51 -0.75 27.88
N HIS D 72 1.29 -0.75 28.42
CA HIS D 72 0.98 0.15 29.56
C HIS D 72 1.40 -0.43 30.92
N ILE D 73 1.93 -1.65 30.93
CA ILE D 73 2.44 -2.27 32.14
C ILE D 73 3.86 -1.75 32.36
N PRO D 74 4.16 -1.24 33.57
CA PRO D 74 5.49 -0.64 33.79
C PRO D 74 6.67 -1.57 34.06
N THR D 75 7.20 -2.15 32.99
CA THR D 75 8.40 -2.99 33.03
C THR D 75 9.26 -2.52 31.88
N ALA D 76 10.55 -2.81 31.92
CA ALA D 76 11.49 -2.36 30.88
C ALA D 76 11.55 -3.26 29.64
N VAL D 77 10.45 -3.92 29.30
CA VAL D 77 10.34 -4.77 28.11
C VAL D 77 9.60 -3.92 27.08
N ASN D 78 10.17 -3.75 25.88
N ASN D 78 10.17 -3.79 25.88
CA ASN D 78 9.55 -2.95 24.81
CA ASN D 78 9.56 -3.01 24.81
C ASN D 78 8.73 -3.84 23.88
C ASN D 78 8.69 -3.93 23.98
N VAL D 79 7.43 -3.56 23.80
CA VAL D 79 6.50 -4.39 23.04
C VAL D 79 5.84 -3.67 21.85
N LYS D 80 5.77 -4.37 20.72
CA LYS D 80 5.13 -3.90 19.51
C LYS D 80 4.31 -5.05 18.95
N GLY D 81 3.21 -4.71 18.30
CA GLY D 81 2.31 -5.71 17.71
C GLY D 81 2.11 -5.45 16.24
N PHE D 82 1.79 -6.52 15.51
CA PHE D 82 1.62 -6.45 14.07
C PHE D 82 0.50 -7.37 13.61
N SER D 83 -0.17 -6.96 12.53
CA SER D 83 -1.26 -7.74 11.95
C SER D 83 -1.15 -7.74 10.42
N GLY D 84 -2.13 -8.35 9.77
CA GLY D 84 -2.14 -8.46 8.33
C GLY D 84 -1.48 -9.78 7.96
N GLU D 85 -1.24 -9.97 6.68
CA GLU D 85 -0.68 -11.22 6.16
C GLU D 85 0.83 -11.33 6.28
N ASP D 86 1.52 -10.24 6.63
CA ASP D 86 2.99 -10.26 6.65
C ASP D 86 3.61 -10.20 8.06
N PRO D 87 4.19 -11.32 8.55
CA PRO D 87 4.84 -11.33 9.88
C PRO D 87 6.30 -10.83 9.92
N THR D 88 6.83 -10.40 8.77
CA THR D 88 8.21 -9.93 8.64
C THR D 88 8.64 -8.93 9.73
N PRO D 89 7.88 -7.84 9.95
CA PRO D 89 8.32 -6.89 10.99
C PRO D 89 8.37 -7.47 12.41
N ALA D 90 7.56 -8.49 12.70
CA ALA D 90 7.62 -9.13 14.03
C ALA D 90 8.84 -10.04 14.13
N LEU D 91 9.18 -10.68 13.01
CA LEU D 91 10.29 -11.63 12.94
C LEU D 91 11.68 -11.06 12.74
N GLU D 92 11.79 -9.85 12.15
CA GLU D 92 13.11 -9.29 11.86
C GLU D 92 13.91 -9.11 13.13
N GLY D 93 15.13 -9.66 13.14
CA GLY D 93 16.03 -9.58 14.30
C GLY D 93 15.63 -10.45 15.51
N ALA D 94 14.65 -11.33 15.34
CA ALA D 94 14.19 -12.17 16.45
C ALA D 94 15.21 -13.25 16.82
N ASP D 95 15.49 -13.34 18.10
CA ASP D 95 16.41 -14.34 18.67
C ASP D 95 15.61 -15.57 19.07
N VAL D 96 14.35 -15.34 19.46
CA VAL D 96 13.46 -16.41 19.85
C VAL D 96 12.11 -16.17 19.16
N VAL D 97 11.56 -17.22 18.56
CA VAL D 97 10.27 -17.17 17.91
C VAL D 97 9.36 -18.27 18.49
N LEU D 98 8.30 -17.85 19.18
CA LEU D 98 7.33 -18.77 19.76
C LEU D 98 6.10 -18.84 18.87
N ILE D 99 5.68 -20.05 18.52
CA ILE D 99 4.55 -20.23 17.61
C ILE D 99 3.38 -20.92 18.29
N SER D 100 2.34 -20.13 18.55
CA SER D 100 1.11 -20.63 19.17
C SER D 100 -0.09 -20.38 18.25
N ALA D 101 0.18 -20.10 16.98
CA ALA D 101 -0.88 -19.86 16.01
C ALA D 101 -1.63 -21.15 15.69
N GLY D 102 -2.78 -21.01 15.05
CA GLY D 102 -3.62 -22.15 14.67
C GLY D 102 -4.83 -22.26 15.56
N VAL D 103 -5.48 -23.42 15.53
CA VAL D 103 -6.67 -23.65 16.32
C VAL D 103 -6.44 -24.65 17.46
N ALA D 104 -7.37 -24.67 18.40
CA ALA D 104 -7.31 -25.55 19.57
C ALA D 104 -8.35 -26.66 19.49
N ARG D 105 -8.20 -27.66 20.35
CA ARG D 105 -9.13 -28.79 20.39
C ARG D 105 -10.54 -28.43 20.86
N LYS D 106 -11.48 -29.26 20.44
CA LYS D 106 -12.89 -29.20 20.82
C LYS D 106 -13.11 -30.54 21.53
N PRO D 107 -14.08 -30.59 22.48
CA PRO D 107 -14.32 -31.84 23.22
C PRO D 107 -14.42 -33.09 22.34
N GLY D 108 -13.71 -34.15 22.74
CA GLY D 108 -13.68 -35.42 22.00
C GLY D 108 -12.50 -35.62 21.04
N MET D 109 -11.69 -34.58 20.85
CA MET D 109 -10.54 -34.65 19.93
C MET D 109 -9.21 -34.95 20.61
N ASP D 110 -8.31 -35.55 19.83
CA ASP D 110 -6.93 -35.80 20.24
C ASP D 110 -6.14 -34.70 19.53
N ARG D 111 -4.95 -34.37 20.03
CA ARG D 111 -4.10 -33.30 19.43
C ARG D 111 -3.84 -33.52 17.92
N SER D 112 -3.82 -34.79 17.50
CA SER D 112 -3.60 -35.16 16.09
C SER D 112 -4.74 -34.71 15.14
N ASP D 113 -5.97 -34.56 15.65
CA ASP D 113 -7.12 -34.11 14.85
C ASP D 113 -7.01 -32.65 14.38
N LEU D 114 -6.12 -31.88 15.01
CA LEU D 114 -5.89 -30.47 14.64
C LEU D 114 -4.93 -30.32 13.46
N PHE D 115 -4.36 -31.46 13.04
CA PHE D 115 -3.36 -31.49 11.98
C PHE D 115 -3.74 -30.85 10.65
N ASN D 116 -4.93 -31.15 10.16
CA ASN D 116 -5.38 -30.64 8.86
C ASN D 116 -5.36 -29.12 8.73
N ILE D 117 -5.63 -28.40 9.82
CA ILE D 117 -5.62 -26.93 9.79
C ILE D 117 -4.26 -26.37 10.18
N ASN D 118 -3.74 -26.85 11.29
CA ASN D 118 -2.48 -26.34 11.83
C ASN D 118 -1.22 -26.66 11.04
N ALA D 119 -1.20 -27.78 10.32
CA ALA D 119 -0.02 -28.16 9.54
C ALA D 119 0.36 -27.05 8.56
N GLY D 120 -0.61 -26.59 7.77
CA GLY D 120 -0.40 -25.54 6.79
C GLY D 120 -0.04 -24.21 7.42
N ILE D 121 -0.60 -23.93 8.59
CA ILE D 121 -0.30 -22.69 9.31
C ILE D 121 1.17 -22.68 9.78
N VAL D 122 1.63 -23.80 10.33
CA VAL D 122 3.02 -23.90 10.77
C VAL D 122 3.96 -23.82 9.58
N ARG D 123 3.61 -24.51 8.49
CA ARG D 123 4.42 -24.47 7.26
C ARG D 123 4.60 -23.04 6.77
N GLY D 124 3.50 -22.31 6.65
CA GLY D 124 3.53 -20.92 6.19
C GLY D 124 4.40 -20.01 7.03
N LEU D 125 4.32 -20.17 8.34
CA LEU D 125 5.09 -19.34 9.27
C LEU D 125 6.58 -19.68 9.28
N ILE D 126 6.91 -20.97 9.24
CA ILE D 126 8.30 -21.41 9.24
C ILE D 126 8.98 -21.01 7.92
N GLU D 127 8.23 -20.98 6.80
CA GLU D 127 8.77 -20.51 5.53
C GLU D 127 9.25 -19.06 5.63
N LYS D 128 8.60 -18.27 6.48
CA LYS D 128 8.98 -16.87 6.66
C LYS D 128 10.12 -16.73 7.68
N VAL D 129 10.11 -17.59 8.70
CA VAL D 129 11.18 -17.65 9.70
C VAL D 129 12.47 -18.03 8.95
N ALA D 130 12.37 -19.00 8.05
CA ALA D 130 13.51 -19.46 7.26
C ALA D 130 14.24 -18.34 6.51
N VAL D 131 13.53 -17.31 6.05
CA VAL D 131 14.17 -16.21 5.30
C VAL D 131 14.35 -14.89 6.06
N THR D 132 13.66 -14.71 7.18
CA THR D 132 13.75 -13.46 7.93
C THR D 132 14.58 -13.55 9.22
N CYS D 133 14.54 -14.69 9.91
CA CYS D 133 15.34 -14.90 11.13
C CYS D 133 15.76 -16.38 11.24
N PRO D 134 16.54 -16.86 10.25
CA PRO D 134 16.96 -18.27 10.24
C PRO D 134 17.81 -18.72 11.45
N LYS D 135 18.45 -17.78 12.14
CA LYS D 135 19.28 -18.10 13.29
C LYS D 135 18.50 -18.11 14.62
N ALA D 136 17.21 -17.80 14.59
CA ALA D 136 16.38 -17.76 15.79
C ALA D 136 16.10 -19.15 16.34
N CYS D 137 15.91 -19.22 17.65
CA CYS D 137 15.49 -20.45 18.30
C CYS D 137 13.98 -20.47 18.15
N VAL D 138 13.45 -21.53 17.55
CA VAL D 138 12.02 -21.62 17.30
C VAL D 138 11.36 -22.59 18.28
N GLY D 139 10.34 -22.11 18.99
CA GLY D 139 9.61 -22.93 19.95
C GLY D 139 8.20 -23.17 19.46
N ILE D 140 7.89 -24.42 19.13
CA ILE D 140 6.57 -24.76 18.62
C ILE D 140 5.61 -25.13 19.77
N ILE D 141 4.52 -24.38 19.87
CA ILE D 141 3.46 -24.61 20.84
C ILE D 141 2.25 -25.23 20.13
N THR D 142 2.04 -24.82 18.88
CA THR D 142 0.95 -25.29 18.07
C THR D 142 0.89 -26.82 17.98
N ASN D 143 -0.28 -27.39 18.26
CA ASN D 143 -0.45 -28.85 18.20
C ASN D 143 -0.82 -29.38 16.81
N PRO D 144 -0.54 -30.65 16.51
CA PRO D 144 0.11 -31.63 17.41
C PRO D 144 1.64 -31.46 17.38
N VAL D 145 2.23 -31.08 18.51
CA VAL D 145 3.67 -30.76 18.61
C VAL D 145 4.61 -31.84 18.08
N ASN D 146 4.32 -33.10 18.37
CA ASN D 146 5.15 -34.20 17.88
C ASN D 146 5.31 -34.12 16.38
N THR D 147 4.25 -33.72 15.71
CA THR D 147 4.21 -33.62 14.26
C THR D 147 4.62 -32.27 13.70
N THR D 148 4.08 -31.20 14.28
CA THR D 148 4.36 -29.85 13.77
C THR D 148 5.84 -29.49 13.82
N VAL D 149 6.56 -30.02 14.79
CA VAL D 149 8.00 -29.79 14.90
C VAL D 149 8.71 -30.45 13.71
N ALA D 150 8.25 -31.63 13.31
CA ALA D 150 8.82 -32.34 12.16
C ALA D 150 8.55 -31.55 10.87
N ILE D 151 7.38 -30.92 10.79
CA ILE D 151 7.02 -30.08 9.65
C ILE D 151 7.98 -28.89 9.59
N ALA D 152 8.21 -28.26 10.75
CA ALA D 152 9.10 -27.11 10.83
C ALA D 152 10.50 -27.46 10.37
N ALA D 153 11.00 -28.59 10.86
CA ALA D 153 12.33 -29.07 10.50
C ALA D 153 12.46 -29.24 9.01
N GLU D 154 11.48 -29.93 8.40
CA GLU D 154 11.51 -30.15 6.96
C GLU D 154 11.39 -28.86 6.12
N VAL D 155 10.57 -27.92 6.57
CA VAL D 155 10.48 -26.63 5.88
C VAL D 155 11.83 -25.94 5.94
N LEU D 156 12.45 -25.95 7.12
CA LEU D 156 13.76 -25.34 7.31
C LEU D 156 14.86 -26.00 6.42
N LYS D 157 14.76 -27.31 6.22
CA LYS D 157 15.71 -28.03 5.37
C LYS D 157 15.54 -27.65 3.91
N LYS D 158 14.29 -27.48 3.46
CA LYS D 158 14.03 -27.04 2.07
C LYS D 158 14.67 -25.68 1.81
N ALA D 159 14.67 -24.83 2.82
CA ALA D 159 15.26 -23.50 2.71
C ALA D 159 16.78 -23.56 2.84
N GLY D 160 17.30 -24.70 3.26
CA GLY D 160 18.76 -24.87 3.41
C GLY D 160 19.37 -24.14 4.59
N VAL D 161 18.59 -23.90 5.66
CA VAL D 161 19.08 -23.20 6.86
C VAL D 161 18.76 -23.95 8.17
N TYR D 162 18.34 -25.21 8.08
CA TYR D 162 17.96 -25.93 9.29
C TYR D 162 19.14 -26.14 10.25
N ASP D 163 18.95 -25.68 11.48
CA ASP D 163 19.94 -25.83 12.54
C ASP D 163 19.18 -26.55 13.65
N LYS D 164 19.48 -27.84 13.84
CA LYS D 164 18.79 -28.68 14.86
C LYS D 164 18.98 -28.20 16.31
N ARG D 165 19.96 -27.33 16.53
CA ARG D 165 20.17 -26.76 17.85
C ARG D 165 19.13 -25.68 18.16
N LYS D 166 18.39 -25.27 17.13
CA LYS D 166 17.44 -24.15 17.25
C LYS D 166 15.94 -24.44 17.05
N LEU D 167 15.54 -25.70 17.04
CA LEU D 167 14.14 -26.05 16.88
C LEU D 167 13.70 -26.85 18.11
N PHE D 168 12.59 -26.42 18.70
CA PHE D 168 12.08 -27.04 19.89
C PHE D 168 10.57 -27.21 19.85
N GLY D 169 10.11 -28.35 20.34
CA GLY D 169 8.70 -28.59 20.54
C GLY D 169 8.57 -28.23 22.01
N VAL D 170 7.65 -27.33 22.37
CA VAL D 170 7.51 -26.90 23.75
C VAL D 170 6.65 -27.87 24.54
N THR D 171 7.27 -28.62 25.42
CA THR D 171 6.60 -29.64 26.23
C THR D 171 6.50 -29.25 27.70
N THR D 172 6.90 -28.02 27.99
CA THR D 172 6.98 -27.51 29.34
C THR D 172 5.68 -27.59 30.13
N LEU D 173 4.53 -27.52 29.47
CA LEU D 173 3.28 -27.65 30.22
C LEU D 173 3.19 -29.01 30.92
N ASP D 174 3.74 -30.06 30.30
CA ASP D 174 3.77 -31.40 30.91
C ASP D 174 4.63 -31.37 32.18
N VAL D 175 5.68 -30.54 32.17
CA VAL D 175 6.54 -30.39 33.33
C VAL D 175 5.78 -29.64 34.42
N LEU D 176 5.13 -28.53 34.08
CA LEU D 176 4.33 -27.79 35.07
C LEU D 176 3.30 -28.70 35.77
N ARG D 177 2.54 -29.44 34.99
CA ARG D 177 1.55 -30.36 35.53
C ARG D 177 2.17 -31.41 36.44
N SER D 178 3.28 -31.99 36.00
CA SER D 178 3.98 -33.02 36.78
C SER D 178 4.43 -32.47 38.14
N GLU D 179 5.07 -31.29 38.14
CA GLU D 179 5.50 -30.67 39.37
C GLU D 179 4.31 -30.47 40.30
N THR D 180 3.23 -29.91 39.75
CA THR D 180 2.05 -29.63 40.56
C THR D 180 1.41 -30.88 41.16
N PHE D 181 1.22 -31.93 40.36
CA PHE D 181 0.57 -33.14 40.87
C PHE D 181 1.43 -33.91 41.88
N VAL D 182 2.72 -34.03 41.57
CA VAL D 182 3.65 -34.73 42.45
C VAL D 182 3.70 -34.02 43.80
N ALA D 183 3.87 -32.70 43.77
CA ALA D 183 3.98 -31.91 45.00
C ALA D 183 2.78 -32.08 45.94
N GLU D 184 1.59 -31.94 45.38
N GLU D 184 1.58 -31.93 45.41
CA GLU D 184 0.32 -32.05 46.11
CA GLU D 184 0.38 -32.10 46.22
C GLU D 184 0.05 -33.47 46.65
C GLU D 184 0.34 -33.50 46.78
N LEU D 185 0.46 -34.49 45.91
CA LEU D 185 0.33 -35.91 46.32
C LEU D 185 1.40 -36.38 47.31
N LYS D 186 2.62 -35.85 47.18
CA LYS D 186 3.76 -36.28 48.00
C LYS D 186 4.21 -35.31 49.09
N GLY D 187 3.44 -34.25 49.28
CA GLY D 187 3.73 -33.28 50.31
C GLY D 187 5.10 -32.67 50.15
N LEU D 188 5.37 -32.16 48.97
CA LEU D 188 6.63 -31.51 48.67
C LEU D 188 6.35 -30.07 48.34
N ASN D 189 7.40 -29.26 48.36
CA ASN D 189 7.29 -27.83 48.05
C ASN D 189 7.04 -27.76 46.55
N VAL D 190 5.90 -27.19 46.17
CA VAL D 190 5.49 -27.10 44.77
C VAL D 190 6.45 -26.24 43.91
N SER D 191 7.14 -25.27 44.52
CA SER D 191 8.10 -24.41 43.82
C SER D 191 9.50 -25.02 43.67
N ARG D 192 9.87 -25.92 44.58
CA ARG D 192 11.21 -26.53 44.56
C ARG D 192 11.19 -28.02 44.24
N THR D 193 10.20 -28.46 43.49
CA THR D 193 10.09 -29.85 43.09
C THR D 193 10.39 -29.93 41.60
N SER D 194 11.24 -30.87 41.23
CA SER D 194 11.65 -31.05 39.85
C SER D 194 11.23 -32.43 39.37
N VAL D 195 10.57 -32.47 38.21
CA VAL D 195 10.13 -33.74 37.63
C VAL D 195 10.52 -33.77 36.16
N PRO D 196 11.50 -34.63 35.79
CA PRO D 196 11.81 -34.77 34.39
C PRO D 196 10.63 -35.42 33.66
N VAL D 197 10.38 -34.98 32.43
CA VAL D 197 9.34 -35.55 31.60
C VAL D 197 9.98 -35.75 30.25
N ILE D 198 9.85 -36.96 29.72
CA ILE D 198 10.46 -37.28 28.45
C ILE D 198 9.41 -37.78 27.48
N GLY D 199 9.84 -37.98 26.24
CA GLY D 199 8.98 -38.54 25.19
C GLY D 199 8.47 -37.50 24.22
N GLY D 200 7.15 -37.38 24.15
CA GLY D 200 6.47 -36.45 23.26
C GLY D 200 5.44 -35.63 24.02
N HIS D 201 4.55 -34.99 23.27
CA HIS D 201 3.56 -34.10 23.87
C HIS D 201 2.13 -34.49 23.47
N SER D 202 1.78 -35.75 23.75
CA SER D 202 0.44 -36.28 23.48
C SER D 202 0.21 -37.38 24.50
N GLY D 203 -1.05 -37.75 24.70
CA GLY D 203 -1.44 -38.80 25.65
C GLY D 203 -0.38 -39.84 26.01
N VAL D 204 -0.25 -40.88 25.20
CA VAL D 204 0.70 -41.97 25.48
C VAL D 204 2.20 -41.60 25.37
N THR D 205 2.53 -40.58 24.58
CA THR D 205 3.94 -40.19 24.43
C THR D 205 4.51 -39.36 25.62
N ILE D 206 3.64 -38.86 26.50
CA ILE D 206 4.07 -38.07 27.67
C ILE D 206 4.53 -39.02 28.79
N LEU D 207 5.81 -38.98 29.14
CA LEU D 207 6.38 -39.87 30.17
C LEU D 207 7.09 -39.14 31.34
N PRO D 208 6.37 -38.96 32.46
CA PRO D 208 7.00 -38.33 33.61
C PRO D 208 7.88 -39.33 34.37
N LEU D 209 9.12 -38.94 34.62
CA LEU D 209 10.05 -39.80 35.32
C LEU D 209 9.90 -39.62 36.82
N LEU D 210 8.81 -40.16 37.35
CA LEU D 210 8.47 -40.05 38.76
C LEU D 210 9.52 -40.71 39.67
N SER D 211 10.17 -41.76 39.17
CA SER D 211 11.20 -42.46 39.94
C SER D 211 12.39 -41.56 40.26
N GLN D 212 12.60 -40.50 39.48
CA GLN D 212 13.74 -39.59 39.70
C GLN D 212 13.43 -38.42 40.65
N VAL D 213 12.21 -38.34 41.16
CA VAL D 213 11.86 -37.28 42.08
C VAL D 213 12.46 -37.57 43.45
N GLN D 214 13.24 -36.62 43.96
CA GLN D 214 13.84 -36.77 45.28
C GLN D 214 12.75 -36.65 46.35
N TYR D 215 12.96 -37.31 47.47
CA TYR D 215 12.09 -37.27 48.66
C TYR D 215 10.70 -37.86 48.48
N ALA D 216 10.45 -38.59 47.40
CA ALA D 216 9.17 -39.22 47.16
C ALA D 216 9.33 -40.72 47.30
N LYS D 217 8.56 -41.31 48.20
CA LYS D 217 8.58 -42.75 48.43
C LYS D 217 7.27 -43.22 47.82
N TRP D 218 7.36 -43.89 46.66
CA TRP D 218 6.16 -44.32 45.95
C TRP D 218 5.59 -45.66 46.34
N ASN D 219 4.26 -45.73 46.37
N ASN D 219 4.27 -45.75 46.38
CA ASN D 219 3.54 -46.96 46.62
CA ASN D 219 3.57 -47.01 46.64
C ASN D 219 3.26 -47.52 45.23
C ASN D 219 3.23 -47.52 45.25
N GLU D 220 3.17 -48.84 45.09
CA GLU D 220 2.89 -49.47 43.76
C GLU D 220 1.62 -48.93 43.07
N ASP D 221 0.58 -48.65 43.85
CA ASP D 221 -0.70 -48.14 43.33
C ASP D 221 -0.77 -46.61 43.01
N GLU D 222 0.32 -45.88 43.22
CA GLU D 222 0.35 -44.42 42.96
C GLU D 222 0.88 -44.05 41.57
N ILE D 223 1.86 -44.80 41.10
CA ILE D 223 2.56 -44.50 39.85
C ILE D 223 1.66 -44.45 38.62
N GLU D 224 0.90 -45.51 38.39
CA GLU D 224 0.06 -45.60 37.19
C GLU D 224 -1.05 -44.54 37.15
N PRO D 225 -1.84 -44.38 38.24
CA PRO D 225 -2.87 -43.33 38.19
C PRO D 225 -2.28 -41.91 38.03
N LEU D 226 -1.13 -41.64 38.65
CA LEU D 226 -0.51 -40.31 38.53
C LEU D 226 0.03 -40.10 37.13
N THR D 227 0.64 -41.14 36.55
CA THR D 227 1.15 -41.06 35.19
C THR D 227 -0.02 -40.80 34.24
N LYS D 228 -1.10 -41.54 34.45
CA LYS D 228 -2.30 -41.41 33.62
C LYS D 228 -2.88 -39.98 33.71
N ARG D 229 -2.83 -39.38 34.89
CA ARG D 229 -3.36 -38.04 35.08
C ARG D 229 -2.50 -36.98 34.38
N ILE D 230 -1.18 -37.17 34.35
CA ILE D 230 -0.27 -36.22 33.69
C ILE D 230 -0.46 -36.32 32.18
N GLN D 231 -0.61 -37.54 31.70
CA GLN D 231 -0.84 -37.81 30.28
C GLN D 231 -2.15 -37.25 29.75
N ASN D 232 -3.19 -37.31 30.57
CA ASN D 232 -4.55 -36.88 30.16
C ASN D 232 -4.97 -35.52 30.71
N ALA D 233 -4.05 -34.79 31.34
CA ALA D 233 -4.34 -33.46 31.91
C ALA D 233 -4.93 -32.50 30.87
N GLY D 234 -4.44 -32.56 29.63
CA GLY D 234 -4.97 -31.69 28.56
C GLY D 234 -6.44 -31.94 28.34
N THR D 235 -6.82 -33.22 28.33
CA THR D 235 -8.21 -33.63 28.19
C THR D 235 -9.01 -33.24 29.44
N GLU D 236 -8.39 -33.33 30.62
CA GLU D 236 -9.06 -32.92 31.88
C GLU D 236 -9.46 -31.43 31.82
N VAL D 237 -8.61 -30.58 31.25
CA VAL D 237 -8.93 -29.14 31.11
C VAL D 237 -10.01 -28.95 30.05
N LEU D 238 -9.83 -29.61 28.90
CA LEU D 238 -10.79 -29.55 27.79
C LEU D 238 -12.24 -29.83 28.25
N ASN D 239 -12.44 -30.94 28.96
CA ASN D 239 -13.77 -31.32 29.48
C ASN D 239 -14.29 -30.36 30.55
N ALA D 240 -13.42 -29.89 31.42
CA ALA D 240 -13.82 -28.96 32.47
C ALA D 240 -14.22 -27.60 31.90
N LYS D 241 -13.63 -27.22 30.77
CA LYS D 241 -13.98 -25.95 30.12
C LYS D 241 -15.31 -26.03 29.34
N ALA D 242 -15.90 -27.23 29.26
CA ALA D 242 -17.21 -27.43 28.64
C ALA D 242 -17.40 -26.80 27.26
N GLY D 243 -16.49 -27.08 26.33
CA GLY D 243 -16.57 -26.49 24.98
C GLY D 243 -15.90 -25.12 24.84
N GLY D 244 -15.36 -24.59 25.95
CA GLY D 244 -14.68 -23.29 25.94
C GLY D 244 -13.23 -23.36 25.49
N GLY D 245 -12.77 -24.56 25.09
CA GLY D 245 -11.42 -24.72 24.58
C GLY D 245 -10.53 -25.59 25.44
N SER D 246 -9.24 -25.55 25.14
CA SER D 246 -8.22 -26.31 25.84
C SER D 246 -7.49 -25.39 26.82
N ALA D 247 -6.38 -25.87 27.37
CA ALA D 247 -5.60 -25.06 28.29
C ALA D 247 -5.00 -23.84 27.59
N THR D 248 -5.09 -22.68 28.22
CA THR D 248 -4.55 -21.45 27.65
C THR D 248 -3.68 -20.70 28.63
N LEU D 249 -4.16 -20.58 29.87
CA LEU D 249 -3.46 -19.83 30.91
C LEU D 249 -2.21 -20.56 31.41
N SER D 250 -2.34 -21.83 31.78
CA SER D 250 -1.17 -22.59 32.23
C SER D 250 -0.18 -22.82 31.08
N MET D 251 -0.71 -22.94 29.87
CA MET D 251 0.12 -23.09 28.66
C MET D 251 0.92 -21.82 28.41
N ALA D 252 0.32 -20.67 28.68
CA ALA D 252 1.03 -19.40 28.50
C ALA D 252 2.21 -19.35 29.47
N GLN D 253 2.00 -19.78 30.71
CA GLN D 253 3.05 -19.78 31.72
C GLN D 253 4.16 -20.76 31.34
N ALA D 254 3.77 -21.93 30.85
CA ALA D 254 4.75 -22.92 30.43
C ALA D 254 5.62 -22.38 29.31
N ALA D 255 5.00 -21.71 28.34
CA ALA D 255 5.72 -21.13 27.21
C ALA D 255 6.62 -20.00 27.67
N ALA D 256 6.12 -19.18 28.59
CA ALA D 256 6.90 -18.07 29.15
C ALA D 256 8.13 -18.58 29.89
N ARG D 257 7.97 -19.68 30.60
CA ARG D 257 9.05 -20.30 31.34
C ARG D 257 10.12 -20.81 30.39
N PHE D 258 9.68 -21.53 29.37
CA PHE D 258 10.58 -22.05 28.37
C PHE D 258 11.31 -20.90 27.66
N ALA D 259 10.56 -19.83 27.34
CA ALA D 259 11.14 -18.65 26.71
C ALA D 259 12.23 -18.02 27.58
N ARG D 260 11.99 -17.98 28.90
CA ARG D 260 12.97 -17.42 29.82
C ARG D 260 14.25 -18.25 29.80
N SER D 261 14.09 -19.57 29.82
CA SER D 261 15.23 -20.48 29.75
C SER D 261 16.02 -20.28 28.45
N LEU D 262 15.33 -20.20 27.30
CA LEU D 262 16.02 -19.93 26.03
C LEU D 262 16.81 -18.64 26.09
N VAL D 263 16.16 -17.57 26.53
CA VAL D 263 16.84 -16.27 26.65
C VAL D 263 18.04 -16.36 27.60
N LYS D 264 17.90 -17.11 28.70
CA LYS D 264 19.02 -17.28 29.63
C LYS D 264 20.17 -18.00 28.94
N GLY D 265 19.85 -19.08 28.23
CA GLY D 265 20.87 -19.83 27.53
C GLY D 265 21.56 -18.95 26.51
N LEU D 266 20.76 -18.17 25.79
CA LEU D 266 21.29 -17.26 24.77
C LEU D 266 22.15 -16.14 25.34
N SER D 267 21.97 -15.85 26.63
CA SER D 267 22.72 -14.78 27.32
C SER D 267 23.95 -15.31 28.05
N GLY D 268 24.28 -16.58 27.87
CA GLY D 268 25.47 -17.17 28.49
C GLY D 268 25.29 -17.86 29.84
N GLU D 269 24.05 -17.95 30.34
CA GLU D 269 23.79 -18.61 31.62
C GLU D 269 23.49 -20.08 31.36
N THR D 270 23.67 -20.91 32.38
CA THR D 270 23.45 -22.34 32.27
C THR D 270 22.05 -22.69 32.78
N VAL D 271 21.29 -23.42 31.96
CA VAL D 271 19.97 -23.85 32.34
C VAL D 271 19.59 -25.13 31.59
N VAL D 272 18.88 -26.02 32.27
CA VAL D 272 18.44 -27.29 31.68
C VAL D 272 16.91 -27.38 31.67
N GLU D 273 16.34 -27.67 30.51
CA GLU D 273 14.90 -27.86 30.34
C GLU D 273 14.62 -29.15 29.57
N CYS D 274 13.56 -29.86 29.92
CA CYS D 274 13.15 -31.01 29.14
C CYS D 274 12.43 -30.38 27.98
N THR D 275 12.83 -30.75 26.77
CA THR D 275 12.24 -30.20 25.56
C THR D 275 12.44 -31.16 24.38
N TYR D 276 11.54 -31.04 23.40
CA TYR D 276 11.51 -31.91 22.24
C TYR D 276 12.43 -31.38 21.13
N VAL D 277 13.51 -32.11 20.88
CA VAL D 277 14.51 -31.71 19.89
C VAL D 277 14.96 -32.91 19.05
N GLU D 278 15.63 -32.58 17.93
CA GLU D 278 16.19 -33.60 17.07
C GLU D 278 17.54 -33.94 17.69
N GLY D 279 17.58 -35.07 18.40
CA GLY D 279 18.79 -35.50 19.09
C GLY D 279 19.54 -36.66 18.45
N ASP D 280 20.05 -37.56 19.28
CA ASP D 280 20.84 -38.70 18.80
C ASP D 280 20.02 -39.79 18.09
N GLY D 281 18.70 -39.70 18.14
CA GLY D 281 17.85 -40.69 17.45
C GLY D 281 17.73 -42.05 18.12
N LYS D 282 18.25 -42.21 19.34
CA LYS D 282 18.15 -43.48 20.07
C LYS D 282 16.73 -44.04 20.10
N TYR D 283 15.78 -43.19 20.49
CA TYR D 283 14.38 -43.61 20.63
C TYR D 283 13.54 -43.23 19.41
N ALA D 284 13.71 -42.00 18.96
CA ALA D 284 13.01 -41.49 17.80
C ALA D 284 13.78 -40.27 17.29
N ARG D 285 13.54 -39.89 16.04
CA ARG D 285 14.24 -38.76 15.43
C ARG D 285 14.13 -37.49 16.31
N PHE D 286 12.90 -37.17 16.71
CA PHE D 286 12.63 -36.05 17.63
C PHE D 286 12.18 -36.71 18.94
N PHE D 287 12.69 -36.20 20.06
CA PHE D 287 12.38 -36.78 21.35
C PHE D 287 12.65 -35.76 22.45
N SER D 288 11.79 -35.75 23.46
CA SER D 288 11.94 -34.81 24.57
C SER D 288 12.77 -35.42 25.70
N GLN D 289 13.85 -34.74 26.07
CA GLN D 289 14.73 -35.16 27.13
C GLN D 289 15.39 -33.91 27.70
N PRO D 290 16.14 -34.05 28.81
CA PRO D 290 16.76 -32.85 29.36
C PRO D 290 17.78 -32.32 28.40
N VAL D 291 17.78 -31.00 28.24
CA VAL D 291 18.66 -30.34 27.31
C VAL D 291 19.31 -29.14 27.98
N ARG D 292 20.65 -29.10 27.95
CA ARG D 292 21.36 -27.94 28.49
C ARG D 292 21.28 -26.93 27.36
N LEU D 293 20.71 -25.77 27.64
CA LEU D 293 20.61 -24.69 26.64
C LEU D 293 21.81 -23.77 26.76
N GLY D 294 22.22 -23.19 25.64
CA GLY D 294 23.37 -22.30 25.58
C GLY D 294 23.24 -21.23 24.49
N LYS D 295 24.38 -20.65 24.13
CA LYS D 295 24.42 -19.56 23.14
C LYS D 295 23.88 -19.86 21.74
N GLU D 296 23.83 -21.14 21.38
CA GLU D 296 23.37 -21.57 20.06
C GLU D 296 22.03 -22.30 20.10
N GLY D 297 21.37 -22.27 21.26
CA GLY D 297 20.13 -22.99 21.47
C GLY D 297 20.55 -24.20 22.27
N VAL D 298 20.43 -25.39 21.70
CA VAL D 298 20.88 -26.60 22.35
C VAL D 298 22.42 -26.53 22.54
N GLU D 299 22.89 -26.75 23.77
CA GLU D 299 24.32 -26.77 24.08
C GLU D 299 24.69 -28.26 24.20
N GLU D 300 23.86 -29.02 24.90
CA GLU D 300 24.08 -30.47 25.04
C GLU D 300 22.79 -31.17 25.42
N ILE D 301 22.48 -32.23 24.68
CA ILE D 301 21.32 -33.05 24.95
C ILE D 301 21.77 -34.10 25.94
N LEU D 302 21.13 -34.14 27.10
CA LEU D 302 21.52 -35.03 28.20
C LEU D 302 20.75 -36.34 28.22
N PRO D 303 21.36 -37.41 28.75
CA PRO D 303 20.67 -38.70 28.84
C PRO D 303 19.42 -38.63 29.72
N ILE D 304 18.49 -39.55 29.49
CA ILE D 304 17.25 -39.57 30.26
C ILE D 304 17.48 -40.06 31.69
N GLY D 305 18.62 -40.71 31.94
CA GLY D 305 18.94 -41.20 33.28
C GLY D 305 18.27 -42.55 33.54
N PRO D 306 18.46 -43.11 34.75
CA PRO D 306 17.92 -44.43 35.09
C PRO D 306 16.38 -44.45 35.10
N LEU D 307 15.81 -45.52 34.53
CA LEU D 307 14.37 -45.68 34.49
C LEU D 307 13.90 -46.85 35.34
N SER D 308 12.70 -46.75 35.90
CA SER D 308 12.11 -47.85 36.65
C SER D 308 11.56 -48.83 35.63
N ASN D 309 11.17 -50.02 36.06
CA ASN D 309 10.59 -51.00 35.12
C ASN D 309 9.35 -50.44 34.43
N PHE D 310 8.47 -49.79 35.21
CA PHE D 310 7.25 -49.17 34.67
C PHE D 310 7.59 -48.14 33.60
N GLU D 311 8.53 -47.24 33.90
CA GLU D 311 8.94 -46.19 32.97
C GLU D 311 9.58 -46.78 31.71
N GLN D 312 10.44 -47.79 31.89
CA GLN D 312 11.05 -48.44 30.73
C GLN D 312 9.96 -49.02 29.84
N GLN D 313 9.00 -49.70 30.45
CA GLN D 313 7.88 -50.31 29.70
C GLN D 313 7.03 -49.23 29.04
N ALA D 314 6.80 -48.12 29.73
CA ALA D 314 6.00 -47.04 29.15
C ALA D 314 6.73 -46.45 27.93
N LEU D 315 8.05 -46.36 28.00
CA LEU D 315 8.85 -45.82 26.90
C LEU D 315 8.71 -46.75 25.68
N GLU D 316 8.84 -48.06 25.91
CA GLU D 316 8.69 -49.05 24.84
C GLU D 316 7.30 -49.00 24.19
N ASN D 317 6.25 -48.93 25.01
CA ASN D 317 4.88 -48.89 24.50
C ASN D 317 4.52 -47.68 23.63
N MET D 318 5.18 -46.54 23.83
CA MET D 318 4.80 -45.34 23.09
C MET D 318 5.63 -44.95 21.86
N LEU D 319 6.82 -45.52 21.70
CA LEU D 319 7.69 -45.14 20.57
C LEU D 319 7.07 -45.30 19.17
N PRO D 320 6.38 -46.44 18.89
CA PRO D 320 5.77 -46.59 17.56
C PRO D 320 4.83 -45.44 17.22
N THR D 321 4.05 -45.01 18.21
CA THR D 321 3.12 -43.90 18.03
C THR D 321 3.87 -42.57 17.78
N LEU D 322 4.92 -42.33 18.57
CA LEU D 322 5.73 -41.13 18.42
C LEU D 322 6.41 -41.11 17.05
N ARG D 323 6.91 -42.26 16.60
CA ARG D 323 7.55 -42.35 15.29
C ARG D 323 6.55 -42.07 14.18
N ALA D 324 5.33 -42.61 14.32
CA ALA D 324 4.26 -42.37 13.36
C ALA D 324 3.89 -40.87 13.34
N ASP D 325 3.86 -40.23 14.51
CA ASP D 325 3.58 -38.78 14.57
C ASP D 325 4.61 -37.99 13.77
N ILE D 326 5.86 -38.43 13.84
CA ILE D 326 6.97 -37.78 13.13
C ILE D 326 6.88 -37.98 11.61
N GLU D 327 6.64 -39.22 11.18
CA GLU D 327 6.51 -39.55 9.76
C GLU D 327 5.43 -38.70 9.09
N LEU D 328 4.32 -38.53 9.79
CA LEU D 328 3.20 -37.73 9.30
C LEU D 328 3.66 -36.30 8.95
N GLY D 329 4.51 -35.72 9.79
CA GLY D 329 5.04 -34.38 9.57
C GLY D 329 6.04 -34.34 8.44
N GLU D 330 6.96 -35.33 8.42
CA GLU D 330 7.96 -35.42 7.38
C GLU D 330 7.31 -35.52 6.00
N LYS D 331 6.28 -36.36 5.93
CA LYS D 331 5.51 -36.62 4.71
C LYS D 331 4.75 -35.38 4.21
N PHE D 332 4.19 -34.61 5.14
CA PHE D 332 3.44 -33.40 4.79
C PHE D 332 4.30 -32.45 3.93
N ILE D 333 5.60 -32.38 4.21
CA ILE D 333 6.50 -31.48 3.47
C ILE D 333 7.25 -32.15 2.31
N ASN D 334 7.85 -33.30 2.57
CA ASN D 334 8.67 -34.00 1.56
C ASN D 334 7.91 -34.88 0.59
N GLY D 335 6.72 -35.32 0.99
CA GLY D 335 5.92 -36.21 0.17
C GLY D 335 6.52 -37.61 0.25
N ALA E 24 -55.63 0.65 21.19
CA ALA E 24 -55.08 0.34 22.55
C ALA E 24 -54.04 -0.80 22.51
N MET E 25 -53.26 -0.85 21.44
CA MET E 25 -52.21 -1.87 21.27
C MET E 25 -50.91 -1.24 21.78
N LYS E 26 -50.25 -1.89 22.73
CA LYS E 26 -49.02 -1.37 23.32
C LYS E 26 -47.83 -2.32 23.18
N VAL E 27 -46.75 -1.80 22.63
CA VAL E 27 -45.51 -2.54 22.44
C VAL E 27 -44.41 -1.92 23.32
N ALA E 28 -43.79 -2.75 24.17
CA ALA E 28 -42.70 -2.28 25.05
C ALA E 28 -41.34 -2.87 24.63
N VAL E 29 -40.34 -2.01 24.54
CA VAL E 29 -38.98 -2.44 24.23
C VAL E 29 -38.13 -2.30 25.49
N LEU E 30 -37.62 -3.43 25.98
CA LEU E 30 -36.75 -3.46 27.15
C LEU E 30 -35.36 -3.67 26.56
N GLY E 31 -34.54 -2.63 26.67
CA GLY E 31 -33.22 -2.63 26.09
C GLY E 31 -33.16 -1.59 24.98
N ALA E 32 -33.94 -0.52 25.11
CA ALA E 32 -34.02 0.53 24.10
C ALA E 32 -32.82 1.49 23.97
N ALA E 33 -31.85 1.43 24.88
CA ALA E 33 -30.68 2.32 24.82
C ALA E 33 -29.48 1.69 24.13
N GLY E 34 -29.51 0.38 23.93
CA GLY E 34 -28.40 -0.32 23.26
C GLY E 34 -28.46 -0.13 21.76
N GLY E 35 -27.48 -0.69 21.06
CA GLY E 35 -27.43 -0.57 19.61
C GLY E 35 -28.67 -1.14 18.94
N ILE E 36 -28.96 -2.41 19.21
CA ILE E 36 -30.15 -3.05 18.63
C ILE E 36 -31.41 -2.30 19.05
N GLY E 37 -31.49 -1.98 20.34
CA GLY E 37 -32.64 -1.29 20.93
C GLY E 37 -33.00 0.04 20.29
N GLN E 38 -32.01 0.91 20.13
CA GLN E 38 -32.24 2.23 19.52
C GLN E 38 -32.71 2.11 18.09
N ALA E 39 -32.06 1.25 17.31
CA ALA E 39 -32.45 1.02 15.94
C ALA E 39 -33.83 0.37 15.87
N LEU E 40 -34.16 -0.51 16.82
CA LEU E 40 -35.48 -1.15 16.86
C LEU E 40 -36.58 -0.10 17.17
N ALA E 41 -36.32 0.78 18.14
CA ALA E 41 -37.25 1.88 18.47
C ALA E 41 -37.57 2.70 17.22
N LEU E 42 -36.54 3.02 16.45
CA LEU E 42 -36.68 3.80 15.21
C LEU E 42 -37.56 3.07 14.19
N LEU E 43 -37.29 1.79 13.99
CA LEU E 43 -38.04 0.99 13.04
C LEU E 43 -39.49 0.80 13.48
N LEU E 44 -39.71 0.57 14.76
CA LEU E 44 -41.08 0.38 15.26
C LEU E 44 -41.91 1.66 15.12
N LYS E 45 -41.28 2.80 15.40
CA LYS E 45 -41.91 4.10 15.25
C LYS E 45 -42.32 4.27 13.76
N LEU E 46 -41.49 3.81 12.85
CA LEU E 46 -41.79 3.92 11.41
C LEU E 46 -42.74 2.85 10.87
N GLN E 47 -42.75 1.66 11.47
CA GLN E 47 -43.53 0.53 10.93
C GLN E 47 -44.82 0.13 11.66
N LEU E 48 -44.91 0.37 12.98
CA LEU E 48 -46.12 -0.02 13.75
C LEU E 48 -47.39 0.65 13.24
N PRO E 49 -48.56 -0.02 13.39
CA PRO E 49 -49.83 0.59 12.94
C PRO E 49 -50.19 1.88 13.66
N ALA E 50 -50.94 2.74 12.98
CA ALA E 50 -51.38 4.01 13.57
C ALA E 50 -52.17 3.71 14.84
N GLY E 51 -51.88 4.49 15.88
CA GLY E 51 -52.54 4.37 17.17
C GLY E 51 -51.79 3.49 18.16
N THR E 52 -50.76 2.77 17.71
CA THR E 52 -50.02 1.89 18.60
C THR E 52 -49.18 2.71 19.59
N ASP E 53 -49.14 2.27 20.85
CA ASP E 53 -48.33 2.90 21.87
C ASP E 53 -46.98 2.16 21.92
N LEU E 54 -45.89 2.92 21.94
CA LEU E 54 -44.52 2.37 21.99
C LEU E 54 -43.88 2.89 23.26
N SER E 55 -43.50 1.97 24.12
CA SER E 55 -42.91 2.30 25.39
C SER E 55 -41.47 1.78 25.36
N LEU E 56 -40.52 2.68 25.58
CA LEU E 56 -39.09 2.34 25.55
C LEU E 56 -38.49 2.36 26.95
N TYR E 57 -37.72 1.34 27.28
CA TYR E 57 -37.06 1.25 28.57
C TYR E 57 -35.66 0.70 28.50
N ASP E 58 -34.80 1.27 29.32
CA ASP E 58 -33.48 0.72 29.49
C ASP E 58 -32.93 1.40 30.75
N ILE E 59 -31.87 0.82 31.32
CA ILE E 59 -31.26 1.39 32.51
C ILE E 59 -30.64 2.78 32.27
N ALA E 60 -29.95 2.96 31.15
CA ALA E 60 -29.25 4.22 30.88
C ALA E 60 -30.13 5.46 30.88
N PRO E 61 -29.63 6.57 31.46
CA PRO E 61 -30.40 7.83 31.48
C PRO E 61 -30.66 8.44 30.09
N VAL E 62 -30.00 7.93 29.05
CA VAL E 62 -30.23 8.43 27.69
C VAL E 62 -31.64 8.05 27.17
N THR E 63 -32.22 6.98 27.73
CA THR E 63 -33.49 6.42 27.23
C THR E 63 -34.69 7.38 27.06
N PRO E 64 -34.97 8.25 28.05
CA PRO E 64 -36.07 9.21 27.80
C PRO E 64 -35.77 10.09 26.58
N GLY E 65 -34.51 10.47 26.38
CA GLY E 65 -34.10 11.26 25.20
C GLY E 65 -34.22 10.47 23.90
N VAL E 66 -33.99 9.15 23.96
CA VAL E 66 -34.17 8.30 22.77
C VAL E 66 -35.63 8.36 22.37
N ALA E 67 -36.52 8.34 23.35
CA ALA E 67 -37.96 8.44 23.09
C ALA E 67 -38.32 9.81 22.51
N VAL E 68 -37.78 10.88 23.10
CA VAL E 68 -38.06 12.22 22.58
C VAL E 68 -37.56 12.30 21.14
N ASP E 69 -36.37 11.76 20.89
CA ASP E 69 -35.77 11.74 19.55
C ASP E 69 -36.71 11.08 18.54
N VAL E 70 -37.12 9.83 18.79
CA VAL E 70 -38.03 9.17 17.83
C VAL E 70 -39.43 9.80 17.81
N SER E 71 -39.83 10.49 18.89
CA SER E 71 -41.14 11.15 18.93
C SER E 71 -41.26 12.26 17.91
N HIS E 72 -40.13 12.76 17.40
CA HIS E 72 -40.18 13.83 16.39
C HIS E 72 -40.44 13.35 14.98
N ILE E 73 -40.50 12.02 14.80
CA ILE E 73 -40.78 11.41 13.50
C ILE E 73 -42.31 11.45 13.32
N PRO E 74 -42.79 12.00 12.19
CA PRO E 74 -44.22 12.16 12.01
C PRO E 74 -45.01 10.91 11.62
N THR E 75 -45.31 10.07 12.59
CA THR E 75 -46.17 8.90 12.40
C THR E 75 -47.09 8.85 13.59
N ALA E 76 -48.21 8.14 13.44
CA ALA E 76 -49.23 8.06 14.47
C ALA E 76 -48.97 7.00 15.53
N VAL E 77 -47.71 6.88 15.94
CA VAL E 77 -47.27 5.96 16.96
C VAL E 77 -46.84 6.85 18.13
N ASN E 78 -47.43 6.64 19.30
CA ASN E 78 -47.13 7.44 20.49
C ASN E 78 -45.96 6.79 21.23
N VAL E 79 -44.89 7.55 21.46
CA VAL E 79 -43.69 7.01 22.10
C VAL E 79 -43.37 7.67 23.44
N LYS E 80 -43.07 6.84 24.44
CA LYS E 80 -42.68 7.28 25.78
C LYS E 80 -41.41 6.53 26.19
N GLY E 81 -40.51 7.22 26.89
CA GLY E 81 -39.24 6.65 27.34
C GLY E 81 -39.15 6.58 28.86
N PHE E 82 -38.40 5.61 29.36
CA PHE E 82 -38.24 5.37 30.79
C PHE E 82 -36.84 4.86 31.06
N SER E 83 -36.31 5.22 32.23
CA SER E 83 -34.97 4.79 32.61
C SER E 83 -34.88 4.46 34.10
N GLY E 84 -33.68 4.10 34.53
CA GLY E 84 -33.46 3.74 35.89
C GLY E 84 -33.67 2.25 36.07
N GLU E 85 -33.74 1.85 37.33
CA GLU E 85 -33.83 0.44 37.70
C GLU E 85 -35.17 -0.26 37.51
N ASP E 86 -36.25 0.50 37.44
CA ASP E 86 -37.60 -0.07 37.34
C ASP E 86 -38.27 0.06 35.96
N PRO E 87 -38.46 -1.08 35.24
CA PRO E 87 -39.16 -1.06 33.95
C PRO E 87 -40.68 -1.12 34.07
N THR E 88 -41.18 -1.31 35.29
CA THR E 88 -42.63 -1.41 35.53
C THR E 88 -43.50 -0.37 34.77
N PRO E 89 -43.18 0.96 34.86
CA PRO E 89 -44.03 1.93 34.14
C PRO E 89 -44.05 1.73 32.62
N ALA E 90 -42.97 1.20 32.05
CA ALA E 90 -42.93 0.93 30.62
C ALA E 90 -43.76 -0.33 30.27
N LEU E 91 -43.93 -1.23 31.23
CA LEU E 91 -44.65 -2.50 31.01
C LEU E 91 -46.14 -2.47 31.30
N GLU E 92 -46.61 -1.43 31.99
CA GLU E 92 -48.02 -1.30 32.35
C GLU E 92 -48.92 -1.31 31.11
N GLY E 93 -49.76 -2.34 30.99
CA GLY E 93 -50.68 -2.48 29.87
C GLY E 93 -50.06 -2.95 28.57
N ALA E 94 -48.84 -3.49 28.64
CA ALA E 94 -48.15 -3.96 27.44
C ALA E 94 -48.78 -5.22 26.87
N ASP E 95 -48.95 -5.23 25.55
CA ASP E 95 -49.50 -6.38 24.82
C ASP E 95 -48.36 -7.20 24.22
N VAL E 96 -47.28 -6.51 23.87
CA VAL E 96 -46.09 -7.13 23.31
C VAL E 96 -44.88 -6.57 24.02
N VAL E 97 -43.98 -7.44 24.44
CA VAL E 97 -42.75 -7.03 25.09
C VAL E 97 -41.58 -7.62 24.32
N LEU E 98 -40.71 -6.75 23.82
CA LEU E 98 -39.53 -7.19 23.07
C LEU E 98 -38.33 -6.95 23.96
N ILE E 99 -37.57 -8.00 24.22
CA ILE E 99 -36.40 -7.89 25.09
C ILE E 99 -35.12 -7.96 24.27
N SER E 100 -34.48 -6.80 24.13
CA SER E 100 -33.24 -6.66 23.36
C SER E 100 -32.09 -6.17 24.23
N ALA E 101 -32.24 -6.25 25.55
CA ALA E 101 -31.19 -5.80 26.48
C ALA E 101 -29.97 -6.73 26.49
N GLY E 102 -28.91 -6.27 27.13
CA GLY E 102 -27.70 -7.07 27.26
C GLY E 102 -26.73 -6.86 26.11
N VAL E 103 -25.73 -7.72 26.02
CA VAL E 103 -24.75 -7.56 24.96
C VAL E 103 -25.00 -8.35 23.73
N ALA E 104 -24.53 -7.77 22.63
CA ALA E 104 -24.58 -8.36 21.33
C ALA E 104 -23.17 -8.86 21.05
N ARG E 105 -23.09 -9.90 20.25
CA ARG E 105 -21.82 -10.53 19.88
C ARG E 105 -20.87 -9.50 19.22
N LYS E 106 -19.68 -9.30 19.81
CA LYS E 106 -18.68 -8.33 19.33
C LYS E 106 -17.40 -9.03 18.83
N PRO E 107 -16.55 -8.32 18.06
CA PRO E 107 -15.30 -8.94 17.62
C PRO E 107 -14.51 -9.51 18.81
N GLY E 108 -14.32 -10.84 18.82
CA GLY E 108 -13.62 -11.53 19.89
C GLY E 108 -14.52 -11.93 21.06
N MET E 109 -15.81 -12.16 20.77
CA MET E 109 -16.79 -12.54 21.79
C MET E 109 -16.92 -14.06 21.67
N ASP E 110 -16.68 -14.78 22.77
CA ASP E 110 -16.69 -16.24 22.76
C ASP E 110 -18.05 -16.95 22.63
N ARG E 111 -19.18 -16.22 22.57
CA ARG E 111 -20.55 -16.82 22.56
C ARG E 111 -20.84 -17.21 24.00
N SER E 112 -19.81 -17.78 24.63
CA SER E 112 -19.81 -18.10 26.04
C SER E 112 -20.02 -16.79 26.82
N ASP E 113 -19.47 -15.68 26.30
CA ASP E 113 -19.61 -14.36 26.91
C ASP E 113 -21.04 -13.83 26.90
N LEU E 114 -21.79 -14.11 25.83
CA LEU E 114 -23.18 -13.62 25.74
C LEU E 114 -23.98 -14.16 26.91
N PHE E 115 -23.95 -15.48 27.10
CA PHE E 115 -24.67 -16.11 28.21
C PHE E 115 -24.16 -15.61 29.55
N ASN E 116 -22.84 -15.56 29.68
CA ASN E 116 -22.19 -15.09 30.88
C ASN E 116 -22.72 -13.71 31.31
N ILE E 117 -23.02 -12.85 30.35
CA ILE E 117 -23.52 -11.50 30.66
C ILE E 117 -25.05 -11.34 30.65
N ASN E 118 -25.70 -11.91 29.65
CA ASN E 118 -27.15 -11.72 29.45
C ASN E 118 -28.12 -12.60 30.24
N ALA E 119 -27.66 -13.71 30.82
CA ALA E 119 -28.56 -14.61 31.55
C ALA E 119 -29.29 -13.93 32.72
N GLY E 120 -28.53 -13.18 33.52
CA GLY E 120 -29.09 -12.45 34.67
C GLY E 120 -29.91 -11.24 34.28
N ILE E 121 -29.56 -10.64 33.15
CA ILE E 121 -30.30 -9.49 32.63
C ILE E 121 -31.68 -9.97 32.20
N VAL E 122 -31.72 -11.08 31.46
CA VAL E 122 -33.00 -11.63 31.01
C VAL E 122 -33.85 -12.06 32.21
N ARG E 123 -33.22 -12.71 33.20
CA ARG E 123 -33.93 -13.14 34.40
C ARG E 123 -34.63 -11.97 35.06
N GLY E 124 -33.87 -10.91 35.33
CA GLY E 124 -34.40 -9.70 35.99
C GLY E 124 -35.57 -9.06 35.27
N LEU E 125 -35.45 -8.90 33.95
CA LEU E 125 -36.52 -8.30 33.15
C LEU E 125 -37.81 -9.16 33.13
N ILE E 126 -37.66 -10.48 32.98
CA ILE E 126 -38.82 -11.39 32.96
C ILE E 126 -39.53 -11.45 34.33
N GLU E 127 -38.77 -11.26 35.41
CA GLU E 127 -39.36 -11.21 36.75
C GLU E 127 -40.36 -10.04 36.85
N LYS E 128 -40.03 -8.93 36.17
CA LYS E 128 -40.88 -7.73 36.16
C LYS E 128 -42.08 -7.96 35.26
N VAL E 129 -41.84 -8.58 34.11
CA VAL E 129 -42.90 -8.92 33.16
C VAL E 129 -43.95 -9.83 33.82
N ALA E 130 -43.48 -10.84 34.55
CA ALA E 130 -44.35 -11.79 35.25
C ALA E 130 -45.34 -11.14 36.21
N VAL E 131 -44.95 -10.00 36.78
CA VAL E 131 -45.77 -9.26 37.73
C VAL E 131 -46.69 -8.24 37.07
N THR E 132 -46.13 -7.45 36.17
CA THR E 132 -46.82 -6.32 35.54
C THR E 132 -47.66 -6.61 34.28
N CYS E 133 -47.17 -7.49 33.40
CA CYS E 133 -47.90 -7.81 32.17
C CYS E 133 -47.73 -9.28 31.77
N PRO E 134 -48.14 -10.21 32.65
CA PRO E 134 -48.00 -11.65 32.38
C PRO E 134 -48.74 -12.17 31.16
N LYS E 135 -49.74 -11.43 30.68
CA LYS E 135 -50.51 -11.80 29.50
C LYS E 135 -49.88 -11.26 28.20
N ALA E 136 -48.75 -10.55 28.31
CA ALA E 136 -48.09 -10.02 27.12
C ALA E 136 -47.36 -11.10 26.34
N CYS E 137 -47.32 -10.93 25.02
CA CYS E 137 -46.51 -11.79 24.16
C CYS E 137 -45.10 -11.26 24.31
N VAL E 138 -44.17 -12.14 24.68
CA VAL E 138 -42.80 -11.76 24.93
C VAL E 138 -41.86 -12.27 23.85
N GLY E 139 -41.17 -11.34 23.20
CA GLY E 139 -40.20 -11.67 22.18
C GLY E 139 -38.78 -11.53 22.71
N ILE E 140 -38.07 -12.66 22.83
CA ILE E 140 -36.70 -12.65 23.32
C ILE E 140 -35.75 -12.46 22.14
N ILE E 141 -35.09 -11.31 22.10
CA ILE E 141 -34.11 -10.99 21.06
C ILE E 141 -32.70 -11.25 21.62
N THR E 142 -32.53 -10.94 22.90
CA THR E 142 -31.26 -11.15 23.60
C THR E 142 -30.73 -12.58 23.46
N ASN E 143 -29.47 -12.69 23.00
CA ASN E 143 -28.81 -13.97 22.77
C ASN E 143 -28.05 -14.47 24.02
N PRO E 144 -27.82 -15.79 24.12
CA PRO E 144 -28.22 -16.80 23.12
C PRO E 144 -29.68 -17.23 23.27
N VAL E 145 -30.48 -16.94 22.24
CA VAL E 145 -31.93 -17.22 22.24
C VAL E 145 -32.31 -18.63 22.67
N ASN E 146 -31.56 -19.63 22.17
CA ASN E 146 -31.83 -21.04 22.54
C ASN E 146 -31.86 -21.24 24.04
N THR E 147 -31.05 -20.45 24.75
CA THR E 147 -30.91 -20.55 26.21
C THR E 147 -31.76 -19.52 26.95
N THR E 148 -31.70 -18.25 26.52
CA THR E 148 -32.43 -17.18 27.18
C THR E 148 -33.95 -17.37 27.17
N VAL E 149 -34.48 -18.06 26.16
CA VAL E 149 -35.92 -18.34 26.12
C VAL E 149 -36.26 -19.33 27.26
N ALA E 150 -35.39 -20.31 27.49
CA ALA E 150 -35.62 -21.29 28.57
C ALA E 150 -35.59 -20.58 29.93
N ILE E 151 -34.67 -19.62 30.07
CA ILE E 151 -34.57 -18.79 31.27
C ILE E 151 -35.91 -18.09 31.52
N ALA E 152 -36.44 -17.46 30.47
CA ALA E 152 -37.69 -16.72 30.57
C ALA E 152 -38.84 -17.65 30.95
N ALA E 153 -38.89 -18.82 30.33
CA ALA E 153 -39.95 -19.79 30.61
C ALA E 153 -39.93 -20.20 32.08
N GLU E 154 -38.74 -20.44 32.62
CA GLU E 154 -38.61 -20.86 34.02
C GLU E 154 -38.90 -19.74 35.02
N VAL E 155 -38.58 -18.49 34.68
CA VAL E 155 -38.93 -17.36 35.56
C VAL E 155 -40.45 -17.21 35.59
N LEU E 156 -41.08 -17.29 34.42
CA LEU E 156 -42.54 -17.19 34.34
C LEU E 156 -43.21 -18.34 35.13
N LYS E 157 -42.67 -19.56 35.04
CA LYS E 157 -43.23 -20.69 35.82
C LYS E 157 -43.14 -20.45 37.32
N LYS E 158 -42.01 -19.91 37.79
CA LYS E 158 -41.85 -19.60 39.22
C LYS E 158 -42.88 -18.62 39.76
N ALA E 159 -43.34 -17.69 38.92
CA ALA E 159 -44.37 -16.71 39.29
C ALA E 159 -45.78 -17.24 39.06
N GLY E 160 -45.88 -18.47 38.54
CA GLY E 160 -47.16 -19.13 38.31
C GLY E 160 -48.02 -18.54 37.22
N VAL E 161 -47.40 -17.86 36.24
CA VAL E 161 -48.16 -17.23 35.14
C VAL E 161 -47.68 -17.65 33.74
N TYR E 162 -46.89 -18.71 33.64
CA TYR E 162 -46.33 -19.12 32.34
C TYR E 162 -47.38 -19.61 31.35
N ASP E 163 -47.42 -18.94 30.21
CA ASP E 163 -48.33 -19.27 29.11
C ASP E 163 -47.42 -19.51 27.92
N LYS E 164 -47.28 -20.76 27.52
CA LYS E 164 -46.39 -21.11 26.41
C LYS E 164 -46.78 -20.56 25.03
N ARG E 165 -48.00 -20.06 24.91
CA ARG E 165 -48.47 -19.44 23.67
C ARG E 165 -47.91 -18.00 23.55
N LYS E 166 -47.38 -17.47 24.64
CA LYS E 166 -46.95 -16.08 24.65
C LYS E 166 -45.45 -15.85 24.76
N LEU E 167 -44.65 -16.91 24.70
CA LEU E 167 -43.20 -16.76 24.77
C LEU E 167 -42.57 -17.14 23.43
N PHE E 168 -41.77 -16.23 22.89
CA PHE E 168 -41.14 -16.45 21.60
C PHE E 168 -39.64 -16.15 21.56
N GLY E 169 -38.87 -17.03 20.94
CA GLY E 169 -37.45 -16.77 20.70
C GLY E 169 -37.42 -16.14 19.32
N VAL E 170 -36.91 -14.91 19.20
CA VAL E 170 -36.90 -14.21 17.89
C VAL E 170 -35.74 -14.69 17.00
N THR E 171 -36.06 -15.58 16.06
CA THR E 171 -35.08 -16.18 15.14
C THR E 171 -35.11 -15.58 13.75
N THR E 172 -35.99 -14.61 13.54
CA THR E 172 -36.20 -13.98 12.25
C THR E 172 -34.93 -13.55 11.46
N LEU E 173 -33.85 -13.15 12.13
CA LEU E 173 -32.61 -12.77 11.43
C LEU E 173 -32.07 -13.90 10.53
N ASP E 174 -32.31 -15.15 10.93
CA ASP E 174 -31.89 -16.30 10.14
C ASP E 174 -32.68 -16.36 8.83
N VAL E 175 -33.94 -15.92 8.89
CA VAL E 175 -34.83 -15.86 7.75
C VAL E 175 -34.38 -14.70 6.83
N LEU E 176 -34.10 -13.52 7.40
CA LEU E 176 -33.61 -12.38 6.60
C LEU E 176 -32.38 -12.77 5.80
N ARG E 177 -31.45 -13.41 6.48
CA ARG E 177 -30.21 -13.87 5.85
C ARG E 177 -30.46 -14.93 4.81
N SER E 178 -31.32 -15.90 5.12
CA SER E 178 -31.64 -16.96 4.16
C SER E 178 -32.24 -16.38 2.88
N GLU E 179 -33.20 -15.46 3.04
CA GLU E 179 -33.88 -14.80 1.91
C GLU E 179 -32.90 -14.01 1.06
N THR E 180 -31.99 -13.28 1.71
CA THR E 180 -30.99 -12.50 0.99
C THR E 180 -30.04 -13.41 0.21
N PHE E 181 -29.50 -14.43 0.87
CA PHE E 181 -28.53 -15.30 0.19
C PHE E 181 -29.15 -16.15 -0.91
N VAL E 182 -30.34 -16.71 -0.67
CA VAL E 182 -31.01 -17.53 -1.67
C VAL E 182 -31.36 -16.70 -2.91
N ALA E 183 -31.86 -15.49 -2.69
CA ALA E 183 -32.25 -14.62 -3.80
C ALA E 183 -31.07 -14.19 -4.67
N GLU E 184 -29.93 -13.93 -4.06
CA GLU E 184 -28.74 -13.55 -4.81
C GLU E 184 -28.26 -14.74 -5.64
N LEU E 185 -28.17 -15.90 -5.00
CA LEU E 185 -27.63 -17.10 -5.62
C LEU E 185 -28.51 -17.71 -6.73
N LYS E 186 -29.82 -17.72 -6.52
CA LYS E 186 -30.75 -18.34 -7.46
C LYS E 186 -31.46 -17.37 -8.39
N GLY E 187 -31.14 -16.08 -8.29
CA GLY E 187 -31.76 -15.06 -9.14
C GLY E 187 -33.26 -14.95 -8.91
N LEU E 188 -33.67 -14.80 -7.65
CA LEU E 188 -35.08 -14.67 -7.30
C LEU E 188 -35.29 -13.26 -6.76
N ASN E 189 -36.54 -12.82 -6.71
CA ASN E 189 -36.84 -11.49 -6.14
C ASN E 189 -36.60 -11.54 -4.65
N VAL E 190 -35.68 -10.70 -4.17
CA VAL E 190 -35.31 -10.70 -2.77
C VAL E 190 -36.48 -10.36 -1.83
N SER E 191 -37.43 -9.56 -2.33
CA SER E 191 -38.58 -9.17 -1.54
C SER E 191 -39.67 -10.25 -1.46
N ARG E 192 -39.84 -11.00 -2.54
CA ARG E 192 -40.86 -12.08 -2.62
C ARG E 192 -40.39 -13.54 -2.41
N THR E 193 -39.17 -13.75 -1.91
CA THR E 193 -38.65 -15.11 -1.67
C THR E 193 -38.89 -15.55 -0.20
N SER E 194 -39.57 -16.69 -0.04
CA SER E 194 -39.88 -17.24 1.29
C SER E 194 -38.99 -18.47 1.57
N VAL E 195 -38.27 -18.43 2.69
CA VAL E 195 -37.39 -19.52 3.11
C VAL E 195 -37.69 -19.93 4.55
N PRO E 196 -38.26 -21.14 4.74
CA PRO E 196 -38.52 -21.58 6.10
C PRO E 196 -37.19 -21.87 6.80
N VAL E 197 -37.11 -21.58 8.10
CA VAL E 197 -35.91 -21.86 8.87
C VAL E 197 -36.35 -22.49 10.18
N ILE E 198 -35.82 -23.67 10.49
CA ILE E 198 -36.22 -24.37 11.71
C ILE E 198 -35.04 -24.65 12.65
N GLY E 199 -35.37 -25.11 13.85
CA GLY E 199 -34.38 -25.49 14.85
C GLY E 199 -34.12 -24.45 15.91
N GLY E 200 -32.90 -23.91 15.92
CA GLY E 200 -32.50 -22.90 16.87
C GLY E 200 -31.92 -21.68 16.18
N HIS E 201 -31.30 -20.82 16.98
CA HIS E 201 -30.77 -19.54 16.50
C HIS E 201 -29.24 -19.43 16.48
N SER E 202 -28.54 -20.56 16.58
CA SER E 202 -27.07 -20.52 16.56
C SER E 202 -26.41 -21.77 16.01
N GLY E 203 -25.34 -21.54 15.23
CA GLY E 203 -24.52 -22.59 14.64
C GLY E 203 -25.28 -23.66 13.91
N VAL E 204 -25.00 -24.92 14.25
CA VAL E 204 -25.64 -26.06 13.60
C VAL E 204 -27.13 -26.20 13.92
N THR E 205 -27.65 -25.40 14.87
CA THR E 205 -29.09 -25.46 15.18
C THR E 205 -29.92 -24.68 14.13
N ILE E 206 -29.28 -23.79 13.37
CA ILE E 206 -29.99 -23.02 12.34
C ILE E 206 -30.12 -23.89 11.10
N LEU E 207 -31.35 -24.29 10.77
CA LEU E 207 -31.58 -25.16 9.61
C LEU E 207 -32.54 -24.57 8.60
N PRO E 208 -32.00 -23.92 7.53
CA PRO E 208 -32.87 -23.36 6.49
C PRO E 208 -33.36 -24.48 5.60
N LEU E 209 -34.66 -24.50 5.34
CA LEU E 209 -35.26 -25.54 4.52
C LEU E 209 -35.22 -25.12 3.07
N LEU E 210 -34.02 -25.19 2.49
CA LEU E 210 -33.79 -24.79 1.10
C LEU E 210 -34.58 -25.62 0.08
N SER E 211 -34.88 -26.88 0.42
CA SER E 211 -35.67 -27.75 -0.48
C SER E 211 -37.12 -27.28 -0.62
N GLN E 212 -37.60 -26.47 0.33
CA GLN E 212 -38.98 -25.96 0.26
C GLN E 212 -39.10 -24.62 -0.46
N VAL E 213 -37.98 -24.06 -0.93
CA VAL E 213 -37.98 -22.80 -1.67
C VAL E 213 -38.47 -23.04 -3.11
N GLN E 214 -39.48 -22.29 -3.52
CA GLN E 214 -40.05 -22.42 -4.88
C GLN E 214 -39.17 -21.70 -5.90
N TYR E 215 -39.22 -22.19 -7.13
CA TYR E 215 -38.49 -21.61 -8.28
C TYR E 215 -36.97 -21.66 -8.16
N ALA E 216 -36.47 -22.45 -7.22
CA ALA E 216 -35.04 -22.58 -7.01
C ALA E 216 -34.64 -23.98 -7.45
N LYS E 217 -33.76 -24.04 -8.45
CA LYS E 217 -33.25 -25.31 -8.97
C LYS E 217 -31.86 -25.57 -8.32
N TRP E 218 -31.86 -26.42 -7.30
CA TRP E 218 -30.64 -26.72 -6.55
C TRP E 218 -29.75 -27.79 -7.16
N ASN E 219 -28.46 -27.65 -6.88
CA ASN E 219 -27.43 -28.59 -7.27
C ASN E 219 -27.00 -29.13 -5.91
N GLU E 220 -26.69 -30.43 -5.81
CA GLU E 220 -26.25 -31.01 -4.52
C GLU E 220 -25.15 -30.18 -3.85
N ASP E 221 -24.15 -29.81 -4.65
CA ASP E 221 -23.00 -29.02 -4.16
C ASP E 221 -23.29 -27.58 -3.68
N GLU E 222 -24.45 -27.00 -4.04
CA GLU E 222 -24.83 -25.65 -3.60
C GLU E 222 -25.48 -25.65 -2.21
N ILE E 223 -26.14 -26.75 -1.86
CA ILE E 223 -26.86 -26.92 -0.58
C ILE E 223 -26.02 -26.74 0.68
N GLU E 224 -24.95 -27.51 0.81
CA GLU E 224 -24.13 -27.47 2.02
C GLU E 224 -23.38 -26.13 2.25
N PRO E 225 -22.72 -25.56 1.23
CA PRO E 225 -22.05 -24.27 1.45
C PRO E 225 -23.02 -23.12 1.76
N LEU E 226 -24.21 -23.15 1.15
CA LEU E 226 -25.21 -22.13 1.41
C LEU E 226 -25.77 -22.29 2.83
N THR E 227 -26.04 -23.53 3.22
CA THR E 227 -26.50 -23.82 4.59
C THR E 227 -25.47 -23.32 5.60
N LYS E 228 -24.19 -23.64 5.38
CA LYS E 228 -23.12 -23.18 6.27
C LYS E 228 -22.94 -21.65 6.26
N ARG E 229 -23.16 -21.01 5.11
CA ARG E 229 -23.03 -19.55 5.02
C ARG E 229 -24.10 -18.89 5.90
N ILE E 230 -25.31 -19.46 5.86
CA ILE E 230 -26.41 -18.97 6.66
C ILE E 230 -26.14 -19.19 8.17
N GLN E 231 -25.69 -20.39 8.52
CA GLN E 231 -25.38 -20.74 9.91
C GLN E 231 -24.26 -19.89 10.53
N ASN E 232 -23.29 -19.49 9.72
CA ASN E 232 -22.13 -18.72 10.18
C ASN E 232 -22.15 -17.25 9.74
N ALA E 233 -23.30 -16.80 9.25
CA ALA E 233 -23.44 -15.41 8.76
C ALA E 233 -22.98 -14.33 9.73
N GLY E 234 -23.14 -14.58 11.03
CA GLY E 234 -22.74 -13.60 12.05
C GLY E 234 -21.26 -13.32 12.01
N THR E 235 -20.49 -14.34 11.68
CA THR E 235 -19.03 -14.24 11.59
C THR E 235 -18.60 -13.30 10.45
N GLU E 236 -19.36 -13.29 9.34
CA GLU E 236 -19.05 -12.38 8.22
C GLU E 236 -19.06 -10.93 8.72
N VAL E 237 -19.93 -10.63 9.70
CA VAL E 237 -20.03 -9.28 10.27
C VAL E 237 -18.93 -9.06 11.31
N LEU E 238 -18.70 -10.05 12.17
CA LEU E 238 -17.66 -9.96 13.21
C LEU E 238 -16.24 -9.89 12.64
N ASN E 239 -16.00 -10.66 11.58
CA ASN E 239 -14.68 -10.72 10.96
C ASN E 239 -14.59 -9.90 9.67
N ALA E 240 -15.39 -8.85 9.58
CA ALA E 240 -15.38 -8.00 8.39
C ALA E 240 -14.03 -7.28 8.29
N LYS E 241 -13.75 -6.76 7.11
CA LYS E 241 -12.50 -6.05 6.84
C LYS E 241 -12.26 -4.88 7.82
N ALA E 242 -10.98 -4.65 8.14
CA ALA E 242 -10.53 -3.55 9.02
C ALA E 242 -10.75 -3.71 10.54
N GLY E 243 -11.49 -4.74 10.98
CA GLY E 243 -11.74 -4.93 12.41
C GLY E 243 -13.05 -5.63 12.75
N GLY E 244 -14.07 -5.33 11.94
CA GLY E 244 -15.39 -5.91 12.10
C GLY E 244 -16.28 -5.14 13.06
N GLY E 245 -17.51 -5.65 13.21
CA GLY E 245 -18.49 -5.07 14.13
C GLY E 245 -19.53 -6.11 14.52
N SER E 246 -20.61 -5.64 15.14
CA SER E 246 -21.71 -6.52 15.52
C SER E 246 -22.88 -6.32 14.54
N ALA E 247 -23.72 -7.33 14.42
CA ALA E 247 -24.89 -7.29 13.51
C ALA E 247 -26.08 -6.55 14.15
N THR E 248 -25.88 -5.28 14.43
CA THR E 248 -26.90 -4.46 15.11
C THR E 248 -28.15 -4.14 14.29
N LEU E 249 -27.92 -3.60 13.10
CA LEU E 249 -28.97 -3.12 12.22
C LEU E 249 -29.86 -4.22 11.61
N SER E 250 -29.29 -5.31 11.10
CA SER E 250 -30.12 -6.41 10.59
C SER E 250 -30.88 -7.11 11.75
N MET E 251 -30.27 -7.14 12.94
CA MET E 251 -30.92 -7.73 14.11
C MET E 251 -32.14 -6.90 14.50
N ALA E 252 -32.04 -5.58 14.36
CA ALA E 252 -33.15 -4.68 14.69
C ALA E 252 -34.30 -4.85 13.69
N GLN E 253 -33.97 -4.94 12.40
CA GLN E 253 -35.00 -5.11 11.37
C GLN E 253 -35.67 -6.47 11.51
N ALA E 254 -34.90 -7.49 11.88
CA ALA E 254 -35.47 -8.81 12.07
C ALA E 254 -36.45 -8.79 13.23
N ALA E 255 -36.11 -8.05 14.27
CA ALA E 255 -36.97 -7.94 15.41
C ALA E 255 -38.23 -7.13 15.05
N ALA E 256 -38.04 -6.04 14.30
CA ALA E 256 -39.16 -5.19 13.90
C ALA E 256 -40.15 -5.97 13.04
N ARG E 257 -39.63 -6.80 12.16
CA ARG E 257 -40.45 -7.65 11.30
C ARG E 257 -41.25 -8.68 12.11
N PHE E 258 -40.61 -9.27 13.13
CA PHE E 258 -41.28 -10.23 13.99
C PHE E 258 -42.38 -9.54 14.79
N ALA E 259 -42.03 -8.39 15.35
CA ALA E 259 -42.98 -7.58 16.14
C ALA E 259 -44.21 -7.23 15.31
N ARG E 260 -44.00 -6.90 14.04
N ARG E 260 -44.00 -6.89 14.04
CA ARG E 260 -45.09 -6.56 13.13
CA ARG E 260 -45.10 -6.56 13.15
C ARG E 260 -46.05 -7.74 12.93
C ARG E 260 -46.06 -7.73 12.94
N SER E 261 -45.49 -8.92 12.74
CA SER E 261 -46.31 -10.13 12.57
C SER E 261 -47.05 -10.43 13.87
N LEU E 262 -46.37 -10.21 14.98
CA LEU E 262 -46.94 -10.45 16.30
C LEU E 262 -48.14 -9.52 16.53
N VAL E 263 -47.96 -8.23 16.21
CA VAL E 263 -49.03 -7.25 16.33
C VAL E 263 -50.19 -7.57 15.37
N LYS E 264 -49.87 -7.97 14.14
CA LYS E 264 -50.89 -8.35 13.18
C LYS E 264 -51.72 -9.51 13.73
N GLY E 265 -51.03 -10.51 14.26
CA GLY E 265 -51.71 -11.68 14.82
C GLY E 265 -52.62 -11.32 15.99
N LEU E 266 -52.12 -10.46 16.88
CA LEU E 266 -52.90 -10.03 18.03
C LEU E 266 -54.12 -9.21 17.60
N SER E 267 -54.08 -8.58 16.43
CA SER E 267 -55.17 -7.76 15.92
C SER E 267 -56.23 -8.55 15.15
N GLY E 268 -55.98 -9.85 14.89
CA GLY E 268 -56.93 -10.71 14.17
C GLY E 268 -56.53 -11.15 12.76
N GLU E 269 -55.39 -10.67 12.26
CA GLU E 269 -54.92 -11.06 10.91
C GLU E 269 -54.20 -12.40 10.97
N THR E 270 -54.28 -13.16 9.89
CA THR E 270 -53.62 -14.45 9.83
C THR E 270 -52.20 -14.24 9.33
N VAL E 271 -51.23 -14.71 10.10
CA VAL E 271 -49.84 -14.62 9.69
C VAL E 271 -49.06 -15.81 10.24
N VAL E 272 -48.11 -16.29 9.45
CA VAL E 272 -47.24 -17.38 9.82
C VAL E 272 -45.77 -16.90 9.87
N GLU E 273 -45.08 -17.29 10.95
CA GLU E 273 -43.68 -16.95 11.16
C GLU E 273 -42.91 -18.12 11.75
N CYS E 274 -41.67 -18.28 11.31
CA CYS E 274 -40.78 -19.27 11.92
C CYS E 274 -40.27 -18.68 13.22
N THR E 275 -40.59 -19.34 14.33
CA THR E 275 -40.18 -18.85 15.65
C THR E 275 -40.00 -19.97 16.68
N TYR E 276 -39.12 -19.72 17.63
CA TYR E 276 -38.72 -20.65 18.68
C TYR E 276 -39.74 -20.64 19.81
N VAL E 277 -40.48 -21.72 19.92
CA VAL E 277 -41.54 -21.84 20.92
C VAL E 277 -41.58 -23.20 21.61
N GLU E 278 -42.23 -23.23 22.77
CA GLU E 278 -42.41 -24.50 23.47
C GLU E 278 -43.58 -25.20 22.78
N GLY E 279 -43.25 -26.22 21.98
CA GLY E 279 -44.23 -26.96 21.20
C GLY E 279 -44.45 -28.38 21.68
N ASP E 280 -44.68 -29.29 20.73
CA ASP E 280 -44.94 -30.71 21.03
C ASP E 280 -43.74 -31.45 21.65
N GLY E 281 -42.54 -30.87 21.54
CA GLY E 281 -41.34 -31.47 22.11
C GLY E 281 -40.79 -32.70 21.39
N LYS E 282 -41.19 -32.86 20.13
CA LYS E 282 -40.77 -33.97 19.28
C LYS E 282 -39.26 -33.96 19.06
N TYR E 283 -38.68 -32.76 18.95
CA TYR E 283 -37.23 -32.62 18.72
C TYR E 283 -36.53 -32.07 19.97
N ALA E 284 -37.14 -31.08 20.60
CA ALA E 284 -36.63 -30.48 21.83
C ALA E 284 -37.77 -29.69 22.47
N ARG E 285 -37.66 -29.44 23.77
CA ARG E 285 -38.70 -28.69 24.50
C ARG E 285 -39.08 -27.41 23.77
N PHE E 286 -38.07 -26.63 23.39
CA PHE E 286 -38.24 -25.40 22.62
C PHE E 286 -37.70 -25.74 21.26
N PHE E 287 -38.37 -25.27 20.22
CA PHE E 287 -37.94 -25.57 18.86
C PHE E 287 -38.58 -24.56 17.90
N SER E 288 -37.79 -24.08 16.95
CA SER E 288 -38.28 -23.12 15.95
C SER E 288 -38.87 -23.84 14.74
N GLN E 289 -40.11 -23.48 14.43
CA GLN E 289 -40.83 -24.05 13.30
C GLN E 289 -41.91 -23.06 12.91
N PRO E 290 -42.59 -23.30 11.77
CA PRO E 290 -43.63 -22.33 11.40
C PRO E 290 -44.77 -22.26 12.43
N VAL E 291 -45.19 -21.03 12.75
CA VAL E 291 -46.24 -20.82 13.72
C VAL E 291 -47.25 -19.79 13.22
N ARG E 292 -48.53 -20.17 13.13
CA ARG E 292 -49.58 -19.22 12.79
C ARG E 292 -49.85 -18.43 14.07
N LEU E 293 -49.75 -17.11 13.97
CA LEU E 293 -49.97 -16.24 15.10
C LEU E 293 -51.42 -15.79 15.19
N GLY E 294 -51.93 -15.69 16.41
CA GLY E 294 -53.31 -15.30 16.67
C GLY E 294 -53.47 -14.33 17.82
N LYS E 295 -54.72 -14.21 18.27
CA LYS E 295 -55.08 -13.28 19.34
C LYS E 295 -54.49 -13.65 20.70
N GLU E 296 -54.04 -14.89 20.85
CA GLU E 296 -53.44 -15.33 22.11
C GLU E 296 -51.94 -15.57 21.98
N GLY E 297 -51.36 -15.11 20.86
CA GLY E 297 -49.94 -15.33 20.58
C GLY E 297 -49.90 -16.50 19.61
N VAL E 298 -49.41 -17.65 20.06
CA VAL E 298 -49.39 -18.85 19.22
C VAL E 298 -50.84 -19.30 18.98
N GLU E 299 -51.23 -19.43 17.71
CA GLU E 299 -52.58 -19.91 17.34
C GLU E 299 -52.47 -21.41 17.00
N GLU E 300 -51.43 -21.76 16.24
CA GLU E 300 -51.15 -23.16 15.91
C GLU E 300 -49.69 -23.31 15.47
N ILE E 301 -49.03 -24.31 16.04
CA ILE E 301 -47.65 -24.64 15.70
C ILE E 301 -47.79 -25.65 14.56
N LEU E 302 -47.30 -25.28 13.39
CA LEU E 302 -47.44 -26.11 12.21
C LEU E 302 -46.28 -27.07 12.05
N PRO E 303 -46.53 -28.21 11.37
CA PRO E 303 -45.43 -29.14 11.12
C PRO E 303 -44.34 -28.54 10.21
N ILE E 304 -43.14 -29.08 10.31
CA ILE E 304 -42.00 -28.59 9.51
C ILE E 304 -42.11 -28.86 8.01
N GLY E 305 -43.00 -29.77 7.63
CA GLY E 305 -43.21 -30.11 6.21
C GLY E 305 -42.19 -31.13 5.75
N PRO E 306 -42.16 -31.45 4.43
CA PRO E 306 -41.20 -32.46 3.96
C PRO E 306 -39.76 -31.94 3.97
N LEU E 307 -38.83 -32.84 4.33
CA LEU E 307 -37.41 -32.52 4.38
C LEU E 307 -36.63 -33.40 3.42
N SER E 308 -35.58 -32.84 2.81
CA SER E 308 -34.69 -33.64 1.97
C SER E 308 -33.83 -34.46 2.92
N ASN E 309 -33.04 -35.39 2.39
CA ASN E 309 -32.15 -36.21 3.23
C ASN E 309 -31.12 -35.36 3.97
N PHE E 310 -30.59 -34.34 3.31
CA PHE E 310 -29.63 -33.44 3.94
C PHE E 310 -30.24 -32.76 5.16
N GLU E 311 -31.45 -32.24 4.99
CA GLU E 311 -32.16 -31.52 6.07
C GLU E 311 -32.49 -32.43 7.24
N GLN E 312 -32.94 -33.64 6.92
CA GLN E 312 -33.26 -34.63 7.94
C GLN E 312 -31.99 -34.94 8.78
N GLN E 313 -30.84 -35.11 8.10
CA GLN E 313 -29.59 -35.39 8.82
C GLN E 313 -29.11 -34.19 9.65
N ALA E 314 -29.31 -32.96 9.14
CA ALA E 314 -28.91 -31.77 9.90
C ALA E 314 -29.77 -31.61 11.13
N LEU E 315 -31.05 -31.99 11.00
CA LEU E 315 -32.00 -31.94 12.12
C LEU E 315 -31.56 -32.89 13.23
N GLU E 316 -31.29 -34.15 12.88
CA GLU E 316 -30.84 -35.15 13.85
C GLU E 316 -29.54 -34.74 14.56
N ASN E 317 -28.57 -34.23 13.79
CA ASN E 317 -27.25 -33.82 14.33
C ASN E 317 -27.35 -32.63 15.29
N MET E 318 -28.45 -31.89 15.17
CA MET E 318 -28.73 -30.71 15.99
C MET E 318 -29.28 -31.02 17.39
N LEU E 319 -30.04 -32.12 17.51
CA LEU E 319 -30.75 -32.44 18.77
C LEU E 319 -29.95 -32.31 20.10
N PRO E 320 -28.72 -32.87 20.16
CA PRO E 320 -27.95 -32.74 21.40
C PRO E 320 -27.54 -31.29 21.73
N THR E 321 -27.31 -30.46 20.73
CA THR E 321 -26.91 -29.06 20.97
C THR E 321 -28.08 -28.24 21.52
N LEU E 322 -29.27 -28.45 20.97
CA LEU E 322 -30.46 -27.73 21.46
C LEU E 322 -30.78 -28.12 22.89
N ARG E 323 -30.79 -29.43 23.15
CA ARG E 323 -31.08 -29.94 24.47
C ARG E 323 -30.16 -29.31 25.51
N ALA E 324 -28.86 -29.29 25.23
CA ALA E 324 -27.88 -28.69 26.14
C ALA E 324 -28.08 -27.16 26.26
N ASP E 325 -28.37 -26.48 25.15
CA ASP E 325 -28.61 -25.02 25.19
C ASP E 325 -29.82 -24.69 26.08
N ILE E 326 -30.86 -25.52 25.96
CA ILE E 326 -32.09 -25.38 26.75
C ILE E 326 -31.81 -25.65 28.23
N GLU E 327 -31.20 -26.81 28.53
CA GLU E 327 -30.88 -27.19 29.91
C GLU E 327 -30.04 -26.14 30.65
N LEU E 328 -29.19 -25.46 29.90
CA LEU E 328 -28.34 -24.42 30.46
C LEU E 328 -29.21 -23.29 31.02
N GLY E 329 -30.25 -22.92 30.29
CA GLY E 329 -31.19 -21.88 30.72
C GLY E 329 -32.07 -22.34 31.86
N GLU E 330 -32.53 -23.59 31.78
CA GLU E 330 -33.35 -24.19 32.82
C GLU E 330 -32.59 -24.22 34.14
N LYS E 331 -31.37 -24.76 34.08
CA LYS E 331 -30.50 -24.85 35.26
C LYS E 331 -30.10 -23.47 35.83
N PHE E 332 -30.07 -22.45 34.99
CA PHE E 332 -29.73 -21.11 35.49
C PHE E 332 -30.78 -20.62 36.50
N ILE E 333 -32.03 -21.00 36.29
CA ILE E 333 -33.12 -20.59 37.19
C ILE E 333 -33.43 -21.65 38.26
N ASN E 334 -33.37 -22.92 37.89
CA ASN E 334 -33.71 -24.02 38.81
C ASN E 334 -32.54 -24.59 39.63
N GLY E 335 -31.32 -24.38 39.15
CA GLY E 335 -30.13 -24.88 39.85
C GLY E 335 -29.91 -26.37 39.64
N SER F 22 -31.82 2.67 -17.39
CA SER F 22 -30.70 1.68 -17.46
C SER F 22 -29.81 1.74 -16.21
N ASN F 23 -29.27 2.92 -15.92
CA ASN F 23 -28.36 3.12 -14.77
C ASN F 23 -29.08 3.61 -13.50
N ALA F 24 -28.79 2.94 -12.38
CA ALA F 24 -29.35 3.30 -11.09
C ALA F 24 -28.34 4.20 -10.36
N MET F 25 -28.85 5.00 -9.43
CA MET F 25 -28.03 5.94 -8.68
C MET F 25 -27.12 5.25 -7.67
N LYS F 26 -26.14 6.02 -7.19
CA LYS F 26 -25.24 5.57 -6.15
C LYS F 26 -25.25 6.65 -5.08
N VAL F 27 -25.57 6.25 -3.86
CA VAL F 27 -25.63 7.17 -2.73
C VAL F 27 -24.50 6.81 -1.79
N ALA F 28 -23.69 7.80 -1.43
CA ALA F 28 -22.58 7.60 -0.51
C ALA F 28 -22.87 8.30 0.79
N VAL F 29 -22.52 7.65 1.90
CA VAL F 29 -22.69 8.23 3.23
C VAL F 29 -21.32 8.34 3.89
N LEU F 30 -20.93 9.57 4.22
CA LEU F 30 -19.65 9.84 4.90
C LEU F 30 -19.99 10.14 6.37
N GLY F 31 -19.48 9.30 7.27
CA GLY F 31 -19.76 9.40 8.71
C GLY F 31 -20.72 8.28 9.10
N ALA F 32 -20.65 7.17 8.37
CA ALA F 32 -21.54 6.03 8.52
C ALA F 32 -21.41 5.18 9.80
N ALA F 33 -20.38 5.39 10.60
CA ALA F 33 -20.18 4.60 11.81
C ALA F 33 -20.82 5.22 13.05
N GLY F 34 -21.10 6.52 12.98
CA GLY F 34 -21.71 7.24 14.10
C GLY F 34 -23.18 6.93 14.29
N GLY F 35 -23.80 7.67 15.22
CA GLY F 35 -25.20 7.49 15.57
C GLY F 35 -26.13 7.72 14.40
N ILE F 36 -26.01 8.91 13.80
CA ILE F 36 -26.82 9.25 12.65
C ILE F 36 -26.51 8.30 11.49
N GLY F 37 -25.22 8.04 11.27
CA GLY F 37 -24.76 7.23 10.16
C GLY F 37 -25.26 5.80 10.04
N GLN F 38 -25.20 5.07 11.14
CA GLN F 38 -25.65 3.68 11.14
C GLN F 38 -27.15 3.61 10.93
N ALA F 39 -27.88 4.50 11.62
CA ALA F 39 -29.33 4.55 11.49
C ALA F 39 -29.68 4.93 10.05
N LEU F 40 -28.94 5.89 9.49
CA LEU F 40 -29.15 6.33 8.12
C LEU F 40 -28.87 5.21 7.12
N ALA F 41 -27.78 4.49 7.34
CA ALA F 41 -27.46 3.32 6.50
C ALA F 41 -28.62 2.31 6.52
N LEU F 42 -29.16 2.04 7.70
CA LEU F 42 -30.29 1.11 7.85
C LEU F 42 -31.51 1.54 7.05
N LEU F 43 -31.86 2.82 7.21
CA LEU F 43 -33.04 3.38 6.55
C LEU F 43 -32.88 3.44 5.04
N LEU F 44 -31.70 3.80 4.57
CA LEU F 44 -31.44 3.85 3.12
C LEU F 44 -31.54 2.44 2.49
N LYS F 45 -31.02 1.44 3.20
CA LYS F 45 -31.12 0.06 2.70
C LYS F 45 -32.59 -0.32 2.54
N LEU F 46 -33.41 0.14 3.49
CA LEU F 46 -34.85 -0.17 3.48
C LEU F 46 -35.72 0.72 2.58
N GLN F 47 -35.29 1.95 2.34
CA GLN F 47 -36.12 2.90 1.63
C GLN F 47 -35.68 3.30 0.21
N LEU F 48 -34.41 3.18 -0.13
CA LEU F 48 -33.97 3.57 -1.49
C LEU F 48 -34.58 2.65 -2.55
N PRO F 49 -34.74 3.16 -3.80
CA PRO F 49 -35.30 2.35 -4.87
C PRO F 49 -34.48 1.11 -5.21
N ALA F 50 -35.15 0.08 -5.70
CA ALA F 50 -34.52 -1.18 -6.13
C ALA F 50 -33.42 -0.91 -7.16
N GLY F 51 -32.24 -1.49 -6.97
CA GLY F 51 -31.11 -1.31 -7.88
C GLY F 51 -30.12 -0.22 -7.47
N THR F 52 -30.47 0.59 -6.46
CA THR F 52 -29.61 1.68 -6.01
C THR F 52 -28.37 1.16 -5.27
N ASP F 53 -27.23 1.82 -5.49
CA ASP F 53 -25.98 1.47 -4.81
C ASP F 53 -25.81 2.40 -3.60
N LEU F 54 -25.45 1.80 -2.46
CA LEU F 54 -25.21 2.53 -1.22
C LEU F 54 -23.77 2.26 -0.80
N SER F 55 -23.02 3.34 -0.61
CA SER F 55 -21.62 3.28 -0.25
C SER F 55 -21.48 3.93 1.11
N LEU F 56 -20.84 3.22 2.04
CA LEU F 56 -20.67 3.71 3.40
C LEU F 56 -19.19 3.94 3.76
N TYR F 57 -18.91 5.12 4.31
CA TYR F 57 -17.55 5.47 4.73
C TYR F 57 -17.46 6.16 6.09
N ASP F 58 -16.38 5.88 6.82
CA ASP F 58 -16.08 6.51 8.10
C ASP F 58 -14.66 6.10 8.47
N ILE F 59 -13.94 6.95 9.21
CA ILE F 59 -12.60 6.63 9.70
C ILE F 59 -12.62 5.33 10.48
N ALA F 60 -13.61 5.20 11.35
CA ALA F 60 -13.78 4.03 12.22
C ALA F 60 -13.72 2.70 11.43
N PRO F 61 -12.92 1.73 11.91
CA PRO F 61 -12.81 0.46 11.18
C PRO F 61 -14.02 -0.46 11.25
N VAL F 62 -15.04 -0.07 12.01
CA VAL F 62 -16.26 -0.86 12.11
C VAL F 62 -17.11 -0.73 10.82
N THR F 63 -16.85 0.33 10.03
CA THR F 63 -17.64 0.64 8.83
C THR F 63 -17.89 -0.48 7.80
N PRO F 64 -16.85 -1.23 7.40
CA PRO F 64 -17.15 -2.31 6.45
C PRO F 64 -18.09 -3.35 7.07
N GLY F 65 -18.00 -3.52 8.39
CA GLY F 65 -18.88 -4.42 9.13
C GLY F 65 -20.31 -3.92 9.12
N VAL F 66 -20.48 -2.60 9.22
CA VAL F 66 -21.81 -1.99 9.18
C VAL F 66 -22.48 -2.32 7.85
N ALA F 67 -21.72 -2.22 6.78
CA ALA F 67 -22.21 -2.53 5.44
C ALA F 67 -22.59 -4.01 5.32
N VAL F 68 -21.78 -4.90 5.87
CA VAL F 68 -22.07 -6.35 5.81
C VAL F 68 -23.35 -6.65 6.59
N ASP F 69 -23.47 -5.99 7.73
CA ASP F 69 -24.65 -6.06 8.61
C ASP F 69 -25.91 -5.70 7.82
N VAL F 70 -25.90 -4.51 7.25
N VAL F 70 -25.95 -4.49 7.26
CA VAL F 70 -27.01 -3.98 6.48
CA VAL F 70 -27.14 -4.07 6.50
C VAL F 70 -27.29 -4.82 5.21
C VAL F 70 -27.32 -4.85 5.19
N SER F 71 -26.24 -5.42 4.65
CA SER F 71 -26.36 -6.23 3.42
C SER F 71 -27.15 -7.53 3.65
N HIS F 72 -27.37 -7.92 4.91
CA HIS F 72 -28.16 -9.12 5.19
C HIS F 72 -29.67 -8.88 5.21
N ILE F 73 -30.07 -7.61 5.13
CA ILE F 73 -31.47 -7.24 5.08
C ILE F 73 -31.95 -7.45 3.64
N PRO F 74 -33.00 -8.25 3.45
CA PRO F 74 -33.45 -8.55 2.08
C PRO F 74 -34.14 -7.42 1.32
N THR F 75 -33.36 -6.51 0.73
CA THR F 75 -33.89 -5.48 -0.16
C THR F 75 -32.96 -5.44 -1.36
N ALA F 76 -33.47 -4.99 -2.50
CA ALA F 76 -32.67 -4.92 -3.73
C ALA F 76 -31.71 -3.70 -3.81
N VAL F 77 -31.24 -3.20 -2.67
CA VAL F 77 -30.27 -2.10 -2.63
C VAL F 77 -28.93 -2.74 -2.31
N ASN F 78 -27.91 -2.42 -3.10
CA ASN F 78 -26.58 -2.98 -2.91
C ASN F 78 -25.76 -2.07 -2.00
N VAL F 79 -25.07 -2.66 -1.03
CA VAL F 79 -24.33 -1.87 -0.05
C VAL F 79 -22.89 -2.34 0.12
N LYS F 80 -21.97 -1.38 0.25
CA LYS F 80 -20.53 -1.64 0.44
C LYS F 80 -19.96 -0.64 1.42
N GLY F 81 -19.04 -1.09 2.28
CA GLY F 81 -18.46 -0.25 3.32
C GLY F 81 -16.97 -0.07 3.19
N PHE F 82 -16.49 1.10 3.62
CA PHE F 82 -15.07 1.44 3.52
C PHE F 82 -14.61 2.18 4.78
N SER F 83 -13.35 1.97 5.18
CA SER F 83 -12.78 2.65 6.34
C SER F 83 -11.39 3.19 5.98
N GLY F 84 -10.67 3.68 6.97
CA GLY F 84 -9.35 4.25 6.73
C GLY F 84 -9.43 5.75 6.52
N GLU F 85 -8.29 6.34 6.21
CA GLU F 85 -8.15 7.79 6.07
C GLU F 85 -8.66 8.41 4.75
N ASP F 86 -8.80 7.60 3.70
CA ASP F 86 -9.21 8.10 2.38
C ASP F 86 -10.60 7.59 1.94
N PRO F 87 -11.59 8.51 1.81
CA PRO F 87 -12.95 8.13 1.37
C PRO F 87 -13.12 7.95 -0.15
N THR F 88 -12.05 8.18 -0.92
CA THR F 88 -12.09 8.06 -2.39
C THR F 88 -12.82 6.80 -2.93
N PRO F 89 -12.47 5.59 -2.45
CA PRO F 89 -13.16 4.38 -2.95
C PRO F 89 -14.67 4.40 -2.75
N ALA F 90 -15.13 5.04 -1.68
CA ALA F 90 -16.57 5.14 -1.40
C ALA F 90 -17.28 6.17 -2.28
N LEU F 91 -16.54 7.20 -2.70
CA LEU F 91 -17.09 8.30 -3.51
C LEU F 91 -17.15 8.07 -5.04
N GLU F 92 -16.40 7.08 -5.55
CA GLU F 92 -16.34 6.77 -6.99
C GLU F 92 -17.72 6.50 -7.60
N GLY F 93 -18.12 7.37 -8.52
CA GLY F 93 -19.41 7.25 -9.21
C GLY F 93 -20.62 7.63 -8.38
N ALA F 94 -20.40 8.35 -7.28
CA ALA F 94 -21.51 8.76 -6.41
C ALA F 94 -22.32 9.89 -7.05
N ASP F 95 -23.65 9.74 -7.00
CA ASP F 95 -24.58 10.73 -7.54
C ASP F 95 -25.07 11.63 -6.42
N VAL F 96 -25.14 11.04 -5.22
CA VAL F 96 -25.54 11.74 -4.02
C VAL F 96 -24.52 11.43 -2.92
N VAL F 97 -24.09 12.47 -2.20
CA VAL F 97 -23.16 12.31 -1.11
C VAL F 97 -23.75 12.96 0.14
N LEU F 98 -24.01 12.13 1.16
CA LEU F 98 -24.54 12.61 2.42
C LEU F 98 -23.40 12.65 3.44
N ILE F 99 -23.20 13.80 4.06
CA ILE F 99 -22.13 14.01 5.05
C ILE F 99 -22.68 14.23 6.47
N SER F 100 -22.54 13.21 7.32
CA SER F 100 -22.96 13.27 8.73
C SER F 100 -21.76 13.06 9.67
N ALA F 101 -20.55 13.11 9.12
CA ALA F 101 -19.32 12.94 9.91
C ALA F 101 -19.15 14.10 10.90
N GLY F 102 -18.32 13.91 11.90
CA GLY F 102 -18.06 14.93 12.92
C GLY F 102 -18.68 14.57 14.25
N VAL F 103 -18.33 15.35 15.27
N VAL F 103 -18.33 15.35 15.28
CA VAL F 103 -18.81 15.13 16.64
CA VAL F 103 -18.84 15.13 16.63
C VAL F 103 -20.18 15.80 16.87
C VAL F 103 -20.21 15.76 16.82
N ALA F 104 -20.98 15.21 17.76
CA ALA F 104 -22.31 15.73 18.10
C ALA F 104 -22.22 16.69 19.29
N ARG F 105 -23.33 17.38 19.57
CA ARG F 105 -23.39 18.38 20.64
C ARG F 105 -23.46 17.77 22.06
N LYS F 106 -22.92 18.51 23.03
CA LYS F 106 -22.89 18.14 24.47
C LYS F 106 -23.79 19.08 25.29
N PRO F 107 -24.26 18.64 26.49
CA PRO F 107 -25.12 19.50 27.32
C PRO F 107 -24.47 20.85 27.67
N GLY F 108 -25.15 21.95 27.35
CA GLY F 108 -24.64 23.30 27.61
C GLY F 108 -24.14 24.03 26.36
N MET F 109 -23.65 23.27 25.38
CA MET F 109 -23.14 23.83 24.12
C MET F 109 -24.27 24.13 23.14
N ASP F 110 -24.03 25.13 22.28
CA ASP F 110 -24.94 25.50 21.21
C ASP F 110 -24.32 24.91 19.94
N ARG F 111 -25.05 24.99 18.82
CA ARG F 111 -24.55 24.46 17.54
C ARG F 111 -23.29 25.18 17.02
N SER F 112 -23.06 26.40 17.52
CA SER F 112 -21.88 27.19 17.15
C SER F 112 -20.56 26.63 17.73
N ASP F 113 -20.61 26.06 18.93
CA ASP F 113 -19.40 25.51 19.61
C ASP F 113 -18.72 24.34 18.89
N LEU F 114 -19.50 23.59 18.10
CA LEU F 114 -19.00 22.42 17.33
C LEU F 114 -18.10 22.80 16.16
N PHE F 115 -18.08 24.09 15.80
CA PHE F 115 -17.29 24.61 14.69
C PHE F 115 -15.82 24.15 14.67
N ASN F 116 -15.13 24.29 15.80
CA ASN F 116 -13.69 23.95 15.88
C ASN F 116 -13.34 22.56 15.38
N ILE F 117 -14.14 21.56 15.75
CA ILE F 117 -13.85 20.20 15.33
C ILE F 117 -14.40 19.87 13.94
N ASN F 118 -15.67 20.18 13.71
CA ASN F 118 -16.34 19.82 12.45
C ASN F 118 -15.95 20.61 11.18
N ALA F 119 -15.42 21.81 11.32
CA ALA F 119 -15.02 22.60 10.14
C ALA F 119 -13.97 21.86 9.31
N GLY F 120 -12.94 21.39 9.99
CA GLY F 120 -11.85 20.64 9.35
C GLY F 120 -12.28 19.30 8.78
N ILE F 121 -13.21 18.61 9.46
CA ILE F 121 -13.72 17.32 8.97
C ILE F 121 -14.46 17.55 7.66
N VAL F 122 -15.36 18.54 7.65
CA VAL F 122 -16.12 18.87 6.45
C VAL F 122 -15.18 19.28 5.32
N ARG F 123 -14.21 20.14 5.60
CA ARG F 123 -13.23 20.57 4.59
C ARG F 123 -12.51 19.37 3.97
N GLY F 124 -11.92 18.52 4.80
CA GLY F 124 -11.23 17.33 4.33
C GLY F 124 -12.09 16.45 3.45
N LEU F 125 -13.33 16.19 3.88
CA LEU F 125 -14.26 15.36 3.09
C LEU F 125 -14.66 16.00 1.76
N ILE F 126 -14.88 17.31 1.75
CA ILE F 126 -15.27 18.02 0.51
C ILE F 126 -14.11 18.11 -0.51
N GLU F 127 -12.87 18.16 -0.02
CA GLU F 127 -11.70 18.15 -0.90
C GLU F 127 -11.69 16.85 -1.71
N LYS F 128 -12.00 15.74 -1.05
CA LYS F 128 -12.06 14.43 -1.71
C LYS F 128 -13.21 14.41 -2.72
N VAL F 129 -14.34 15.02 -2.33
CA VAL F 129 -15.53 15.09 -3.18
C VAL F 129 -15.23 15.87 -4.45
N ALA F 130 -14.56 17.00 -4.30
CA ALA F 130 -14.22 17.87 -5.44
C ALA F 130 -13.38 17.15 -6.49
N VAL F 131 -12.52 16.23 -6.06
CA VAL F 131 -11.63 15.46 -6.93
C VAL F 131 -12.26 14.18 -7.51
N THR F 132 -12.88 13.38 -6.64
CA THR F 132 -13.47 12.08 -7.02
C THR F 132 -14.87 12.10 -7.65
N CYS F 133 -15.78 12.95 -7.14
CA CYS F 133 -17.16 13.04 -7.65
C CYS F 133 -17.73 14.46 -7.57
N PRO F 134 -17.15 15.40 -8.36
CA PRO F 134 -17.57 16.81 -8.36
C PRO F 134 -18.99 17.11 -8.87
N LYS F 135 -19.62 16.16 -9.57
CA LYS F 135 -20.99 16.35 -10.09
C LYS F 135 -22.07 15.69 -9.23
N ALA F 136 -21.69 15.19 -8.06
CA ALA F 136 -22.64 14.59 -7.15
C ALA F 136 -23.37 15.67 -6.37
N CYS F 137 -24.61 15.36 -5.96
CA CYS F 137 -25.36 16.27 -5.11
C CYS F 137 -24.90 16.00 -3.69
N VAL F 138 -24.44 17.04 -3.00
CA VAL F 138 -23.91 16.91 -1.64
C VAL F 138 -24.89 17.45 -0.63
N GLY F 139 -25.26 16.60 0.34
CA GLY F 139 -26.18 16.96 1.43
C GLY F 139 -25.44 17.01 2.74
N ILE F 140 -25.31 18.19 3.32
CA ILE F 140 -24.57 18.38 4.56
C ILE F 140 -25.50 18.29 5.75
N ILE F 141 -25.23 17.31 6.61
CA ILE F 141 -26.00 17.05 7.83
C ILE F 141 -25.20 17.57 9.02
N THR F 142 -23.88 17.39 8.94
CA THR F 142 -22.95 17.85 9.96
C THR F 142 -23.13 19.30 10.38
N ASN F 143 -23.41 19.52 11.67
CA ASN F 143 -23.59 20.87 12.23
C ASN F 143 -22.27 21.57 12.49
N PRO F 144 -22.27 22.92 12.49
CA PRO F 144 -23.44 23.77 12.23
C PRO F 144 -23.72 23.93 10.73
N VAL F 145 -24.85 23.40 10.27
CA VAL F 145 -25.22 23.42 8.83
C VAL F 145 -25.16 24.81 8.19
N ASN F 146 -25.65 25.84 8.89
CA ASN F 146 -25.60 27.22 8.34
C ASN F 146 -24.18 27.58 7.89
N THR F 147 -23.21 27.11 8.66
CA THR F 147 -21.80 27.39 8.44
C THR F 147 -21.05 26.33 7.63
N THR F 148 -21.22 25.05 7.96
CA THR F 148 -20.50 23.98 7.25
C THR F 148 -20.78 23.93 5.75
N VAL F 149 -21.99 24.33 5.37
CA VAL F 149 -22.35 24.40 3.96
C VAL F 149 -21.49 25.47 3.27
N ALA F 150 -21.25 26.59 3.96
CA ALA F 150 -20.42 27.67 3.40
C ALA F 150 -19.01 27.15 3.18
N ILE F 151 -18.50 26.43 4.17
CA ILE F 151 -17.18 25.81 4.07
C ILE F 151 -17.10 24.97 2.81
N ALA F 152 -18.08 24.08 2.63
CA ALA F 152 -18.16 23.18 1.47
C ALA F 152 -18.16 23.95 0.17
N ALA F 153 -18.96 25.02 0.10
CA ALA F 153 -19.03 25.85 -1.10
C ALA F 153 -17.67 26.44 -1.47
N GLU F 154 -16.92 26.90 -0.47
CA GLU F 154 -15.61 27.51 -0.70
C GLU F 154 -14.50 26.49 -1.04
N VAL F 155 -14.63 25.24 -0.57
CA VAL F 155 -13.66 24.20 -0.89
C VAL F 155 -13.86 23.81 -2.35
N LEU F 156 -15.12 23.72 -2.77
CA LEU F 156 -15.47 23.40 -4.14
C LEU F 156 -15.00 24.51 -5.09
N LYS F 157 -15.07 25.78 -4.65
CA LYS F 157 -14.60 26.92 -5.47
C LYS F 157 -13.08 26.92 -5.64
N LYS F 158 -12.34 26.52 -4.60
CA LYS F 158 -10.88 26.41 -4.72
C LYS F 158 -10.54 25.34 -5.74
N ALA F 159 -11.28 24.24 -5.71
CA ALA F 159 -11.08 23.13 -6.66
C ALA F 159 -11.60 23.48 -8.07
N GLY F 160 -12.29 24.61 -8.20
CA GLY F 160 -12.80 25.07 -9.50
C GLY F 160 -13.93 24.23 -10.06
N VAL F 161 -14.68 23.55 -9.19
CA VAL F 161 -15.79 22.69 -9.61
C VAL F 161 -17.13 23.04 -8.93
N TYR F 162 -17.21 24.20 -8.28
CA TYR F 162 -18.44 24.55 -7.56
C TYR F 162 -19.68 24.77 -8.46
N ASP F 163 -20.70 23.95 -8.21
CA ASP F 163 -22.00 24.02 -8.89
C ASP F 163 -23.07 24.22 -7.80
N LYS F 164 -23.60 25.45 -7.73
CA LYS F 164 -24.64 25.88 -6.76
C LYS F 164 -25.86 24.97 -6.68
N ARG F 165 -26.16 24.32 -7.79
CA ARG F 165 -27.30 23.42 -7.89
C ARG F 165 -27.09 22.10 -7.16
N LYS F 166 -25.84 21.78 -6.81
CA LYS F 166 -25.53 20.51 -6.19
C LYS F 166 -25.12 20.53 -4.72
N LEU F 167 -25.18 21.68 -4.07
CA LEU F 167 -24.82 21.77 -2.65
C LEU F 167 -26.07 22.07 -1.83
N PHE F 168 -26.34 21.22 -0.83
CA PHE F 168 -27.52 21.39 0.02
C PHE F 168 -27.22 21.23 1.50
N GLY F 169 -27.79 22.11 2.32
CA GLY F 169 -27.74 21.96 3.78
C GLY F 169 -29.03 21.23 4.11
N VAL F 170 -28.93 20.06 4.75
CA VAL F 170 -30.13 19.27 5.08
C VAL F 170 -30.86 19.80 6.32
N THR F 171 -31.99 20.44 6.08
CA THR F 171 -32.82 21.02 7.15
C THR F 171 -34.10 20.23 7.37
N THR F 172 -34.18 19.06 6.75
CA THR F 172 -35.40 18.25 6.77
C THR F 172 -35.89 17.89 8.18
N LEU F 173 -34.98 17.76 9.15
CA LEU F 173 -35.38 17.45 10.53
C LEU F 173 -36.32 18.52 11.09
N ASP F 174 -36.09 19.78 10.73
CA ASP F 174 -36.97 20.88 11.15
C ASP F 174 -38.36 20.68 10.58
N VAL F 175 -38.43 20.14 9.36
CA VAL F 175 -39.69 19.86 8.70
C VAL F 175 -40.42 18.70 9.42
N LEU F 176 -39.71 17.61 9.72
CA LEU F 176 -40.32 16.48 10.48
C LEU F 176 -40.90 16.96 11.81
N ARG F 177 -40.11 17.75 12.54
CA ARG F 177 -40.53 18.28 13.83
C ARG F 177 -41.75 19.14 13.70
N SER F 178 -41.76 19.99 12.67
CA SER F 178 -42.88 20.90 12.43
C SER F 178 -44.16 20.16 12.13
N GLU F 179 -44.07 19.14 11.29
CA GLU F 179 -45.23 18.32 10.92
C GLU F 179 -45.81 17.63 12.13
N THR F 180 -44.92 17.06 12.94
CA THR F 180 -45.32 16.33 14.14
C THR F 180 -45.98 17.24 15.18
N PHE F 181 -45.39 18.40 15.47
CA PHE F 181 -45.96 19.30 16.46
C PHE F 181 -47.23 19.97 15.95
N VAL F 182 -47.25 20.35 14.67
CA VAL F 182 -48.46 20.96 14.12
C VAL F 182 -49.59 19.94 14.10
N ALA F 183 -49.30 18.72 13.67
CA ALA F 183 -50.33 17.69 13.60
C ALA F 183 -50.99 17.41 14.94
N GLU F 184 -50.18 17.31 16.00
CA GLU F 184 -50.73 17.02 17.32
C GLU F 184 -51.46 18.17 17.97
N LEU F 185 -50.93 19.38 17.83
CA LEU F 185 -51.59 20.55 18.39
C LEU F 185 -52.89 20.87 17.65
N LYS F 186 -52.88 20.79 16.32
CA LYS F 186 -54.03 21.16 15.51
C LYS F 186 -54.95 20.00 15.06
N GLY F 187 -54.72 18.78 15.57
CA GLY F 187 -55.57 17.61 15.22
C GLY F 187 -55.63 17.31 13.72
N LEU F 188 -54.45 17.27 13.10
CA LEU F 188 -54.31 17.00 11.67
C LEU F 188 -53.63 15.66 11.46
N ASN F 189 -53.79 15.12 10.27
CA ASN F 189 -53.18 13.83 9.91
C ASN F 189 -51.67 14.05 9.87
N VAL F 190 -50.98 13.42 10.82
CA VAL F 190 -49.52 13.59 10.94
C VAL F 190 -48.75 13.16 9.69
N SER F 191 -49.26 12.18 8.95
CA SER F 191 -48.56 11.73 7.74
C SER F 191 -48.90 12.55 6.49
N ARG F 192 -49.92 13.41 6.54
CA ARG F 192 -50.25 14.22 5.34
C ARG F 192 -50.36 15.72 5.66
N THR F 193 -49.58 16.17 6.65
CA THR F 193 -49.52 17.57 7.03
C THR F 193 -48.23 18.12 6.44
N SER F 194 -48.35 19.21 5.70
CA SER F 194 -47.21 19.84 5.06
C SER F 194 -46.95 21.19 5.72
N VAL F 195 -45.72 21.37 6.21
CA VAL F 195 -45.33 22.60 6.86
C VAL F 195 -44.03 23.10 6.25
N PRO F 196 -44.09 24.23 5.51
CA PRO F 196 -42.86 24.77 4.98
C PRO F 196 -42.01 25.34 6.11
N VAL F 197 -40.69 25.21 6.01
CA VAL F 197 -39.78 25.77 7.00
C VAL F 197 -38.65 26.44 6.22
N ILE F 198 -38.43 27.72 6.47
CA ILE F 198 -37.40 28.48 5.77
C ILE F 198 -36.34 28.98 6.74
N GLY F 199 -35.29 29.58 6.17
CA GLY F 199 -34.21 30.17 6.95
C GLY F 199 -32.97 29.31 7.02
N GLY F 200 -32.58 28.95 8.25
CA GLY F 200 -31.39 28.16 8.51
C GLY F 200 -31.74 26.94 9.34
N HIS F 201 -30.71 26.27 9.85
CA HIS F 201 -30.93 25.04 10.62
C HIS F 201 -30.69 25.17 12.14
N SER F 202 -30.45 26.38 12.66
CA SER F 202 -30.19 26.54 14.09
C SER F 202 -31.07 27.58 14.79
N GLY F 203 -31.57 27.21 15.97
CA GLY F 203 -32.42 28.05 16.83
C GLY F 203 -33.19 29.17 16.16
N VAL F 204 -32.73 30.39 16.37
CA VAL F 204 -33.39 31.58 15.83
C VAL F 204 -33.55 31.60 14.28
N THR F 205 -32.69 30.88 13.55
CA THR F 205 -32.77 30.86 12.08
C THR F 205 -33.81 29.87 11.52
N ILE F 206 -34.40 29.01 12.35
CA ILE F 206 -35.42 28.06 11.89
C ILE F 206 -36.76 28.78 11.95
N LEU F 207 -37.43 28.92 10.82
CA LEU F 207 -38.71 29.62 10.75
C LEU F 207 -39.79 28.79 10.07
N PRO F 208 -40.64 28.11 10.86
CA PRO F 208 -41.72 27.34 10.24
C PRO F 208 -42.83 28.31 9.84
N LEU F 209 -43.35 28.16 8.62
CA LEU F 209 -44.39 29.04 8.14
C LEU F 209 -45.74 28.44 8.52
N LEU F 210 -46.07 28.59 9.80
CA LEU F 210 -47.32 28.06 10.34
C LEU F 210 -48.55 28.64 9.63
N SER F 211 -48.43 29.87 9.11
CA SER F 211 -49.55 30.53 8.42
C SER F 211 -49.96 29.87 7.10
N GLN F 212 -49.04 29.10 6.50
CA GLN F 212 -49.31 28.43 5.23
C GLN F 212 -49.86 27.00 5.40
N VAL F 213 -50.05 26.56 6.64
CA VAL F 213 -50.56 25.21 6.90
C VAL F 213 -52.05 25.17 6.65
N GLN F 214 -52.50 24.23 5.83
CA GLN F 214 -53.93 24.09 5.54
C GLN F 214 -54.68 23.48 6.73
N TYR F 215 -55.96 23.81 6.81
CA TYR F 215 -56.89 23.30 7.82
C TYR F 215 -56.56 23.67 9.27
N ALA F 216 -55.76 24.71 9.46
CA ALA F 216 -55.37 25.15 10.81
C ALA F 216 -55.67 26.63 11.04
N LYS F 217 -56.58 26.90 11.98
CA LYS F 217 -56.93 28.26 12.39
C LYS F 217 -56.11 28.51 13.66
N TRP F 218 -55.14 29.39 13.55
CA TRP F 218 -54.25 29.68 14.66
C TRP F 218 -54.77 30.80 15.54
N ASN F 219 -54.72 30.55 16.85
CA ASN F 219 -55.08 31.55 17.84
C ASN F 219 -53.77 32.30 18.06
N GLU F 220 -53.84 33.60 18.32
CA GLU F 220 -52.61 34.42 18.52
C GLU F 220 -51.62 33.85 19.55
N ASP F 221 -52.12 33.22 20.61
CA ASP F 221 -51.27 32.65 21.67
C ASP F 221 -50.61 31.27 21.38
N GLU F 222 -50.89 30.68 20.21
CA GLU F 222 -50.30 29.39 19.82
C GLU F 222 -49.07 29.54 18.94
N ILE F 223 -48.97 30.66 18.22
CA ILE F 223 -47.88 30.86 17.26
C ILE F 223 -46.48 30.90 17.85
N GLU F 224 -46.25 31.79 18.81
CA GLU F 224 -44.91 31.92 19.39
C GLU F 224 -44.44 30.66 20.15
N PRO F 225 -45.29 30.09 21.04
CA PRO F 225 -44.85 28.89 21.75
C PRO F 225 -44.56 27.69 20.83
N LEU F 226 -45.35 27.52 19.77
CA LEU F 226 -45.14 26.41 18.84
C LEU F 226 -43.90 26.66 18.01
N THR F 227 -43.66 27.92 17.64
CA THR F 227 -42.48 28.30 16.85
C THR F 227 -41.22 28.05 17.68
N LYS F 228 -41.26 28.44 18.96
CA LYS F 228 -40.12 28.23 19.86
C LYS F 228 -39.88 26.75 20.09
N ARG F 229 -40.95 25.99 20.20
CA ARG F 229 -40.84 24.55 20.42
C ARG F 229 -40.14 23.86 19.23
N ILE F 230 -40.42 24.33 18.02
CA ILE F 230 -39.80 23.82 16.81
C ILE F 230 -38.34 24.22 16.75
N GLN F 231 -38.07 25.48 17.12
CA GLN F 231 -36.71 26.00 17.15
C GLN F 231 -35.85 25.29 18.20
N ASN F 232 -36.39 25.11 19.40
CA ASN F 232 -35.67 24.50 20.53
C ASN F 232 -35.71 22.96 20.59
N ALA F 233 -36.36 22.31 19.62
CA ALA F 233 -36.50 20.85 19.59
C ALA F 233 -35.21 20.06 19.79
N GLY F 234 -34.14 20.49 19.11
CA GLY F 234 -32.84 19.82 19.23
C GLY F 234 -32.29 19.91 20.65
N THR F 235 -32.50 21.07 21.28
CA THR F 235 -32.09 21.26 22.66
C THR F 235 -32.93 20.37 23.60
N GLU F 236 -34.21 20.18 23.30
CA GLU F 236 -35.03 19.28 24.13
C GLU F 236 -34.48 17.85 24.08
N VAL F 237 -34.06 17.40 22.89
CA VAL F 237 -33.51 16.04 22.77
C VAL F 237 -32.19 15.95 23.54
N LEU F 238 -31.29 16.91 23.29
CA LEU F 238 -29.99 16.98 23.95
C LEU F 238 -30.13 16.89 25.48
N ASN F 239 -31.03 17.69 26.04
CA ASN F 239 -31.27 17.70 27.49
C ASN F 239 -31.90 16.38 27.94
N ALA F 240 -32.84 15.85 27.16
CA ALA F 240 -33.51 14.58 27.51
C ALA F 240 -32.57 13.37 27.46
N LYS F 241 -31.53 13.44 26.63
CA LYS F 241 -30.53 12.36 26.56
C LYS F 241 -29.49 12.46 27.67
N ALA F 242 -29.52 13.55 28.44
CA ALA F 242 -28.60 13.80 29.56
C ALA F 242 -27.15 13.39 29.28
N GLY F 243 -26.53 14.03 28.29
CA GLY F 243 -25.13 13.75 27.94
C GLY F 243 -24.88 12.63 26.96
N GLY F 244 -25.94 11.93 26.57
CA GLY F 244 -25.86 10.83 25.61
C GLY F 244 -25.86 11.29 24.15
N GLY F 245 -25.77 12.60 23.91
CA GLY F 245 -25.73 13.14 22.56
C GLY F 245 -26.97 13.91 22.16
N SER F 246 -27.07 14.19 20.87
CA SER F 246 -28.18 14.93 20.26
C SER F 246 -29.03 13.97 19.43
N ALA F 247 -30.02 14.50 18.74
CA ALA F 247 -30.91 13.66 17.92
C ALA F 247 -30.12 12.86 16.87
N THR F 248 -30.43 11.58 16.79
CA THR F 248 -29.77 10.69 15.85
C THR F 248 -30.77 9.93 14.97
N LEU F 249 -31.75 9.29 15.60
CA LEU F 249 -32.73 8.46 14.93
C LEU F 249 -33.68 9.28 14.02
N SER F 250 -34.26 10.37 14.55
CA SER F 250 -35.13 11.23 13.74
C SER F 250 -34.30 11.98 12.66
N MET F 251 -33.04 12.28 12.98
CA MET F 251 -32.14 12.91 12.04
C MET F 251 -31.85 11.94 10.89
N ALA F 252 -31.71 10.66 11.21
CA ALA F 252 -31.48 9.67 10.15
C ALA F 252 -32.70 9.56 9.22
N GLN F 253 -33.91 9.65 9.78
CA GLN F 253 -35.13 9.58 8.95
C GLN F 253 -35.25 10.85 8.10
N ALA F 254 -34.86 11.99 8.67
CA ALA F 254 -34.89 13.25 7.92
C ALA F 254 -33.93 13.18 6.73
N ALA F 255 -32.69 12.74 6.99
CA ALA F 255 -31.69 12.64 5.92
C ALA F 255 -32.10 11.60 4.88
N ALA F 256 -32.75 10.52 5.31
CA ALA F 256 -33.22 9.48 4.37
C ALA F 256 -34.31 10.04 3.46
N ARG F 257 -35.21 10.82 4.05
CA ARG F 257 -36.28 11.47 3.28
C ARG F 257 -35.69 12.45 2.27
N PHE F 258 -34.76 13.26 2.73
CA PHE F 258 -34.11 14.20 1.84
C PHE F 258 -33.39 13.45 0.72
N ALA F 259 -32.68 12.39 1.10
CA ALA F 259 -31.97 11.57 0.10
C ALA F 259 -32.94 10.97 -0.92
N ARG F 260 -34.10 10.50 -0.46
CA ARG F 260 -35.10 9.94 -1.37
C ARG F 260 -35.59 10.97 -2.39
N SER F 261 -35.79 12.21 -1.94
CA SER F 261 -36.22 13.29 -2.81
C SER F 261 -35.14 13.65 -3.83
N LEU F 262 -33.88 13.66 -3.41
CA LEU F 262 -32.78 13.95 -4.35
C LEU F 262 -32.73 12.90 -5.44
N VAL F 263 -32.74 11.64 -5.04
CA VAL F 263 -32.70 10.52 -5.99
C VAL F 263 -33.88 10.62 -6.97
N LYS F 264 -35.07 10.93 -6.45
CA LYS F 264 -36.25 11.09 -7.32
C LYS F 264 -36.04 12.19 -8.36
N GLY F 265 -35.56 13.35 -7.92
CA GLY F 265 -35.30 14.47 -8.82
C GLY F 265 -34.29 14.09 -9.88
N LEU F 266 -33.20 13.45 -9.46
CA LEU F 266 -32.17 13.00 -10.40
C LEU F 266 -32.73 11.99 -11.41
N SER F 267 -33.72 11.21 -10.97
CA SER F 267 -34.35 10.16 -11.80
C SER F 267 -35.44 10.67 -12.73
N GLY F 268 -35.86 11.93 -12.58
CA GLY F 268 -36.88 12.52 -13.43
C GLY F 268 -38.23 12.86 -12.82
N GLU F 269 -38.44 12.57 -11.54
CA GLU F 269 -39.73 12.87 -10.89
C GLU F 269 -39.72 14.29 -10.34
N THR F 270 -40.90 14.89 -10.27
CA THR F 270 -41.01 16.25 -9.76
C THR F 270 -41.21 16.17 -8.26
N VAL F 271 -40.29 16.76 -7.50
CA VAL F 271 -40.39 16.81 -6.04
C VAL F 271 -39.94 18.17 -5.55
N VAL F 272 -40.50 18.58 -4.42
CA VAL F 272 -40.17 19.85 -3.78
C VAL F 272 -39.90 19.61 -2.30
N GLU F 273 -38.77 20.15 -1.85
CA GLU F 273 -38.29 20.05 -0.47
C GLU F 273 -37.72 21.39 -0.02
N CYS F 274 -37.92 21.70 1.26
CA CYS F 274 -37.32 22.88 1.84
C CYS F 274 -35.87 22.47 2.14
N THR F 275 -34.93 23.25 1.62
CA THR F 275 -33.53 22.94 1.80
C THR F 275 -32.65 24.18 1.61
N TYR F 276 -31.57 24.20 2.37
CA TYR F 276 -30.62 25.30 2.43
C TYR F 276 -29.72 25.23 1.21
N VAL F 277 -29.81 26.25 0.35
CA VAL F 277 -29.04 26.32 -0.89
C VAL F 277 -28.60 27.75 -1.21
N GLU F 278 -27.63 27.87 -2.11
CA GLU F 278 -27.16 29.19 -2.56
C GLU F 278 -28.11 29.62 -3.68
N GLY F 279 -28.98 30.59 -3.36
CA GLY F 279 -29.97 31.07 -4.31
C GLY F 279 -29.72 32.49 -4.79
N ASP F 280 -30.79 33.26 -4.92
CA ASP F 280 -30.72 34.66 -5.39
C ASP F 280 -30.14 35.64 -4.36
N GLY F 281 -29.92 35.19 -3.13
CA GLY F 281 -29.35 36.04 -2.09
C GLY F 281 -30.30 37.10 -1.55
N LYS F 282 -31.59 36.94 -1.84
CA LYS F 282 -32.62 37.90 -1.41
C LYS F 282 -32.61 38.16 0.10
N TYR F 283 -32.32 37.13 0.88
CA TYR F 283 -32.27 37.22 2.34
C TYR F 283 -30.85 36.94 2.85
N ALA F 284 -30.19 35.94 2.26
CA ALA F 284 -28.81 35.57 2.62
C ALA F 284 -28.21 34.74 1.48
N ARG F 285 -26.88 34.72 1.38
CA ARG F 285 -26.21 33.96 0.31
C ARG F 285 -26.76 32.53 0.25
N PHE F 286 -26.83 31.88 1.40
CA PHE F 286 -27.41 30.55 1.53
C PHE F 286 -28.70 30.75 2.32
N PHE F 287 -29.78 30.10 1.90
CA PHE F 287 -31.07 30.24 2.57
C PHE F 287 -31.92 29.03 2.27
N SER F 288 -32.63 28.53 3.29
CA SER F 288 -33.51 27.40 3.10
C SER F 288 -34.90 27.89 2.67
N GLN F 289 -35.36 27.36 1.54
CA GLN F 289 -36.66 27.72 1.01
C GLN F 289 -37.13 26.55 0.12
N PRO F 290 -38.40 26.55 -0.32
CA PRO F 290 -38.83 25.44 -1.17
C PRO F 290 -38.01 25.40 -2.45
N VAL F 291 -37.56 24.20 -2.84
CA VAL F 291 -36.76 23.99 -4.03
C VAL F 291 -37.29 22.81 -4.81
N ARG F 292 -37.59 23.01 -6.09
CA ARG F 292 -38.00 21.89 -6.94
C ARG F 292 -36.71 21.19 -7.31
N LEU F 293 -36.61 19.90 -7.02
CA LEU F 293 -35.41 19.14 -7.37
C LEU F 293 -35.55 18.51 -8.75
N GLY F 294 -34.43 18.29 -9.42
CA GLY F 294 -34.41 17.71 -10.76
C GLY F 294 -33.10 17.00 -11.12
N LYS F 295 -32.90 16.85 -12.43
CA LYS F 295 -31.74 16.15 -13.03
C LYS F 295 -30.36 16.67 -12.60
N GLU F 296 -30.26 17.97 -12.35
CA GLU F 296 -29.00 18.62 -11.97
C GLU F 296 -28.95 19.03 -10.49
N GLY F 297 -29.91 18.54 -9.70
CA GLY F 297 -30.03 18.92 -8.30
C GLY F 297 -31.11 19.99 -8.27
N VAL F 298 -30.72 21.22 -7.96
CA VAL F 298 -31.67 22.33 -7.95
C VAL F 298 -32.19 22.53 -9.38
N GLU F 299 -33.52 22.51 -9.53
CA GLU F 299 -34.18 22.72 -10.82
C GLU F 299 -34.74 24.12 -10.77
N GLU F 300 -35.31 24.49 -9.62
CA GLU F 300 -35.82 25.84 -9.42
C GLU F 300 -35.97 26.16 -7.94
N ILE F 301 -35.45 27.32 -7.54
CA ILE F 301 -35.59 27.81 -6.18
C ILE F 301 -36.86 28.66 -6.18
N LEU F 302 -37.91 28.16 -5.52
CA LEU F 302 -39.21 28.83 -5.49
C LEU F 302 -39.29 29.89 -4.39
N PRO F 303 -40.12 30.93 -4.59
CA PRO F 303 -40.27 31.95 -3.54
C PRO F 303 -40.88 31.38 -2.27
N ILE F 304 -40.74 32.11 -1.16
CA ILE F 304 -41.23 31.63 0.15
C ILE F 304 -42.75 31.68 0.35
N GLY F 305 -43.45 32.39 -0.52
CA GLY F 305 -44.90 32.53 -0.41
C GLY F 305 -45.23 33.70 0.51
N PRO F 306 -46.54 33.94 0.77
CA PRO F 306 -46.88 35.07 1.64
C PRO F 306 -46.64 34.73 3.11
N LEU F 307 -46.21 35.74 3.87
CA LEU F 307 -45.92 35.60 5.29
C LEU F 307 -46.86 36.41 6.16
N SER F 308 -47.15 35.89 7.36
CA SER F 308 -47.95 36.61 8.33
C SER F 308 -47.04 37.70 8.90
N ASN F 309 -47.60 38.64 9.66
CA ASN F 309 -46.78 39.71 10.27
C ASN F 309 -45.71 39.11 11.19
N PHE F 310 -46.12 38.12 11.98
CA PHE F 310 -45.20 37.43 12.89
C PHE F 310 -44.00 36.83 12.13
N GLU F 311 -44.30 36.06 11.09
CA GLU F 311 -43.27 35.41 10.29
C GLU F 311 -42.35 36.41 9.59
N GLN F 312 -42.91 37.51 9.13
CA GLN F 312 -42.11 38.54 8.47
C GLN F 312 -41.14 39.15 9.48
N GLN F 313 -41.59 39.33 10.72
CA GLN F 313 -40.75 39.93 11.75
C GLN F 313 -39.66 38.94 12.17
N ALA F 314 -40.02 37.67 12.35
CA ALA F 314 -39.05 36.65 12.73
C ALA F 314 -37.97 36.50 11.67
N LEU F 315 -38.36 36.58 10.39
CA LEU F 315 -37.41 36.49 9.29
C LEU F 315 -36.40 37.62 9.36
N GLU F 316 -36.91 38.84 9.44
CA GLU F 316 -36.08 40.05 9.53
C GLU F 316 -35.14 40.03 10.75
N ASN F 317 -35.61 39.48 11.87
CA ASN F 317 -34.82 39.42 13.12
C ASN F 317 -33.64 38.44 13.11
N MET F 318 -33.74 37.37 12.34
CA MET F 318 -32.66 36.37 12.33
C MET F 318 -31.64 36.49 11.19
N LEU F 319 -31.90 37.31 10.17
CA LEU F 319 -30.97 37.45 9.04
C LEU F 319 -29.53 37.80 9.43
N PRO F 320 -29.34 38.77 10.37
CA PRO F 320 -27.96 39.07 10.78
C PRO F 320 -27.21 37.84 11.35
N THR F 321 -27.90 37.04 12.17
CA THR F 321 -27.31 35.81 12.72
C THR F 321 -26.98 34.85 11.58
N LEU F 322 -27.94 34.66 10.67
CA LEU F 322 -27.73 33.76 9.55
C LEU F 322 -26.55 34.16 8.67
N ARG F 323 -26.44 35.46 8.34
CA ARG F 323 -25.35 35.97 7.50
C ARG F 323 -23.97 35.83 8.19
N ALA F 324 -23.94 35.99 9.51
CA ALA F 324 -22.70 35.82 10.28
C ALA F 324 -22.29 34.34 10.30
N ASP F 325 -23.27 33.43 10.40
CA ASP F 325 -22.99 31.99 10.37
C ASP F 325 -22.32 31.63 9.04
N ILE F 326 -22.85 32.20 7.96
CA ILE F 326 -22.27 32.02 6.62
C ILE F 326 -20.84 32.59 6.56
N GLU F 327 -20.64 33.79 7.13
CA GLU F 327 -19.30 34.42 7.17
C GLU F 327 -18.25 33.52 7.79
N LEU F 328 -18.56 32.92 8.93
CA LEU F 328 -17.62 32.00 9.61
C LEU F 328 -17.12 30.89 8.70
N GLY F 329 -18.03 30.32 7.91
CA GLY F 329 -17.69 29.25 6.99
C GLY F 329 -16.83 29.78 5.85
N GLU F 330 -17.18 30.96 5.36
CA GLU F 330 -16.42 31.60 4.29
C GLU F 330 -15.00 31.92 4.77
N LYS F 331 -14.90 32.52 5.95
CA LYS F 331 -13.61 32.93 6.51
C LYS F 331 -12.68 31.75 6.81
N PHE F 332 -13.26 30.61 7.21
CA PHE F 332 -12.49 29.39 7.53
C PHE F 332 -11.63 28.91 6.37
N ILE F 333 -12.20 28.90 5.15
CA ILE F 333 -11.47 28.47 3.96
C ILE F 333 -10.66 29.60 3.33
N ASN F 334 -11.28 30.77 3.19
CA ASN F 334 -10.62 31.93 2.61
C ASN F 334 -9.55 32.46 3.55
N GLY F 335 -8.30 32.05 3.27
CA GLY F 335 -7.14 32.41 4.08
C GLY F 335 -6.21 31.22 4.23
N ASN G 23 6.17 17.28 -59.51
CA ASN G 23 4.91 16.97 -58.75
C ASN G 23 5.19 16.74 -57.27
N ALA G 24 6.23 15.98 -56.97
CA ALA G 24 6.60 15.66 -55.59
C ALA G 24 6.97 16.92 -54.78
N MET G 25 6.02 17.38 -53.95
CA MET G 25 6.22 18.56 -53.11
C MET G 25 7.17 18.15 -51.97
N LYS G 26 7.93 19.09 -51.40
CA LYS G 26 8.86 18.77 -50.32
C LYS G 26 8.81 19.78 -49.18
N VAL G 27 8.63 19.26 -47.96
CA VAL G 27 8.55 20.07 -46.74
C VAL G 27 9.72 19.70 -45.84
N ALA G 28 10.44 20.70 -45.35
CA ALA G 28 11.58 20.49 -44.47
C ALA G 28 11.29 21.09 -43.10
N VAL G 29 11.70 20.37 -42.05
CA VAL G 29 11.52 20.81 -40.68
C VAL G 29 12.90 20.97 -40.07
N LEU G 30 13.22 22.18 -39.62
CA LEU G 30 14.48 22.49 -38.96
C LEU G 30 14.20 22.65 -37.47
N GLY G 31 14.76 21.74 -36.68
CA GLY G 31 14.53 21.67 -35.24
C GLY G 31 13.60 20.50 -34.96
N ALA G 32 13.72 19.44 -35.76
CA ALA G 32 12.82 18.27 -35.64
C ALA G 32 13.04 17.34 -34.45
N ALA G 33 14.13 17.49 -33.71
CA ALA G 33 14.41 16.64 -32.55
C ALA G 33 13.77 17.18 -31.26
N GLY G 34 13.42 18.47 -31.25
CA GLY G 34 12.78 19.09 -30.08
C GLY G 34 11.34 18.63 -29.83
N GLY G 35 10.71 19.24 -28.83
CA GLY G 35 9.35 18.92 -28.44
C GLY G 35 8.36 19.17 -29.57
N ILE G 36 8.32 20.41 -30.04
CA ILE G 36 7.44 20.81 -31.14
C ILE G 36 7.80 20.00 -32.38
N GLY G 37 9.09 19.95 -32.67
CA GLY G 37 9.62 19.25 -33.84
C GLY G 37 9.21 17.80 -34.05
N GLN G 38 9.40 16.95 -33.05
CA GLN G 38 9.04 15.53 -33.20
C GLN G 38 7.54 15.38 -33.39
N ALA G 39 6.77 16.14 -32.63
CA ALA G 39 5.33 16.08 -32.74
C ALA G 39 4.90 16.52 -34.14
N LEU G 40 5.58 17.55 -34.66
CA LEU G 40 5.30 18.06 -36.01
C LEU G 40 5.68 17.02 -37.05
N ALA G 41 6.81 16.37 -36.87
CA ALA G 41 7.23 15.32 -37.79
C ALA G 41 6.15 14.25 -37.87
N LEU G 42 5.63 13.87 -36.70
CA LEU G 42 4.57 12.86 -36.62
C LEU G 42 3.29 13.32 -37.31
N LEU G 43 2.89 14.57 -37.08
CA LEU G 43 1.66 15.08 -37.69
C LEU G 43 1.79 15.24 -39.18
N LEU G 44 2.95 15.70 -39.65
CA LEU G 44 3.18 15.86 -41.09
C LEU G 44 3.17 14.51 -41.81
N LYS G 45 3.67 13.46 -41.17
CA LYS G 45 3.67 12.13 -41.77
C LYS G 45 2.21 11.69 -41.95
N LEU G 46 1.36 12.05 -41.00
CA LEU G 46 -0.06 11.67 -41.04
C LEU G 46 -0.98 12.58 -41.83
N GLN G 47 -0.58 13.84 -42.03
CA GLN G 47 -1.47 14.82 -42.68
C GLN G 47 -1.10 15.29 -44.08
N LEU G 48 0.18 15.25 -44.45
CA LEU G 48 0.59 15.72 -45.79
C LEU G 48 0.02 14.84 -46.91
N PRO G 49 -0.24 15.43 -48.10
CA PRO G 49 -0.81 14.64 -49.19
C PRO G 49 0.14 13.53 -49.66
N ALA G 50 -0.44 12.48 -50.23
CA ALA G 50 0.32 11.33 -50.75
C ALA G 50 1.40 11.77 -51.74
N GLY G 51 2.59 11.21 -51.58
CA GLY G 51 3.74 11.51 -52.44
C GLY G 51 4.59 12.67 -51.97
N THR G 52 4.21 13.33 -50.88
CA THR G 52 5.00 14.47 -50.37
C THR G 52 6.27 13.97 -49.70
N ASP G 53 7.37 14.69 -49.91
CA ASP G 53 8.67 14.37 -49.28
C ASP G 53 8.78 15.21 -48.03
N LEU G 54 9.27 14.57 -46.96
CA LEU G 54 9.43 15.23 -45.67
C LEU G 54 10.85 15.06 -45.16
N SER G 55 11.58 16.16 -44.99
CA SER G 55 12.96 16.16 -44.47
C SER G 55 13.00 16.72 -43.07
N LEU G 56 13.68 16.01 -42.18
CA LEU G 56 13.80 16.42 -40.79
C LEU G 56 15.26 16.72 -40.46
N TYR G 57 15.51 17.90 -39.88
CA TYR G 57 16.86 18.27 -39.49
C TYR G 57 16.96 18.88 -38.10
N ASP G 58 18.04 18.53 -37.41
CA ASP G 58 18.36 19.10 -36.11
C ASP G 58 19.82 18.73 -35.80
N ILE G 59 20.50 19.52 -34.97
CA ILE G 59 21.89 19.23 -34.62
C ILE G 59 22.04 17.89 -33.88
N ALA G 60 21.10 17.62 -32.97
CA ALA G 60 21.14 16.39 -32.17
C ALA G 60 21.25 15.13 -33.03
N PRO G 61 22.11 14.16 -32.61
CA PRO G 61 22.28 12.95 -33.41
C PRO G 61 21.07 12.00 -33.45
N VAL G 62 20.00 12.32 -32.72
CA VAL G 62 18.81 11.48 -32.70
C VAL G 62 17.93 11.68 -33.94
N THR G 63 18.08 12.83 -34.61
CA THR G 63 17.22 13.22 -35.75
C THR G 63 17.03 12.16 -36.85
N PRO G 64 18.10 11.45 -37.26
CA PRO G 64 17.88 10.42 -38.27
C PRO G 64 16.93 9.32 -37.76
N GLY G 65 17.00 9.05 -36.47
CA GLY G 65 16.13 8.06 -35.85
C GLY G 65 14.68 8.51 -35.70
N VAL G 66 14.47 9.82 -35.55
CA VAL G 66 13.12 10.38 -35.46
C VAL G 66 12.44 10.13 -36.82
N ALA G 67 13.20 10.31 -37.90
CA ALA G 67 12.69 10.08 -39.24
C ALA G 67 12.39 8.61 -39.46
N VAL G 68 13.27 7.73 -39.01
CA VAL G 68 13.04 6.30 -39.19
C VAL G 68 11.80 5.87 -38.41
N ASP G 69 11.66 6.42 -37.21
CA ASP G 69 10.52 6.18 -36.34
C ASP G 69 9.21 6.49 -37.09
N VAL G 70 9.06 7.73 -37.58
CA VAL G 70 7.83 8.11 -38.29
C VAL G 70 7.70 7.42 -39.65
N SER G 71 8.82 6.97 -40.24
CA SER G 71 8.77 6.26 -41.54
C SER G 71 8.07 4.90 -41.43
N HIS G 72 7.86 4.40 -40.21
CA HIS G 72 7.16 3.13 -40.04
C HIS G 72 5.65 3.26 -40.02
N ILE G 73 5.15 4.50 -40.06
CA ILE G 73 3.73 4.77 -40.09
C ILE G 73 3.26 4.62 -41.55
N PRO G 74 2.26 3.76 -41.81
CA PRO G 74 1.82 3.49 -43.19
C PRO G 74 1.07 4.60 -43.94
N THR G 75 1.79 5.64 -44.36
CA THR G 75 1.22 6.72 -45.19
C THR G 75 2.15 6.95 -46.36
N ALA G 76 1.63 7.37 -47.50
CA ALA G 76 2.45 7.60 -48.69
C ALA G 76 3.25 8.91 -48.64
N VAL G 77 3.92 9.15 -47.52
CA VAL G 77 4.75 10.34 -47.34
C VAL G 77 6.15 9.83 -47.05
N ASN G 78 7.13 10.26 -47.86
CA ASN G 78 8.51 9.82 -47.69
C ASN G 78 9.20 10.72 -46.68
N VAL G 79 9.88 10.12 -45.70
CA VAL G 79 10.56 10.87 -44.65
C VAL G 79 12.03 10.47 -44.53
N LYS G 80 12.89 11.48 -44.39
CA LYS G 80 14.34 11.30 -44.26
C LYS G 80 14.78 12.21 -43.12
N GLY G 81 15.77 11.78 -42.34
CA GLY G 81 16.26 12.58 -41.21
C GLY G 81 17.73 12.91 -41.33
N PHE G 82 18.11 14.07 -40.80
CA PHE G 82 19.50 14.55 -40.89
C PHE G 82 19.98 15.24 -39.61
N SER G 83 21.27 15.04 -39.29
CA SER G 83 21.89 15.68 -38.13
C SER G 83 23.21 16.35 -38.56
N GLY G 84 24.04 16.68 -37.58
CA GLY G 84 25.29 17.37 -37.87
C GLY G 84 25.05 18.87 -37.81
N GLU G 85 26.10 19.64 -38.00
CA GLU G 85 26.02 21.10 -37.93
C GLU G 85 25.46 21.76 -39.19
N ASP G 86 25.35 21.00 -40.28
CA ASP G 86 24.90 21.53 -41.57
C ASP G 86 23.49 21.07 -42.02
N PRO G 87 22.52 22.01 -42.15
CA PRO G 87 21.17 21.65 -42.61
C PRO G 87 21.02 21.52 -44.14
N THR G 88 22.09 21.79 -44.89
CA THR G 88 22.04 21.74 -46.37
C THR G 88 21.41 20.48 -47.00
N PRO G 89 21.84 19.26 -46.61
CA PRO G 89 21.24 18.07 -47.25
C PRO G 89 19.72 17.98 -47.08
N ALA G 90 19.21 18.41 -45.93
CA ALA G 90 17.76 18.41 -45.66
C ALA G 90 16.99 19.47 -46.46
N LEU G 91 17.63 20.61 -46.72
CA LEU G 91 17.01 21.72 -47.46
C LEU G 91 16.97 21.53 -48.99
N GLU G 92 17.74 20.57 -49.47
CA GLU G 92 17.84 20.31 -50.91
C GLU G 92 16.47 20.16 -51.60
N GLY G 93 16.16 21.09 -52.51
CA GLY G 93 14.88 21.07 -53.26
C GLY G 93 13.60 21.26 -52.45
N ALA G 94 13.72 21.87 -51.27
CA ALA G 94 12.57 22.08 -50.40
C ALA G 94 11.65 23.17 -50.92
N ASP G 95 10.35 22.91 -50.88
CA ASP G 95 9.33 23.86 -51.30
C ASP G 95 8.83 24.63 -50.10
N VAL G 96 8.85 23.98 -48.93
CA VAL G 96 8.40 24.60 -47.68
C VAL G 96 9.43 24.29 -46.59
N VAL G 97 9.81 25.31 -45.83
CA VAL G 97 10.77 25.14 -44.75
C VAL G 97 10.15 25.68 -43.47
N LEU G 98 9.92 24.78 -42.51
CA LEU G 98 9.37 25.14 -41.21
C LEU G 98 10.53 25.19 -40.27
N ILE G 99 10.63 26.27 -39.49
CA ILE G 99 11.75 26.45 -38.56
C ILE G 99 11.25 26.52 -37.12
N SER G 100 11.48 25.44 -36.38
CA SER G 100 11.09 25.33 -34.98
C SER G 100 12.31 25.06 -34.11
N ALA G 101 13.47 25.55 -34.52
CA ALA G 101 14.69 25.35 -33.74
C ALA G 101 14.74 26.36 -32.59
N GLY G 102 15.63 26.13 -31.63
CA GLY G 102 15.80 27.01 -30.46
C GLY G 102 15.13 26.49 -29.20
N VAL G 103 15.13 27.31 -28.15
CA VAL G 103 14.52 26.95 -26.87
C VAL G 103 13.58 28.06 -26.42
N PHE G 115 16.03 35.32 -26.24
CA PHE G 115 16.25 36.09 -27.47
C PHE G 115 17.62 35.85 -28.11
N ASN G 116 18.71 36.22 -27.43
CA ASN G 116 20.07 36.01 -27.98
C ASN G 116 20.36 34.57 -28.42
N ILE G 117 19.74 33.60 -27.76
CA ILE G 117 19.93 32.20 -28.13
C ILE G 117 19.27 31.93 -29.48
N ASN G 118 17.97 32.21 -29.58
CA ASN G 118 17.22 31.95 -30.81
C ASN G 118 17.51 32.87 -32.01
N ALA G 119 17.90 34.12 -31.76
CA ALA G 119 18.24 35.06 -32.86
C ALA G 119 19.36 34.50 -33.74
N GLY G 120 20.47 34.12 -33.10
CA GLY G 120 21.62 33.54 -33.80
C GLY G 120 21.27 32.23 -34.52
N ILE G 121 20.44 31.40 -33.88
CA ILE G 121 20.00 30.12 -34.48
C ILE G 121 19.20 30.38 -35.76
N VAL G 122 18.23 31.30 -35.67
CA VAL G 122 17.39 31.64 -36.83
C VAL G 122 18.25 32.23 -37.96
N ARG G 123 19.14 33.16 -37.62
CA ARG G 123 20.05 33.75 -38.62
C ARG G 123 20.84 32.66 -39.37
N GLY G 124 21.49 31.78 -38.63
CA GLY G 124 22.29 30.69 -39.21
C GLY G 124 21.53 29.79 -40.18
N LEU G 125 20.35 29.34 -39.77
CA LEU G 125 19.51 28.48 -40.63
C LEU G 125 19.01 29.19 -41.90
N ILE G 126 18.65 30.47 -41.76
CA ILE G 126 18.18 31.25 -42.91
C ILE G 126 19.35 31.50 -43.88
N GLU G 127 20.59 31.63 -43.36
CA GLU G 127 21.76 31.78 -44.24
C GLU G 127 21.91 30.56 -45.16
N LYS G 128 21.59 29.38 -44.64
CA LYS G 128 21.64 28.12 -45.40
C LYS G 128 20.46 28.02 -46.37
N VAL G 129 19.28 28.50 -45.94
CA VAL G 129 18.08 28.51 -46.78
C VAL G 129 18.28 29.45 -48.00
N ALA G 130 18.92 30.60 -47.77
CA ALA G 130 19.19 31.58 -48.85
C ALA G 130 20.02 31.01 -49.99
N VAL G 131 20.94 30.09 -49.67
CA VAL G 131 21.80 29.46 -50.68
C VAL G 131 21.18 28.21 -51.33
N THR G 132 20.61 27.32 -50.53
CA THR G 132 20.09 26.03 -51.04
C THR G 132 18.67 26.05 -51.63
N CYS G 133 17.73 26.71 -50.95
CA CYS G 133 16.34 26.75 -51.41
C CYS G 133 15.72 28.14 -51.18
N PRO G 134 16.28 29.18 -51.86
CA PRO G 134 15.78 30.55 -51.68
C PRO G 134 14.35 30.83 -52.19
N LYS G 135 13.78 29.94 -53.00
CA LYS G 135 12.42 30.15 -53.50
C LYS G 135 11.39 29.29 -52.72
N ALA G 136 11.79 28.82 -51.54
CA ALA G 136 10.92 28.01 -50.69
C ALA G 136 10.11 28.92 -49.78
N CYS G 137 8.93 28.47 -49.37
CA CYS G 137 8.13 29.25 -48.43
C CYS G 137 8.67 28.93 -47.05
N VAL G 138 9.03 29.95 -46.29
CA VAL G 138 9.62 29.78 -44.96
C VAL G 138 8.65 30.16 -43.84
N GLY G 139 8.31 29.17 -43.02
CA GLY G 139 7.41 29.36 -41.89
C GLY G 139 8.22 29.39 -40.61
N ILE G 140 8.24 30.55 -39.96
CA ILE G 140 8.98 30.72 -38.71
C ILE G 140 8.05 30.42 -37.55
N ILE G 141 8.42 29.39 -36.77
CA ILE G 141 7.70 28.98 -35.56
C ILE G 141 8.49 29.48 -34.35
N THR G 142 9.81 29.39 -34.44
CA THR G 142 10.74 29.83 -33.40
C THR G 142 10.39 31.22 -32.87
N ASN G 143 10.20 31.32 -31.56
CA ASN G 143 9.88 32.60 -30.90
C ASN G 143 11.16 33.39 -30.60
N PRO G 144 11.08 34.71 -30.47
CA PRO G 144 9.84 35.52 -30.61
C PRO G 144 9.49 35.82 -32.07
N VAL G 145 8.40 35.23 -32.57
CA VAL G 145 7.97 35.34 -33.97
C VAL G 145 7.96 36.76 -34.54
N ASN G 146 7.36 37.72 -33.84
CA ASN G 146 7.31 39.12 -34.30
C ASN G 146 8.70 39.65 -34.68
N THR G 147 9.71 39.14 -33.99
CA THR G 147 11.10 39.56 -34.16
C THR G 147 11.91 38.61 -35.06
N THR G 148 11.81 37.30 -34.83
CA THR G 148 12.59 36.35 -35.61
C THR G 148 12.28 36.40 -37.11
N VAL G 149 11.03 36.72 -37.48
CA VAL G 149 10.66 36.87 -38.90
C VAL G 149 11.41 38.06 -39.51
N ALA G 150 11.53 39.14 -38.74
CA ALA G 150 12.26 40.34 -39.19
C ALA G 150 13.75 40.03 -39.34
N ILE G 151 14.25 39.07 -38.55
CA ILE G 151 15.66 38.67 -38.62
C ILE G 151 15.86 37.89 -39.91
N ALA G 152 14.93 36.97 -40.20
CA ALA G 152 15.01 36.13 -41.41
C ALA G 152 14.95 36.95 -42.69
N ALA G 153 14.05 37.92 -42.72
CA ALA G 153 13.89 38.81 -43.88
C ALA G 153 15.19 39.56 -44.18
N GLU G 154 15.82 40.08 -43.13
CA GLU G 154 17.07 40.83 -43.26
C GLU G 154 18.25 39.97 -43.69
N VAL G 155 18.22 38.68 -43.34
CA VAL G 155 19.29 37.78 -43.74
C VAL G 155 19.13 37.46 -45.24
N LEU G 156 17.87 37.28 -45.66
CA LEU G 156 17.54 37.00 -47.06
C LEU G 156 17.86 38.22 -47.94
N LYS G 157 17.56 39.42 -47.44
CA LYS G 157 17.84 40.66 -48.17
C LYS G 157 19.35 40.80 -48.33
N LYS G 158 20.10 40.47 -47.27
CA LYS G 158 21.55 40.53 -47.30
C LYS G 158 22.12 39.52 -48.31
N ALA G 159 21.52 38.32 -48.37
CA ALA G 159 21.94 37.28 -49.33
C ALA G 159 21.48 37.58 -50.77
N GLY G 160 20.66 38.63 -50.94
CA GLY G 160 20.18 39.07 -52.26
C GLY G 160 19.04 38.28 -52.89
N VAL G 161 18.26 37.56 -52.09
CA VAL G 161 17.16 36.73 -52.63
C VAL G 161 15.84 36.89 -51.88
N TYR G 162 15.64 38.02 -51.22
CA TYR G 162 14.40 38.20 -50.45
C TYR G 162 13.14 38.30 -51.31
N ASP G 163 12.16 37.46 -50.97
CA ASP G 163 10.88 37.45 -51.65
C ASP G 163 9.84 37.45 -50.53
N LYS G 164 9.29 38.64 -50.25
CA LYS G 164 8.27 38.83 -49.19
C LYS G 164 7.03 37.93 -49.32
N ARG G 165 6.80 37.42 -50.53
CA ARG G 165 5.68 36.51 -50.77
C ARG G 165 5.94 35.14 -50.14
N LYS G 166 7.20 34.85 -49.81
CA LYS G 166 7.58 33.54 -49.28
C LYS G 166 8.03 33.45 -47.81
N LEU G 167 7.86 34.53 -47.04
CA LEU G 167 8.24 34.53 -45.64
C LEU G 167 7.00 34.71 -44.77
N PHE G 168 6.85 33.82 -43.78
CA PHE G 168 5.68 33.84 -42.89
C PHE G 168 6.04 33.61 -41.43
N GLY G 169 5.34 34.31 -40.54
CA GLY G 169 5.46 34.09 -39.09
C GLY G 169 4.26 33.21 -38.79
N VAL G 170 4.49 32.00 -38.31
CA VAL G 170 3.39 31.07 -38.05
C VAL G 170 2.61 31.47 -36.79
N THR G 171 1.45 32.11 -36.99
CA THR G 171 0.61 32.58 -35.87
C THR G 171 -0.60 31.69 -35.63
N THR G 172 -0.71 30.62 -36.41
CA THR G 172 -1.84 29.70 -36.37
C THR G 172 -2.25 29.19 -34.97
N LEU G 173 -1.30 29.10 -34.03
CA LEU G 173 -1.64 28.63 -32.68
C LEU G 173 -2.66 29.54 -32.00
N ASP G 174 -2.53 30.85 -32.24
CA ASP G 174 -3.48 31.84 -31.71
C ASP G 174 -4.89 31.60 -32.28
N VAL G 175 -4.95 31.11 -33.52
CA VAL G 175 -6.22 30.81 -34.18
C VAL G 175 -6.85 29.56 -33.56
N LEU G 176 -6.04 28.53 -33.31
CA LEU G 176 -6.54 27.30 -32.65
C LEU G 176 -7.09 27.60 -31.27
N ARG G 177 -6.39 28.46 -30.55
CA ARG G 177 -6.81 28.86 -29.22
C ARG G 177 -8.09 29.66 -29.29
N SER G 178 -8.14 30.62 -30.20
CA SER G 178 -9.33 31.46 -30.40
C SER G 178 -10.55 30.60 -30.77
N GLU G 179 -10.37 29.67 -31.71
CA GLU G 179 -11.48 28.76 -32.10
C GLU G 179 -11.95 27.92 -30.93
N THR G 180 -11.01 27.35 -30.18
CA THR G 180 -11.35 26.50 -29.05
C THR G 180 -12.10 27.25 -27.95
N PHE G 181 -11.62 28.44 -27.60
CA PHE G 181 -12.25 29.22 -26.53
C PHE G 181 -13.60 29.81 -26.94
N VAL G 182 -13.70 30.34 -28.15
CA VAL G 182 -14.97 30.90 -28.60
C VAL G 182 -16.05 29.82 -28.66
N ALA G 183 -15.69 28.66 -29.20
CA ALA G 183 -16.65 27.54 -29.34
C ALA G 183 -17.22 27.13 -27.99
N GLU G 184 -16.32 26.87 -27.05
CA GLU G 184 -16.67 26.48 -25.68
C GLU G 184 -17.57 27.54 -25.03
N LEU G 185 -17.15 28.80 -25.08
CA LEU G 185 -17.89 29.89 -24.45
C LEU G 185 -19.25 30.20 -25.08
N LYS G 186 -19.30 30.21 -26.41
CA LYS G 186 -20.53 30.57 -27.13
C LYS G 186 -21.37 29.39 -27.66
N GLY G 187 -20.98 28.16 -27.34
CA GLY G 187 -21.73 26.96 -27.77
C GLY G 187 -21.86 26.79 -29.27
N LEU G 188 -20.72 26.85 -29.95
CA LEU G 188 -20.63 26.70 -31.39
C LEU G 188 -19.82 25.46 -31.67
N ASN G 189 -19.90 24.94 -32.90
CA ASN G 189 -19.14 23.74 -33.25
C ASN G 189 -17.68 24.12 -33.38
N VAL G 190 -16.83 23.47 -32.58
CA VAL G 190 -15.40 23.79 -32.53
C VAL G 190 -14.65 23.56 -33.87
N SER G 191 -15.15 22.66 -34.71
CA SER G 191 -14.52 22.39 -36.00
C SER G 191 -14.87 23.41 -37.07
N ARG G 192 -16.14 23.81 -37.09
CA ARG G 192 -16.65 24.76 -38.10
C ARG G 192 -16.58 26.23 -37.65
N THR G 193 -16.08 26.50 -36.44
CA THR G 193 -15.96 27.88 -35.94
C THR G 193 -14.68 28.51 -36.51
N SER G 194 -14.80 29.76 -36.94
CA SER G 194 -13.70 30.48 -37.55
C SER G 194 -13.53 31.84 -36.88
N VAL G 195 -12.34 32.07 -36.34
CA VAL G 195 -12.02 33.33 -35.66
C VAL G 195 -10.78 33.96 -36.29
N PRO G 196 -10.95 35.13 -36.95
CA PRO G 196 -9.78 35.81 -37.48
C PRO G 196 -8.91 36.34 -36.34
N VAL G 197 -7.59 36.30 -36.50
CA VAL G 197 -6.67 36.82 -35.51
C VAL G 197 -5.63 37.64 -36.28
N ILE G 198 -5.53 38.92 -35.91
CA ILE G 198 -4.58 39.81 -36.56
C ILE G 198 -3.53 40.32 -35.59
N GLY G 199 -2.53 41.00 -36.14
CA GLY G 199 -1.46 41.65 -35.38
C GLY G 199 -0.15 40.90 -35.34
N GLY G 200 0.26 40.53 -34.13
CA GLY G 200 1.49 39.79 -33.87
C GLY G 200 1.23 38.48 -33.15
N HIS G 201 2.29 37.84 -32.68
CA HIS G 201 2.19 36.52 -32.06
C HIS G 201 2.44 36.49 -30.53
N SER G 202 2.57 37.66 -29.89
CA SER G 202 2.84 37.73 -28.45
C SER G 202 2.06 38.81 -27.69
N GLY G 203 1.54 38.43 -26.52
CA GLY G 203 0.80 39.31 -25.62
C GLY G 203 -0.24 40.23 -26.25
N VAL G 204 -0.04 41.53 -26.08
CA VAL G 204 -0.98 42.54 -26.62
C VAL G 204 -1.04 42.61 -28.16
N THR G 205 -0.03 42.08 -28.86
CA THR G 205 -0.08 42.10 -30.33
C THR G 205 -1.07 41.06 -30.87
N ILE G 206 -1.46 40.07 -30.07
CA ILE G 206 -2.44 39.06 -30.49
C ILE G 206 -3.85 39.67 -30.38
N LEU G 207 -4.49 39.92 -31.53
CA LEU G 207 -5.82 40.54 -31.57
C LEU G 207 -6.86 39.65 -32.25
N PRO G 208 -7.57 38.82 -31.46
CA PRO G 208 -8.62 37.99 -32.03
C PRO G 208 -9.83 38.86 -32.34
N LEU G 209 -10.31 38.79 -33.58
CA LEU G 209 -11.46 39.60 -33.99
C LEU G 209 -12.78 38.89 -33.65
N LEU G 210 -13.09 38.87 -32.36
CA LEU G 210 -14.28 38.23 -31.83
C LEU G 210 -15.59 38.78 -32.42
N SER G 211 -15.59 40.07 -32.77
CA SER G 211 -16.76 40.71 -33.35
C SER G 211 -17.14 40.14 -34.74
N GLN G 212 -16.19 39.50 -35.43
CA GLN G 212 -16.45 38.91 -36.77
C GLN G 212 -16.90 37.46 -36.72
N VAL G 213 -17.09 36.92 -35.51
CA VAL G 213 -17.52 35.54 -35.34
C VAL G 213 -19.03 35.46 -35.55
N GLN G 214 -19.43 34.60 -36.48
CA GLN G 214 -20.84 34.41 -36.76
C GLN G 214 -21.52 33.63 -35.62
N TYR G 215 -22.77 33.98 -35.38
CA TYR G 215 -23.64 33.33 -34.39
C TYR G 215 -23.24 33.54 -32.90
N ALA G 216 -22.39 34.53 -32.64
CA ALA G 216 -21.97 34.85 -31.29
C ALA G 216 -22.50 36.23 -30.89
N LYS G 217 -23.38 36.25 -29.89
CA LYS G 217 -23.94 37.48 -29.34
C LYS G 217 -23.11 37.83 -28.11
N TRP G 218 -22.24 38.85 -28.24
CA TRP G 218 -21.33 39.24 -27.17
C TRP G 218 -21.87 40.21 -26.13
N ASN G 219 -21.54 39.92 -24.87
CA ASN G 219 -21.84 40.75 -23.71
C ASN G 219 -20.57 41.58 -23.50
N GLU G 220 -20.71 42.78 -22.93
CA GLU G 220 -19.52 43.64 -22.68
C GLU G 220 -18.47 42.95 -21.81
N ASP G 221 -18.93 42.29 -20.73
CA ASP G 221 -18.05 41.60 -19.79
C ASP G 221 -17.32 40.34 -20.30
N GLU G 222 -17.58 39.91 -21.53
CA GLU G 222 -16.92 38.71 -22.10
C GLU G 222 -15.72 39.03 -23.01
N ILE G 223 -15.80 40.14 -23.74
CA ILE G 223 -14.78 40.53 -24.71
C ILE G 223 -13.36 40.62 -24.16
N GLU G 224 -13.15 41.44 -23.12
CA GLU G 224 -11.81 41.64 -22.57
C GLU G 224 -11.22 40.39 -21.87
N PRO G 225 -12.01 39.68 -21.03
CA PRO G 225 -11.44 38.45 -20.43
C PRO G 225 -11.11 37.35 -21.45
N LEU G 226 -11.93 37.19 -22.48
CA LEU G 226 -11.67 36.20 -23.52
C LEU G 226 -10.47 36.61 -24.37
N THR G 227 -10.40 37.89 -24.71
CA THR G 227 -9.27 38.42 -25.47
C THR G 227 -8.00 38.19 -24.66
N LYS G 228 -8.07 38.48 -23.37
CA LYS G 228 -6.92 38.27 -22.47
C LYS G 228 -6.55 36.81 -22.32
N ARG G 229 -7.54 35.91 -22.32
CA ARG G 229 -7.23 34.49 -22.17
C ARG G 229 -6.40 34.01 -23.38
N ILE G 230 -6.81 34.46 -24.57
CA ILE G 230 -6.15 34.14 -25.83
C ILE G 230 -4.71 34.69 -25.87
N GLN G 231 -4.54 35.93 -25.43
CA GLN G 231 -3.22 36.56 -25.41
C GLN G 231 -2.21 35.92 -24.45
N ASN G 232 -2.71 35.35 -23.36
CA ASN G 232 -1.86 34.75 -22.33
C ASN G 232 -2.03 33.24 -22.25
N ALA G 233 -2.54 32.63 -23.32
CA ALA G 233 -2.74 31.18 -23.36
C ALA G 233 -1.43 30.39 -23.24
N GLY G 234 -0.32 30.95 -23.74
CA GLY G 234 0.98 30.29 -23.66
C GLY G 234 1.44 30.17 -22.21
N THR G 235 1.13 31.21 -21.43
CA THR G 235 1.48 31.25 -20.01
C THR G 235 0.62 30.27 -19.22
N GLU G 236 -0.67 30.21 -19.56
CA GLU G 236 -1.62 29.26 -18.95
C GLU G 236 -1.07 27.81 -19.09
N VAL G 237 -0.46 27.51 -20.23
CA VAL G 237 0.14 26.18 -20.47
C VAL G 237 1.42 26.03 -19.65
N LEU G 238 2.35 26.98 -19.82
CA LEU G 238 3.63 26.97 -19.11
C LEU G 238 3.48 26.75 -17.59
N ASN G 239 2.48 27.41 -16.99
CA ASN G 239 2.19 27.28 -15.55
C ASN G 239 1.62 25.91 -15.20
N ALA G 240 0.72 25.42 -16.04
CA ALA G 240 0.10 24.10 -15.84
C ALA G 240 1.14 22.98 -15.87
N LYS G 241 2.17 23.15 -16.70
CA LYS G 241 3.26 22.17 -16.79
C LYS G 241 4.24 22.25 -15.61
N ALA G 242 4.12 23.31 -14.79
CA ALA G 242 4.98 23.51 -13.61
C ALA G 242 6.47 23.51 -13.97
N GLY G 243 6.88 24.50 -14.76
CA GLY G 243 8.27 24.62 -15.22
C GLY G 243 8.74 23.49 -16.15
N GLY G 244 7.85 22.55 -16.45
CA GLY G 244 8.18 21.42 -17.30
C GLY G 244 8.23 21.75 -18.78
N GLY G 245 8.03 23.03 -19.13
CA GLY G 245 8.10 23.46 -20.52
C GLY G 245 6.88 24.25 -20.95
N SER G 246 6.86 24.59 -22.24
CA SER G 246 5.78 25.37 -22.86
C SER G 246 4.92 24.47 -23.76
N ALA G 247 4.02 25.08 -24.52
CA ALA G 247 3.18 24.34 -25.46
C ALA G 247 4.04 23.72 -26.57
N THR G 248 3.78 22.46 -26.88
CA THR G 248 4.52 21.76 -27.91
C THR G 248 3.57 21.00 -28.82
N LEU G 249 2.59 20.33 -28.22
CA LEU G 249 1.65 19.49 -28.96
C LEU G 249 0.65 20.33 -29.77
N SER G 250 -0.01 21.30 -29.14
CA SER G 250 -0.93 22.18 -29.87
C SER G 250 -0.15 23.08 -30.86
N MET G 251 1.08 23.40 -30.51
CA MET G 251 1.93 24.18 -31.41
C MET G 251 2.25 23.36 -32.65
N ALA G 252 2.53 22.07 -32.46
CA ALA G 252 2.83 21.18 -33.58
C ALA G 252 1.64 21.07 -34.54
N GLN G 253 0.44 21.03 -33.98
CA GLN G 253 -0.77 20.94 -34.80
C GLN G 253 -1.02 22.25 -35.53
N ALA G 254 -0.75 23.37 -34.88
CA ALA G 254 -0.92 24.69 -35.53
C ALA G 254 0.02 24.80 -36.73
N ALA G 255 1.26 24.35 -36.54
CA ALA G 255 2.29 24.36 -37.59
C ALA G 255 1.92 23.43 -38.72
N ALA G 256 1.41 22.25 -38.38
CA ALA G 256 0.99 21.25 -39.37
C ALA G 256 -0.20 21.76 -40.19
N ARG G 257 -1.08 22.53 -39.54
CA ARG G 257 -2.23 23.11 -40.21
C ARG G 257 -1.76 24.18 -41.17
N PHE G 258 -0.84 25.02 -40.69
CA PHE G 258 -0.28 26.07 -41.52
C PHE G 258 0.42 25.48 -42.73
N ALA G 259 1.26 24.47 -42.50
CA ALA G 259 2.00 23.79 -43.58
C ALA G 259 1.07 23.19 -44.63
N ARG G 260 -0.04 22.59 -44.20
CA ARG G 260 -1.03 22.03 -45.14
C ARG G 260 -1.57 23.14 -46.04
N SER G 261 -1.89 24.29 -45.44
CA SER G 261 -2.40 25.43 -46.20
C SER G 261 -1.36 25.93 -47.20
N LEU G 262 -0.10 25.99 -46.79
CA LEU G 262 0.96 26.39 -47.72
C LEU G 262 1.05 25.43 -48.89
N VAL G 263 1.12 24.12 -48.59
CA VAL G 263 1.19 23.09 -49.62
C VAL G 263 -0.01 23.16 -50.58
N LYS G 264 -1.22 23.42 -50.05
CA LYS G 264 -2.41 23.55 -50.90
C LYS G 264 -2.32 24.79 -51.80
N GLY G 265 -1.83 25.88 -51.24
CA GLY G 265 -1.62 27.09 -52.04
C GLY G 265 -0.63 26.83 -53.17
N LEU G 266 0.49 26.22 -52.82
CA LEU G 266 1.54 25.91 -53.79
C LEU G 266 1.07 24.93 -54.86
N SER G 267 0.06 24.13 -54.51
CA SER G 267 -0.50 23.14 -55.43
C SER G 267 -1.63 23.71 -56.31
N GLY G 268 -2.01 24.97 -56.09
CA GLY G 268 -3.07 25.63 -56.86
C GLY G 268 -4.45 25.74 -56.21
N GLU G 269 -4.59 25.35 -54.94
CA GLU G 269 -5.89 25.46 -54.25
C GLU G 269 -6.02 26.83 -53.59
N THR G 270 -7.24 27.31 -53.51
CA THR G 270 -7.51 28.59 -52.85
C THR G 270 -7.71 28.36 -51.36
N VAL G 271 -6.82 28.94 -50.54
CA VAL G 271 -6.92 28.86 -49.08
C VAL G 271 -6.52 30.18 -48.45
N VAL G 272 -7.21 30.55 -47.39
CA VAL G 272 -6.93 31.78 -46.65
C VAL G 272 -6.56 31.42 -45.21
N GLU G 273 -5.44 31.98 -44.76
CA GLU G 273 -4.90 31.79 -43.41
C GLU G 273 -4.46 33.12 -42.84
N CYS G 274 -4.68 33.33 -41.54
CA CYS G 274 -4.18 34.52 -40.89
C CYS G 274 -2.71 34.22 -40.64
N THR G 275 -1.83 35.09 -41.13
CA THR G 275 -0.40 34.86 -40.97
C THR G 275 0.39 36.17 -41.06
N TYR G 276 1.52 36.18 -40.37
CA TYR G 276 2.42 37.34 -40.24
C TYR G 276 3.32 37.50 -41.47
N VAL G 277 3.03 38.52 -42.27
CA VAL G 277 3.78 38.75 -43.50
C VAL G 277 4.09 40.22 -43.71
N GLU G 278 5.06 40.49 -44.59
CA GLU G 278 5.43 41.86 -44.92
C GLU G 278 4.42 42.34 -45.94
N GLY G 279 3.49 43.19 -45.49
CA GLY G 279 2.40 43.68 -46.35
C GLY G 279 2.52 45.13 -46.82
N ASP G 280 1.39 45.79 -46.96
CA ASP G 280 1.33 47.19 -47.43
C ASP G 280 1.92 48.22 -46.44
N GLY G 281 2.04 47.84 -45.17
CA GLY G 281 2.61 48.68 -44.14
C GLY G 281 1.68 49.67 -43.47
N LYS G 282 0.36 49.50 -43.61
CA LYS G 282 -0.60 50.41 -42.98
C LYS G 282 -0.52 50.41 -41.45
N TYR G 283 -0.12 49.27 -40.86
CA TYR G 283 -0.03 49.15 -39.40
C TYR G 283 1.40 48.97 -38.94
N ALA G 284 2.12 48.06 -39.60
CA ALA G 284 3.53 47.79 -39.29
C ALA G 284 4.17 47.10 -40.50
N ARG G 285 5.51 47.10 -40.58
CA ARG G 285 6.22 46.48 -41.71
C ARG G 285 5.72 45.03 -41.89
N PHE G 286 5.73 44.28 -40.80
CA PHE G 286 5.20 42.91 -40.77
C PHE G 286 3.92 42.96 -39.94
N PHE G 287 2.88 42.25 -40.39
CA PHE G 287 1.61 42.28 -39.70
C PHE G 287 0.80 41.04 -40.07
N SER G 288 0.16 40.44 -39.07
CA SER G 288 -0.64 39.26 -39.32
C SER G 288 -2.07 39.64 -39.69
N GLN G 289 -2.50 39.21 -40.86
CA GLN G 289 -3.84 39.44 -41.36
C GLN G 289 -4.22 38.29 -42.30
N PRO G 290 -5.48 38.24 -42.75
CA PRO G 290 -5.81 37.13 -43.66
C PRO G 290 -5.04 37.23 -44.97
N VAL G 291 -4.57 36.08 -45.45
CA VAL G 291 -3.78 36.01 -46.67
C VAL G 291 -4.25 34.85 -47.54
N ARG G 292 -4.54 35.15 -48.81
CA ARG G 292 -4.88 34.13 -49.77
C ARG G 292 -3.53 33.57 -50.19
N LEU G 293 -3.31 32.27 -49.96
CA LEU G 293 -2.07 31.63 -50.32
C LEU G 293 -2.21 31.12 -51.74
N GLY G 294 -1.10 31.06 -52.46
CA GLY G 294 -1.07 30.62 -53.84
C GLY G 294 0.22 29.97 -54.26
N LYS G 295 0.44 29.92 -55.58
CA LYS G 295 1.60 29.24 -56.16
C LYS G 295 2.97 29.86 -55.83
N GLU G 296 2.99 31.14 -55.46
CA GLU G 296 4.24 31.84 -55.12
C GLU G 296 4.31 32.13 -53.62
N GLY G 297 3.36 31.58 -52.87
CA GLY G 297 3.25 31.85 -51.45
C GLY G 297 2.06 32.79 -51.31
N VAL G 298 2.33 34.04 -50.96
CA VAL G 298 1.26 35.04 -50.85
C VAL G 298 0.67 35.33 -52.24
N GLU G 299 -0.65 35.20 -52.37
N GLU G 299 -0.65 35.22 -52.37
CA GLU G 299 -1.37 35.50 -53.62
CA GLU G 299 -1.36 35.51 -53.63
C GLU G 299 -1.89 36.93 -53.47
C GLU G 299 -1.94 36.92 -53.49
N GLU G 300 -2.54 37.18 -52.34
CA GLU G 300 -3.08 38.50 -52.01
C GLU G 300 -3.26 38.62 -50.50
N ILE G 301 -2.83 39.76 -49.97
CA ILE G 301 -2.96 40.08 -48.57
C ILE G 301 -4.25 40.87 -48.44
N LEU G 302 -5.27 40.24 -47.86
CA LEU G 302 -6.59 40.83 -47.70
C LEU G 302 -6.66 41.82 -46.54
N PRO G 303 -7.62 42.76 -46.60
CA PRO G 303 -7.77 43.72 -45.48
C PRO G 303 -8.34 43.04 -44.22
N ILE G 304 -8.19 43.70 -43.07
CA ILE G 304 -8.65 43.13 -41.78
C ILE G 304 -10.16 43.09 -41.56
N GLY G 305 -10.93 43.85 -42.35
CA GLY G 305 -12.38 43.88 -42.22
C GLY G 305 -12.82 44.89 -41.16
N PRO G 306 -14.13 44.96 -40.89
CA PRO G 306 -14.63 45.92 -39.90
C PRO G 306 -14.27 45.50 -38.46
N LEU G 307 -13.90 46.49 -37.65
CA LEU G 307 -13.52 46.27 -36.26
C LEU G 307 -14.50 46.93 -35.30
N SER G 308 -14.70 46.31 -34.13
CA SER G 308 -15.52 46.91 -33.09
C SER G 308 -14.68 48.02 -32.45
N ASN G 309 -15.27 48.83 -31.59
CA ASN G 309 -14.50 49.90 -30.94
C ASN G 309 -13.37 49.30 -30.08
N PHE G 310 -13.68 48.30 -29.28
CA PHE G 310 -12.68 47.61 -28.44
C PHE G 310 -11.50 47.11 -29.31
N GLU G 311 -11.82 46.48 -30.44
CA GLU G 311 -10.80 45.96 -31.36
C GLU G 311 -9.99 47.08 -31.99
N GLN G 312 -10.66 48.17 -32.35
CA GLN G 312 -9.98 49.32 -32.92
C GLN G 312 -8.92 49.84 -31.92
N GLN G 313 -9.32 50.00 -30.65
CA GLN G 313 -8.41 50.44 -29.58
C GLN G 313 -7.27 49.47 -29.33
N ALA G 314 -7.58 48.17 -29.28
CA ALA G 314 -6.53 47.17 -29.07
C ALA G 314 -5.49 47.27 -30.20
N LEU G 315 -5.98 47.45 -31.43
CA LEU G 315 -5.10 47.58 -32.61
C LEU G 315 -4.16 48.80 -32.51
N GLU G 316 -4.70 49.94 -32.12
CA GLU G 316 -3.89 51.15 -31.99
C GLU G 316 -2.92 51.07 -30.81
N ASN G 317 -3.39 50.49 -29.69
CA ASN G 317 -2.58 50.36 -28.47
C ASN G 317 -1.33 49.48 -28.62
N MET G 318 -1.37 48.51 -29.54
CA MET G 318 -0.24 47.58 -29.71
C MET G 318 0.76 47.87 -30.85
N LEU G 319 0.48 48.86 -31.69
CA LEU G 319 1.40 49.17 -32.79
C LEU G 319 2.83 49.52 -32.33
N PRO G 320 2.98 50.41 -31.32
CA PRO G 320 4.33 50.74 -30.84
C PRO G 320 5.13 49.50 -30.42
N THR G 321 4.49 48.58 -29.70
CA THR G 321 5.12 47.34 -29.25
C THR G 321 5.52 46.46 -30.44
N LEU G 322 4.56 46.23 -31.35
CA LEU G 322 4.81 45.41 -32.53
C LEU G 322 5.95 45.97 -33.38
N ARG G 323 6.02 47.29 -33.53
CA ARG G 323 7.09 47.94 -34.30
C ARG G 323 8.44 47.83 -33.60
N ALA G 324 8.43 47.89 -32.27
CA ALA G 324 9.65 47.73 -31.48
C ALA G 324 10.20 46.29 -31.63
N ASP G 325 9.31 45.29 -31.67
CA ASP G 325 9.70 43.89 -31.88
C ASP G 325 10.36 43.71 -33.25
N ILE G 326 9.82 44.41 -34.24
CA ILE G 326 10.33 44.35 -35.61
C ILE G 326 11.71 45.04 -35.73
N GLU G 327 11.84 46.25 -35.16
CA GLU G 327 13.13 46.97 -35.18
C GLU G 327 14.21 46.14 -34.50
N LEU G 328 13.85 45.55 -33.35
CA LEU G 328 14.75 44.68 -32.60
C LEU G 328 15.37 43.63 -33.52
N GLY G 329 14.52 42.97 -34.33
CA GLY G 329 14.97 41.95 -35.27
C GLY G 329 15.78 42.55 -36.42
N GLU G 330 15.38 43.74 -36.84
CA GLU G 330 16.08 44.46 -37.92
C GLU G 330 17.49 44.82 -37.50
N LYS G 331 17.63 45.38 -36.30
CA LYS G 331 18.94 45.79 -35.77
C LYS G 331 19.87 44.61 -35.42
N PHE G 332 19.33 43.41 -35.25
CA PHE G 332 20.17 42.23 -34.97
C PHE G 332 21.08 41.94 -36.16
N ILE G 333 20.53 42.13 -37.37
CA ILE G 333 21.28 41.92 -38.60
C ILE G 333 21.99 43.22 -39.07
N ASN G 334 21.28 44.35 -39.04
CA ASN G 334 21.79 45.65 -39.56
C ASN G 334 22.38 46.66 -38.55
N GLY G 335 22.22 46.42 -37.25
CA GLY G 335 22.74 47.34 -36.22
C GLY G 335 21.96 48.64 -36.08
N ASN H 23 -24.18 8.84 -24.41
CA ASN H 23 -23.25 7.65 -24.37
C ASN H 23 -21.80 8.04 -24.68
N ALA H 24 -21.28 8.98 -23.90
CA ALA H 24 -19.91 9.46 -24.08
C ALA H 24 -18.90 8.44 -23.54
N MET H 25 -18.02 7.94 -24.41
CA MET H 25 -16.97 7.01 -24.02
C MET H 25 -15.89 7.79 -23.29
N LYS H 26 -15.19 7.11 -22.37
CA LYS H 26 -14.07 7.71 -21.65
C LYS H 26 -12.80 6.87 -21.86
N VAL H 27 -11.77 7.53 -22.37
CA VAL H 27 -10.48 6.90 -22.62
C VAL H 27 -9.48 7.51 -21.65
N ALA H 28 -8.79 6.65 -20.91
CA ALA H 28 -7.80 7.07 -19.93
C ALA H 28 -6.42 6.58 -20.34
N VAL H 29 -5.44 7.50 -20.29
CA VAL H 29 -4.07 7.19 -20.60
C VAL H 29 -3.24 7.32 -19.31
N LEU H 30 -2.65 6.21 -18.90
CA LEU H 30 -1.78 6.16 -17.72
C LEU H 30 -0.36 6.11 -18.25
N GLY H 31 0.38 7.20 -18.08
CA GLY H 31 1.74 7.32 -18.59
C GLY H 31 1.77 8.40 -19.66
N ALA H 32 0.96 9.43 -19.48
CA ALA H 32 0.83 10.51 -20.47
C ALA H 32 1.90 11.60 -20.47
N ALA H 33 2.87 11.54 -19.56
CA ALA H 33 3.94 12.55 -19.48
C ALA H 33 5.24 12.13 -20.19
N GLY H 34 5.35 10.84 -20.54
CA GLY H 34 6.52 10.31 -21.22
C GLY H 34 6.45 10.54 -22.72
N GLY H 35 7.49 10.12 -23.45
CA GLY H 35 7.52 10.31 -24.90
C GLY H 35 6.30 9.75 -25.61
N ILE H 36 6.06 8.46 -25.45
CA ILE H 36 4.92 7.79 -26.08
C ILE H 36 3.62 8.42 -25.66
N GLY H 37 3.49 8.68 -24.36
CA GLY H 37 2.28 9.24 -23.77
C GLY H 37 1.82 10.58 -24.30
N GLN H 38 2.75 11.53 -24.43
CA GLN H 38 2.42 12.86 -24.93
C GLN H 38 1.99 12.79 -26.38
N ALA H 39 2.74 12.05 -27.20
CA ALA H 39 2.38 11.88 -28.60
C ALA H 39 1.02 11.17 -28.71
N LEU H 40 0.74 10.24 -27.80
CA LEU H 40 -0.55 9.53 -27.79
C LEU H 40 -1.67 10.49 -27.39
N ALA H 41 -1.42 11.35 -26.39
CA ALA H 41 -2.43 12.33 -25.98
C ALA H 41 -2.82 13.20 -27.16
N LEU H 42 -1.81 13.68 -27.89
CA LEU H 42 -2.01 14.51 -29.09
C LEU H 42 -2.84 13.76 -30.12
N LEU H 43 -2.42 12.55 -30.48
CA LEU H 43 -3.15 11.77 -31.49
C LEU H 43 -4.59 11.43 -31.10
N LEU H 44 -4.82 11.11 -29.83
CA LEU H 44 -6.19 10.79 -29.36
C LEU H 44 -7.09 12.02 -29.43
N LYS H 45 -6.51 13.16 -29.09
CA LYS H 45 -7.24 14.42 -29.15
C LYS H 45 -7.71 14.68 -30.59
N LEU H 46 -6.87 14.35 -31.57
CA LEU H 46 -7.18 14.58 -32.98
C LEU H 46 -8.00 13.49 -33.65
N GLN H 47 -8.00 12.30 -33.07
CA GLN H 47 -8.64 11.14 -33.72
C GLN H 47 -9.88 10.56 -33.04
N LEU H 48 -10.01 10.72 -31.73
CA LEU H 48 -11.17 10.15 -31.03
C LEU H 48 -12.48 10.82 -31.46
N PRO H 49 -13.59 10.06 -31.49
CA PRO H 49 -14.90 10.64 -31.89
C PRO H 49 -15.36 11.82 -31.02
N ALA H 50 -16.18 12.67 -31.63
CA ALA H 50 -16.73 13.85 -30.98
C ALA H 50 -17.46 13.44 -29.70
N GLY H 51 -17.26 14.21 -28.62
CA GLY H 51 -17.90 13.92 -27.32
C GLY H 51 -17.16 12.92 -26.43
N THR H 52 -16.06 12.36 -26.91
CA THR H 52 -15.28 11.40 -26.13
C THR H 52 -14.50 12.13 -25.04
N ASP H 53 -14.50 11.57 -23.83
CA ASP H 53 -13.73 12.10 -22.71
C ASP H 53 -12.35 11.44 -22.69
N LEU H 54 -11.32 12.27 -22.64
CA LEU H 54 -9.93 11.83 -22.60
C LEU H 54 -9.31 12.29 -21.27
N SER H 55 -8.81 11.34 -20.48
CA SER H 55 -8.18 11.68 -19.21
C SER H 55 -6.74 11.20 -19.23
N LEU H 56 -5.82 12.12 -18.96
CA LEU H 56 -4.41 11.86 -18.98
C LEU H 56 -3.90 11.76 -17.55
N TYR H 57 -3.05 10.78 -17.30
CA TYR H 57 -2.48 10.59 -15.97
C TYR H 57 -1.03 10.17 -16.02
N ASP H 58 -0.27 10.69 -15.06
CA ASP H 58 1.10 10.26 -14.86
C ASP H 58 1.51 10.88 -13.53
N ILE H 59 2.51 10.29 -12.88
CA ILE H 59 3.01 10.80 -11.59
C ILE H 59 3.57 12.23 -11.71
N ALA H 60 4.36 12.48 -12.76
CA ALA H 60 5.00 13.79 -12.95
C ALA H 60 3.99 14.96 -12.93
N PRO H 61 4.33 16.06 -12.22
CA PRO H 61 3.44 17.24 -12.15
C PRO H 61 3.17 17.95 -13.48
N VAL H 62 3.91 17.60 -14.53
CA VAL H 62 3.70 18.21 -15.85
C VAL H 62 2.38 17.73 -16.49
N THR H 63 1.87 16.58 -16.06
CA THR H 63 0.68 15.95 -16.68
C THR H 63 -0.57 16.83 -16.87
N PRO H 64 -0.97 17.63 -15.86
CA PRO H 64 -2.13 18.50 -16.12
C PRO H 64 -1.82 19.52 -17.23
N GLY H 65 -0.56 19.94 -17.33
CA GLY H 65 -0.13 20.89 -18.37
C GLY H 65 -0.06 20.29 -19.76
N VAL H 66 0.14 18.97 -19.84
CA VAL H 66 0.11 18.27 -21.11
C VAL H 66 -1.33 18.31 -21.60
N ALA H 67 -2.28 18.10 -20.67
CA ALA H 67 -3.72 18.11 -20.99
C ALA H 67 -4.16 19.50 -21.38
N VAL H 68 -3.68 20.52 -20.67
CA VAL H 68 -4.02 21.90 -21.00
C VAL H 68 -3.51 22.25 -22.41
N ASP H 69 -2.32 21.73 -22.74
CA ASP H 69 -1.70 21.94 -24.05
C ASP H 69 -2.59 21.36 -25.16
N VAL H 70 -2.92 20.09 -25.06
CA VAL H 70 -3.75 19.47 -26.10
C VAL H 70 -5.20 19.98 -26.07
N SER H 71 -5.65 20.55 -24.94
CA SER H 71 -7.02 21.10 -24.86
C SER H 71 -7.21 22.33 -25.75
N HIS H 72 -6.10 22.97 -26.15
CA HIS H 72 -6.13 24.15 -27.01
C HIS H 72 -6.34 23.79 -28.50
N ILE H 73 -6.28 22.50 -28.83
CA ILE H 73 -6.51 22.03 -30.19
C ILE H 73 -8.04 21.97 -30.36
N PRO H 74 -8.56 22.60 -31.43
CA PRO H 74 -10.01 22.65 -31.61
C PRO H 74 -10.70 21.36 -32.11
N THR H 75 -10.96 20.42 -31.20
CA THR H 75 -11.70 19.21 -31.54
C THR H 75 -12.71 18.94 -30.43
N ALA H 76 -13.76 18.21 -30.76
CA ALA H 76 -14.83 17.92 -29.79
C ALA H 76 -14.51 16.82 -28.77
N VAL H 77 -13.23 16.59 -28.52
CA VAL H 77 -12.77 15.61 -27.53
C VAL H 77 -12.43 16.42 -26.27
N ASN H 78 -13.02 16.05 -25.14
CA ASN H 78 -12.80 16.75 -23.86
C ASN H 78 -11.60 16.13 -23.14
N VAL H 79 -10.60 16.94 -22.84
CA VAL H 79 -9.40 16.41 -22.22
C VAL H 79 -9.11 17.04 -20.87
N LYS H 80 -8.74 16.18 -19.92
CA LYS H 80 -8.40 16.62 -18.58
C LYS H 80 -7.17 15.84 -18.15
N GLY H 81 -6.30 16.49 -17.38
CA GLY H 81 -5.05 15.90 -16.91
C GLY H 81 -4.98 15.76 -15.40
N PHE H 82 -4.25 14.74 -14.95
CA PHE H 82 -4.11 14.44 -13.53
C PHE H 82 -2.71 13.93 -13.19
N SER H 83 -2.27 14.20 -11.97
CA SER H 83 -0.96 13.77 -11.49
C SER H 83 -1.02 13.35 -10.02
N GLY H 84 0.15 13.04 -9.44
CA GLY H 84 0.22 12.61 -8.05
C GLY H 84 0.16 11.10 -7.98
N GLU H 85 0.07 10.59 -6.77
CA GLU H 85 0.07 9.16 -6.48
C GLU H 85 -1.22 8.41 -6.87
N ASP H 86 -2.36 9.10 -6.83
CA ASP H 86 -3.67 8.48 -7.10
C ASP H 86 -4.28 8.82 -8.48
N PRO H 87 -4.37 7.82 -9.40
CA PRO H 87 -4.98 7.98 -10.73
C PRO H 87 -6.51 7.75 -10.74
N THR H 88 -7.12 7.49 -9.59
CA THR H 88 -8.58 7.29 -9.49
C THR H 88 -9.41 8.36 -10.23
N PRO H 89 -9.03 9.65 -10.11
CA PRO H 89 -9.78 10.66 -10.85
C PRO H 89 -9.80 10.39 -12.36
N ALA H 90 -8.65 9.99 -12.87
CA ALA H 90 -8.48 9.67 -14.29
C ALA H 90 -9.20 8.40 -14.71
N LEU H 91 -9.28 7.42 -13.81
CA LEU H 91 -9.90 6.12 -14.12
C LEU H 91 -11.41 6.04 -13.86
N GLU H 92 -11.94 7.06 -13.17
CA GLU H 92 -13.35 7.10 -12.83
C GLU H 92 -14.18 7.06 -14.11
N GLY H 93 -14.95 5.98 -14.26
CA GLY H 93 -15.85 5.80 -15.41
C GLY H 93 -15.17 5.49 -16.74
N ALA H 94 -13.89 5.10 -16.69
CA ALA H 94 -13.15 4.80 -17.91
C ALA H 94 -13.65 3.55 -18.61
N ASP H 95 -13.88 3.66 -19.92
CA ASP H 95 -14.32 2.54 -20.74
C ASP H 95 -13.11 1.84 -21.33
N VAL H 96 -12.07 2.63 -21.58
CA VAL H 96 -10.82 2.14 -22.13
C VAL H 96 -9.68 2.73 -21.33
N VAL H 97 -8.73 1.86 -20.98
CA VAL H 97 -7.54 2.26 -20.23
C VAL H 97 -6.32 1.84 -21.03
N LEU H 98 -5.50 2.83 -21.37
CA LEU H 98 -4.28 2.61 -22.12
C LEU H 98 -3.12 2.81 -21.17
N ILE H 99 -2.24 1.83 -21.07
CA ILE H 99 -1.09 1.91 -20.19
C ILE H 99 0.19 2.00 -21.00
N SER H 100 0.78 3.18 -21.00
CA SER H 100 2.03 3.46 -21.71
C SER H 100 3.06 4.03 -20.74
N ALA H 101 2.88 3.76 -19.46
CA ALA H 101 3.79 4.27 -18.44
C ALA H 101 5.06 3.42 -18.40
N GLY H 102 6.07 3.95 -17.72
CA GLY H 102 7.32 3.23 -17.58
C GLY H 102 8.37 3.63 -18.57
N VAL H 103 9.41 2.82 -18.66
CA VAL H 103 10.53 3.15 -19.50
C VAL H 103 10.44 2.48 -20.88
N ALA H 104 10.95 3.20 -21.89
CA ALA H 104 11.02 2.72 -23.27
C ALA H 104 12.43 2.18 -23.52
N ARG H 105 12.59 1.41 -24.57
CA ARG H 105 13.88 0.78 -24.84
C ARG H 105 15.02 1.74 -25.21
N LYS H 106 16.22 1.42 -24.72
CA LYS H 106 17.44 2.20 -24.95
C LYS H 106 18.57 1.21 -25.31
N PRO H 107 19.69 1.71 -25.87
CA PRO H 107 20.83 0.86 -26.27
C PRO H 107 21.34 -0.13 -25.22
N GLY H 108 21.38 0.30 -23.96
CA GLY H 108 21.85 -0.56 -22.85
C GLY H 108 20.74 -1.33 -22.15
N MET H 109 19.52 -0.81 -22.24
CA MET H 109 18.35 -1.43 -21.61
C MET H 109 17.55 -2.26 -22.62
N ASP H 110 18.13 -3.32 -23.15
CA ASP H 110 17.41 -4.15 -24.15
C ASP H 110 16.60 -5.33 -23.57
N ARG H 111 15.31 -5.06 -23.36
CA ARG H 111 14.28 -6.01 -22.87
C ARG H 111 14.43 -6.52 -21.41
N SER H 112 15.65 -6.89 -21.01
CA SER H 112 15.89 -7.35 -19.64
C SER H 112 15.59 -6.24 -18.65
N ASP H 113 16.12 -5.05 -18.94
CA ASP H 113 15.94 -3.88 -18.08
C ASP H 113 14.53 -3.31 -18.15
N LEU H 114 13.82 -3.50 -19.27
CA LEU H 114 12.45 -3.00 -19.36
C LEU H 114 11.62 -3.69 -18.31
N PHE H 115 11.70 -5.03 -18.27
CA PHE H 115 10.96 -5.81 -17.27
C PHE H 115 11.35 -5.42 -15.84
N ASN H 116 12.65 -5.25 -15.63
CA ASN H 116 13.22 -4.88 -14.33
C ASN H 116 12.57 -3.62 -13.76
N ILE H 117 12.36 -2.61 -14.61
CA ILE H 117 11.76 -1.34 -14.19
C ILE H 117 10.22 -1.26 -14.33
N ASN H 118 9.68 -1.79 -15.42
CA ASN H 118 8.24 -1.68 -15.71
C ASN H 118 7.32 -2.71 -15.03
N ALA H 119 7.86 -3.82 -14.53
CA ALA H 119 7.03 -4.85 -13.90
C ALA H 119 6.22 -4.29 -12.72
N GLY H 120 6.91 -3.58 -11.83
CA GLY H 120 6.28 -2.97 -10.66
C GLY H 120 5.34 -1.84 -10.99
N ILE H 121 5.66 -1.10 -12.04
CA ILE H 121 4.81 0.03 -12.48
C ILE H 121 3.47 -0.48 -13.04
N VAL H 122 3.52 -1.54 -13.86
CA VAL H 122 2.31 -2.15 -14.41
C VAL H 122 1.43 -2.72 -13.30
N ARG H 123 2.06 -3.43 -12.36
CA ARG H 123 1.33 -4.01 -11.22
C ARG H 123 0.58 -2.91 -10.45
N GLY H 124 1.29 -1.81 -10.15
CA GLY H 124 0.71 -0.71 -9.39
C GLY H 124 -0.52 -0.08 -10.05
N LEU H 125 -0.40 0.19 -11.34
CA LEU H 125 -1.47 0.81 -12.09
C LEU H 125 -2.65 -0.12 -12.25
N ILE H 126 -2.39 -1.40 -12.55
CA ILE H 126 -3.47 -2.38 -12.72
C ILE H 126 -4.22 -2.66 -11.41
N GLU H 127 -3.56 -2.50 -10.27
CA GLU H 127 -4.24 -2.70 -8.97
C GLU H 127 -5.29 -1.59 -8.78
N LYS H 128 -4.99 -0.40 -9.29
CA LYS H 128 -5.90 0.73 -9.21
C LYS H 128 -7.01 0.60 -10.26
N VAL H 129 -6.70 -0.03 -11.39
CA VAL H 129 -7.73 -0.29 -12.41
C VAL H 129 -8.73 -1.33 -11.85
N ALA H 130 -8.23 -2.34 -11.14
CA ALA H 130 -9.10 -3.39 -10.57
C ALA H 130 -10.13 -2.85 -9.57
N VAL H 131 -9.79 -1.73 -8.94
CA VAL H 131 -10.64 -1.07 -7.95
C VAL H 131 -11.62 -0.04 -8.55
N THR H 132 -11.12 0.81 -9.45
CA THR H 132 -11.89 1.93 -9.98
C THR H 132 -12.70 1.67 -11.25
N CYS H 133 -12.16 0.88 -12.17
CA CYS H 133 -12.86 0.59 -13.41
C CYS H 133 -12.55 -0.83 -13.87
N PRO H 134 -12.97 -1.83 -13.07
CA PRO H 134 -12.71 -3.24 -13.40
C PRO H 134 -13.30 -3.73 -14.73
N LYS H 135 -14.33 -3.05 -15.23
CA LYS H 135 -14.97 -3.42 -16.50
C LYS H 135 -14.42 -2.68 -17.72
N ALA H 136 -13.36 -1.88 -17.53
CA ALA H 136 -12.76 -1.15 -18.65
C ALA H 136 -11.96 -2.11 -19.52
N CYS H 137 -11.83 -1.79 -20.81
CA CYS H 137 -10.96 -2.54 -21.68
C CYS H 137 -9.56 -1.96 -21.42
N VAL H 138 -8.61 -2.82 -21.06
CA VAL H 138 -7.26 -2.42 -20.72
C VAL H 138 -6.30 -2.78 -21.85
N GLY H 139 -5.65 -1.76 -22.40
CA GLY H 139 -4.68 -1.94 -23.48
C GLY H 139 -3.30 -1.68 -22.96
N ILE H 140 -2.47 -2.72 -22.89
CA ILE H 140 -1.11 -2.59 -22.38
C ILE H 140 -0.14 -2.24 -23.51
N ILE H 141 0.47 -1.07 -23.42
CA ILE H 141 1.47 -0.60 -24.39
C ILE H 141 2.89 -0.80 -23.80
N THR H 142 3.02 -0.57 -22.49
CA THR H 142 4.29 -0.73 -21.74
C THR H 142 4.94 -2.10 -21.99
N ASN H 143 6.18 -2.08 -22.47
CA ASN H 143 6.92 -3.30 -22.76
C ASN H 143 7.61 -3.89 -21.52
N PRO H 144 7.97 -5.18 -21.53
CA PRO H 144 7.75 -6.12 -22.64
C PRO H 144 6.32 -6.66 -22.60
N VAL H 145 5.57 -6.37 -23.65
CA VAL H 145 4.13 -6.69 -23.72
C VAL H 145 3.80 -8.16 -23.49
N ASN H 146 4.61 -9.07 -24.05
CA ASN H 146 4.38 -10.49 -23.87
C ASN H 146 4.29 -10.83 -22.38
N THR H 147 5.11 -10.14 -21.57
CA THR H 147 5.18 -10.35 -20.10
C THR H 147 4.24 -9.46 -19.27
N THR H 148 4.17 -8.18 -19.59
CA THR H 148 3.35 -7.23 -18.83
C THR H 148 1.83 -7.50 -18.90
N VAL H 149 1.38 -8.13 -19.98
CA VAL H 149 -0.02 -8.52 -20.09
C VAL H 149 -0.29 -9.63 -19.09
N ALA H 150 0.66 -10.56 -18.92
CA ALA H 150 0.53 -11.66 -17.96
C ALA H 150 0.50 -11.09 -16.53
N ILE H 151 1.32 -10.08 -16.27
CA ILE H 151 1.34 -9.38 -14.97
C ILE H 151 -0.06 -8.81 -14.69
N ALA H 152 -0.58 -8.06 -15.67
CA ALA H 152 -1.91 -7.44 -15.56
C ALA H 152 -3.01 -8.46 -15.26
N ALA H 153 -2.98 -9.58 -15.97
CA ALA H 153 -3.98 -10.65 -15.78
C ALA H 153 -3.96 -11.19 -14.36
N GLU H 154 -2.78 -11.50 -13.87
CA GLU H 154 -2.66 -12.01 -12.51
C GLU H 154 -3.11 -11.01 -11.45
N VAL H 155 -2.83 -9.72 -11.65
CA VAL H 155 -3.26 -8.71 -10.68
C VAL H 155 -4.79 -8.67 -10.62
N LEU H 156 -5.43 -8.71 -11.79
CA LEU H 156 -6.90 -8.67 -11.88
C LEU H 156 -7.54 -9.91 -11.23
N LYS H 157 -6.91 -11.07 -11.40
CA LYS H 157 -7.41 -12.31 -10.77
C LYS H 157 -7.34 -12.22 -9.25
N LYS H 158 -6.21 -11.77 -8.74
CA LYS H 158 -6.00 -11.60 -7.31
C LYS H 158 -7.06 -10.62 -6.74
N ALA H 159 -7.49 -9.65 -7.55
CA ALA H 159 -8.51 -8.68 -7.14
C ALA H 159 -9.92 -9.25 -7.32
N GLY H 160 -10.02 -10.41 -7.96
CA GLY H 160 -11.30 -11.10 -8.20
C GLY H 160 -12.17 -10.51 -9.29
N VAL H 161 -11.58 -9.77 -10.24
CA VAL H 161 -12.36 -9.11 -11.31
C VAL H 161 -11.84 -9.36 -12.74
N TYR H 162 -10.98 -10.36 -12.91
CA TYR H 162 -10.40 -10.64 -14.23
C TYR H 162 -11.43 -11.09 -15.26
N ASP H 163 -11.43 -10.39 -16.40
CA ASP H 163 -12.31 -10.68 -17.51
C ASP H 163 -11.39 -10.72 -18.71
N LYS H 164 -11.12 -11.93 -19.18
CA LYS H 164 -10.19 -12.13 -20.31
C LYS H 164 -10.61 -11.47 -21.63
N ARG H 165 -11.87 -11.02 -21.70
CA ARG H 165 -12.35 -10.31 -22.87
C ARG H 165 -11.90 -8.83 -22.85
N LYS H 166 -11.39 -8.35 -21.71
CA LYS H 166 -11.05 -6.93 -21.57
C LYS H 166 -9.58 -6.58 -21.36
N LEU H 167 -8.68 -7.52 -21.61
CA LEU H 167 -7.25 -7.29 -21.45
C LEU H 167 -6.56 -7.51 -22.79
N PHE H 168 -5.79 -6.52 -23.22
CA PHE H 168 -5.12 -6.59 -24.50
C PHE H 168 -3.66 -6.12 -24.46
N GLY H 169 -2.82 -6.85 -25.20
CA GLY H 169 -1.45 -6.46 -25.41
C GLY H 169 -1.49 -5.76 -26.76
N VAL H 170 -1.05 -4.50 -26.80
CA VAL H 170 -1.08 -3.70 -28.01
C VAL H 170 0.12 -4.05 -28.89
N THR H 171 -0.15 -4.83 -29.94
CA THR H 171 0.86 -5.28 -30.89
C THR H 171 0.79 -4.54 -32.22
N THR H 172 -0.13 -3.58 -32.30
CA THR H 172 -0.42 -2.85 -33.53
C THR H 172 0.78 -2.24 -34.24
N LEU H 173 1.81 -1.86 -33.50
CA LEU H 173 3.01 -1.33 -34.14
C LEU H 173 3.60 -2.33 -35.12
N ASP H 174 3.51 -3.63 -34.81
CA ASP H 174 4.02 -4.67 -35.71
C ASP H 174 3.22 -4.65 -37.01
N VAL H 175 1.94 -4.33 -36.91
CA VAL H 175 1.04 -4.25 -38.05
C VAL H 175 1.40 -3.01 -38.90
N LEU H 176 1.61 -1.86 -38.26
CA LEU H 176 2.02 -0.65 -39.00
C LEU H 176 3.29 -0.89 -39.81
N ARG H 177 4.29 -1.48 -39.16
CA ARG H 177 5.54 -1.79 -39.81
C ARG H 177 5.36 -2.79 -40.94
N SER H 178 4.56 -3.82 -40.71
CA SER H 178 4.32 -4.83 -41.75
C SER H 178 3.67 -4.19 -42.98
N GLU H 179 2.62 -3.41 -42.75
CA GLU H 179 1.91 -2.72 -43.85
C GLU H 179 2.85 -1.84 -44.63
N THR H 180 3.70 -1.09 -43.92
CA THR H 180 4.63 -0.18 -44.57
C THR H 180 5.66 -0.93 -45.41
N PHE H 181 6.34 -1.90 -44.80
CA PHE H 181 7.39 -2.63 -45.51
C PHE H 181 6.85 -3.46 -46.68
N VAL H 182 5.69 -4.07 -46.52
CA VAL H 182 5.08 -4.86 -47.59
C VAL H 182 4.65 -3.96 -48.76
N ALA H 183 4.00 -2.83 -48.43
CA ALA H 183 3.53 -1.89 -49.45
C ALA H 183 4.64 -1.36 -50.34
N GLU H 184 5.77 -1.02 -49.74
CA GLU H 184 6.90 -0.52 -50.51
C GLU H 184 7.57 -1.61 -51.34
N LEU H 185 7.77 -2.77 -50.74
CA LEU H 185 8.44 -3.87 -51.44
C LEU H 185 7.63 -4.43 -52.61
N LYS H 186 6.32 -4.58 -52.45
CA LYS H 186 5.45 -5.18 -53.48
C LYS H 186 4.62 -4.20 -54.31
N GLY H 187 4.85 -2.89 -54.14
CA GLY H 187 4.12 -1.88 -54.91
C GLY H 187 2.63 -1.90 -54.69
N LEU H 188 2.22 -1.93 -53.42
CA LEU H 188 0.82 -1.92 -53.06
C LEU H 188 0.50 -0.61 -52.41
N ASN H 189 -0.80 -0.29 -52.34
CA ASN H 189 -1.27 0.94 -51.72
C ASN H 189 -0.98 0.81 -50.21
N VAL H 190 -0.16 1.72 -49.70
CA VAL H 190 0.23 1.69 -48.28
C VAL H 190 -0.96 1.85 -47.31
N SER H 191 -1.99 2.57 -47.74
CA SER H 191 -3.20 2.80 -46.92
C SER H 191 -4.22 1.67 -46.95
N ARG H 192 -4.21 0.83 -48.00
CA ARG H 192 -5.16 -0.29 -48.12
C ARG H 192 -4.50 -1.67 -48.24
N THR H 193 -3.39 -1.86 -47.54
CA THR H 193 -2.73 -3.15 -47.51
C THR H 193 -2.91 -3.70 -46.11
N SER H 194 -3.47 -4.91 -46.01
CA SER H 194 -3.73 -5.56 -44.73
C SER H 194 -2.77 -6.73 -44.58
N VAL H 195 -2.04 -6.75 -43.45
CA VAL H 195 -1.08 -7.80 -43.15
C VAL H 195 -1.36 -8.31 -41.73
N PRO H 196 -1.91 -9.53 -41.61
CA PRO H 196 -2.13 -10.06 -40.27
C PRO H 196 -0.77 -10.35 -39.64
N VAL H 197 -0.67 -10.15 -38.33
CA VAL H 197 0.57 -10.41 -37.61
C VAL H 197 0.17 -11.16 -36.37
N ILE H 198 0.83 -12.28 -36.12
CA ILE H 198 0.51 -13.13 -35.00
C ILE H 198 1.71 -13.41 -34.12
N GLY H 199 1.41 -14.00 -32.96
CA GLY H 199 2.39 -14.42 -31.97
C GLY H 199 2.50 -13.51 -30.76
N GLY H 200 3.61 -12.79 -30.70
CA GLY H 200 3.93 -11.89 -29.60
C GLY H 200 4.47 -10.57 -30.12
N HIS H 201 4.97 -9.75 -29.21
CA HIS H 201 5.41 -8.39 -29.55
C HIS H 201 6.91 -8.10 -29.50
N SER H 202 7.74 -9.14 -29.63
CA SER H 202 9.19 -8.96 -29.60
C SER H 202 9.97 -9.99 -30.42
N GLY H 203 11.06 -9.53 -31.06
CA GLY H 203 11.96 -10.36 -31.86
C GLY H 203 11.34 -11.55 -32.56
N VAL H 204 11.72 -12.75 -32.15
CA VAL H 204 11.22 -13.97 -32.80
C VAL H 204 9.72 -14.24 -32.62
N THR H 205 9.06 -13.63 -31.64
CA THR H 205 7.60 -13.85 -31.43
C THR H 205 6.71 -13.14 -32.44
N ILE H 206 7.26 -12.13 -33.13
CA ILE H 206 6.54 -11.35 -34.13
C ILE H 206 6.49 -12.15 -35.42
N LEU H 207 5.29 -12.58 -35.81
CA LEU H 207 5.14 -13.39 -37.02
C LEU H 207 4.16 -12.78 -38.03
N PRO H 208 4.69 -12.01 -39.00
CA PRO H 208 3.79 -11.41 -40.00
C PRO H 208 3.38 -12.49 -40.99
N LEU H 209 2.08 -12.63 -41.21
CA LEU H 209 1.57 -13.64 -42.16
C LEU H 209 1.55 -13.08 -43.58
N LEU H 210 2.74 -13.01 -44.18
CA LEU H 210 2.91 -12.48 -45.54
C LEU H 210 2.19 -13.31 -46.62
N SER H 211 2.01 -14.61 -46.36
CA SER H 211 1.34 -15.49 -47.31
C SER H 211 -0.12 -15.10 -47.53
N GLN H 212 -0.71 -14.41 -46.57
CA GLN H 212 -2.11 -13.98 -46.64
C GLN H 212 -2.34 -12.58 -47.24
N VAL H 213 -1.27 -11.90 -47.63
CA VAL H 213 -1.37 -10.57 -48.26
C VAL H 213 -1.85 -10.74 -49.70
N GLN H 214 -2.93 -10.04 -50.05
CA GLN H 214 -3.48 -10.10 -51.39
C GLN H 214 -2.62 -9.30 -52.37
N TYR H 215 -2.66 -9.73 -53.62
CA TYR H 215 -1.97 -9.06 -54.75
C TYR H 215 -0.44 -9.06 -54.67
N ALA H 216 0.11 -9.93 -53.83
CA ALA H 216 1.56 -10.05 -53.68
C ALA H 216 2.03 -11.47 -54.03
N LYS H 217 2.93 -11.57 -55.00
CA LYS H 217 3.51 -12.85 -55.41
C LYS H 217 4.95 -12.81 -54.89
N TRP H 218 5.22 -13.64 -53.89
CA TRP H 218 6.53 -13.65 -53.25
C TRP H 218 7.60 -14.40 -54.03
N ASN H 219 8.75 -13.76 -54.18
CA ASN H 219 9.91 -14.36 -54.84
C ASN H 219 10.59 -15.26 -53.80
N GLU H 220 11.51 -16.09 -54.25
CA GLU H 220 12.19 -17.03 -53.34
C GLU H 220 13.01 -16.34 -52.24
N ASP H 221 13.66 -15.22 -52.59
CA ASP H 221 14.56 -14.50 -51.67
C ASP H 221 13.95 -13.37 -50.83
N GLU H 222 12.64 -13.17 -50.89
CA GLU H 222 11.97 -12.05 -50.19
C GLU H 222 11.39 -12.30 -48.80
N ILE H 223 10.82 -13.48 -48.58
CA ILE H 223 10.15 -13.82 -47.32
C ILE H 223 11.00 -13.67 -46.04
N GLU H 224 12.12 -14.39 -45.98
CA GLU H 224 12.94 -14.35 -44.77
C GLU H 224 13.56 -12.98 -44.47
N PRO H 225 14.15 -12.29 -45.47
CA PRO H 225 14.67 -10.95 -45.14
C PRO H 225 13.56 -9.99 -44.66
N LEU H 226 12.37 -10.05 -45.27
CA LEU H 226 11.27 -9.16 -44.88
C LEU H 226 10.72 -9.49 -43.48
N THR H 227 10.61 -10.79 -43.17
CA THR H 227 10.16 -11.21 -41.85
C THR H 227 11.15 -10.70 -40.79
N LYS H 228 12.45 -10.91 -41.04
CA LYS H 228 13.50 -10.45 -40.11
C LYS H 228 13.44 -8.93 -39.89
N ARG H 229 13.30 -8.18 -40.96
CA ARG H 229 13.22 -6.72 -40.87
C ARG H 229 12.02 -6.27 -40.04
N ILE H 230 10.90 -6.97 -40.20
CA ILE H 230 9.68 -6.67 -39.44
C ILE H 230 9.92 -6.95 -37.95
N GLN H 231 10.50 -8.10 -37.67
CA GLN H 231 10.82 -8.53 -36.31
C GLN H 231 11.85 -7.63 -35.60
N ASN H 232 12.86 -7.19 -36.35
CA ASN H 232 13.95 -6.38 -35.80
C ASN H 232 13.77 -4.86 -36.03
N ALA H 233 12.58 -4.45 -36.44
CA ALA H 233 12.32 -3.04 -36.73
C ALA H 233 12.65 -2.09 -35.57
N GLY H 234 12.39 -2.51 -34.33
CA GLY H 234 12.69 -1.69 -33.16
C GLY H 234 14.16 -1.33 -33.05
N THR H 235 15.02 -2.28 -33.43
CA THR H 235 16.47 -2.08 -33.43
C THR H 235 16.89 -1.11 -34.55
N GLU H 236 16.14 -1.13 -35.65
CA GLU H 236 16.41 -0.22 -36.77
C GLU H 236 16.24 1.23 -36.32
N VAL H 237 15.27 1.48 -35.44
CA VAL H 237 15.03 2.83 -34.89
C VAL H 237 16.13 3.19 -33.86
N LEU H 238 16.43 2.25 -32.95
CA LEU H 238 17.49 2.46 -31.95
C LEU H 238 18.83 2.88 -32.55
N ASN H 239 19.31 2.10 -33.53
CA ASN H 239 20.58 2.38 -34.19
C ASN H 239 20.56 3.72 -34.93
N ALA H 240 19.40 4.05 -35.50
CA ALA H 240 19.23 5.33 -36.21
C ALA H 240 19.22 6.51 -35.23
N LYS H 241 18.65 6.31 -34.04
CA LYS H 241 18.62 7.36 -33.01
C LYS H 241 19.98 7.62 -32.33
N ALA H 242 21.01 6.89 -32.75
CA ALA H 242 22.37 7.06 -32.20
C ALA H 242 22.36 7.06 -30.66
N GLY H 243 21.62 6.10 -30.11
CA GLY H 243 21.49 5.95 -28.67
C GLY H 243 20.80 7.08 -27.93
N GLY H 244 19.58 7.40 -28.37
CA GLY H 244 18.79 8.47 -27.77
C GLY H 244 17.29 8.26 -27.88
N GLY H 245 16.83 7.06 -27.52
CA GLY H 245 15.41 6.69 -27.56
C GLY H 245 15.11 5.63 -28.60
N SER H 246 13.86 5.13 -28.58
CA SER H 246 13.40 4.11 -29.51
C SER H 246 12.13 4.59 -30.22
N ALA H 247 11.32 3.64 -30.70
CA ALA H 247 10.07 3.97 -31.38
C ALA H 247 9.07 4.65 -30.44
N THR H 248 8.91 5.97 -30.59
CA THR H 248 8.01 6.76 -29.75
C THR H 248 6.76 7.21 -30.53
N LEU H 249 7.01 7.85 -31.66
CA LEU H 249 5.97 8.43 -32.49
C LEU H 249 5.13 7.36 -33.22
N SER H 250 5.78 6.35 -33.81
CA SER H 250 5.06 5.26 -34.48
C SER H 250 4.32 4.43 -33.44
N MET H 251 4.94 4.26 -32.27
CA MET H 251 4.33 3.50 -31.18
C MET H 251 3.05 4.21 -30.74
N ALA H 252 3.10 5.54 -30.66
CA ALA H 252 1.93 6.34 -30.28
C ALA H 252 0.79 6.21 -31.31
N GLN H 253 1.11 6.23 -32.59
CA GLN H 253 0.09 6.08 -33.65
C GLN H 253 -0.50 4.66 -33.62
N ALA H 254 0.32 3.66 -33.30
CA ALA H 254 -0.18 2.29 -33.22
C ALA H 254 -1.17 2.18 -32.08
N ALA H 255 -0.88 2.85 -30.96
CA ALA H 255 -1.74 2.82 -29.80
C ALA H 255 -3.04 3.61 -30.05
N ALA H 256 -2.91 4.75 -30.72
CA ALA H 256 -4.07 5.58 -31.06
C ALA H 256 -5.01 4.80 -31.98
N ARG H 257 -4.42 4.05 -32.89
CA ARG H 257 -5.16 3.22 -33.85
C ARG H 257 -5.86 2.06 -33.13
N PHE H 258 -5.16 1.42 -32.19
CA PHE H 258 -5.77 0.34 -31.43
C PHE H 258 -6.90 0.88 -30.54
N ALA H 259 -6.65 2.05 -29.95
CA ALA H 259 -7.64 2.70 -29.11
C ALA H 259 -8.90 3.00 -29.93
N ARG H 260 -8.70 3.48 -31.15
CA ARG H 260 -9.80 3.83 -32.02
C ARG H 260 -10.64 2.58 -32.30
N SER H 261 -9.99 1.45 -32.56
CA SER H 261 -10.70 0.20 -32.82
C SER H 261 -11.48 -0.30 -31.59
N LEU H 262 -10.92 -0.12 -30.39
CA LEU H 262 -11.63 -0.55 -29.17
C LEU H 262 -12.88 0.28 -28.97
N VAL H 263 -12.76 1.58 -29.20
CA VAL H 263 -13.89 2.50 -29.05
C VAL H 263 -15.00 2.13 -30.04
N LYS H 264 -14.63 1.76 -31.26
CA LYS H 264 -15.62 1.36 -32.26
C LYS H 264 -16.33 0.09 -31.81
N GLY H 265 -15.57 -0.90 -31.36
CA GLY H 265 -16.15 -2.16 -30.88
C GLY H 265 -17.09 -1.91 -29.70
N LEU H 266 -16.64 -1.12 -28.74
CA LEU H 266 -17.46 -0.80 -27.57
C LEU H 266 -18.77 -0.10 -27.97
N SER H 267 -18.69 0.76 -28.98
CA SER H 267 -19.84 1.52 -29.46
C SER H 267 -20.78 0.71 -30.36
N GLY H 268 -20.41 -0.52 -30.70
CA GLY H 268 -21.25 -1.38 -31.54
C GLY H 268 -20.84 -1.59 -33.00
N GLU H 269 -19.73 -0.99 -33.44
CA GLU H 269 -19.24 -1.20 -34.81
C GLU H 269 -18.35 -2.43 -34.85
N THR H 270 -18.50 -3.25 -35.87
CA THR H 270 -17.67 -4.45 -35.99
C THR H 270 -16.30 -4.10 -36.55
N VAL H 271 -15.25 -4.48 -35.83
CA VAL H 271 -13.86 -4.27 -36.30
C VAL H 271 -13.00 -5.46 -35.87
N VAL H 272 -11.99 -5.79 -36.67
CA VAL H 272 -11.08 -6.89 -36.39
C VAL H 272 -9.66 -6.33 -36.32
N GLU H 273 -8.96 -6.62 -35.23
CA GLU H 273 -7.58 -6.20 -35.01
C GLU H 273 -6.73 -7.37 -34.51
N CYS H 274 -5.48 -7.46 -34.96
CA CYS H 274 -4.57 -8.46 -34.43
C CYS H 274 -4.12 -7.92 -33.07
N THR H 275 -4.34 -8.69 -32.02
CA THR H 275 -3.99 -8.28 -30.68
C THR H 275 -3.71 -9.47 -29.75
N TYR H 276 -2.88 -9.22 -28.74
CA TYR H 276 -2.42 -10.20 -27.77
C TYR H 276 -3.44 -10.37 -26.64
N VAL H 277 -4.09 -11.54 -26.61
CA VAL H 277 -5.15 -11.83 -25.63
C VAL H 277 -5.10 -13.27 -25.09
N GLU H 278 -5.80 -13.50 -23.98
CA GLU H 278 -5.90 -14.84 -23.42
C GLU H 278 -6.95 -15.57 -24.22
N GLY H 279 -6.53 -16.51 -25.07
CA GLY H 279 -7.44 -17.26 -25.94
C GLY H 279 -7.51 -18.73 -25.64
N ASP H 280 -7.62 -19.55 -26.68
CA ASP H 280 -7.76 -21.02 -26.54
C ASP H 280 -6.51 -21.75 -25.98
N GLY H 281 -5.37 -21.07 -25.88
CA GLY H 281 -4.16 -21.70 -25.34
C GLY H 281 -3.52 -22.74 -26.26
N LYS H 282 -3.94 -22.76 -27.53
CA LYS H 282 -3.40 -23.70 -28.52
C LYS H 282 -1.88 -23.63 -28.63
N TYR H 283 -1.32 -22.42 -28.59
CA TYR H 283 0.12 -22.22 -28.69
C TYR H 283 0.69 -21.78 -27.35
N ALA H 284 0.11 -20.73 -26.77
CA ALA H 284 0.51 -20.23 -25.45
C ALA H 284 -0.74 -19.62 -24.80
N ARG H 285 -0.71 -19.37 -23.49
CA ARG H 285 -1.87 -18.81 -22.79
C ARG H 285 -2.34 -17.49 -23.41
N PHE H 286 -1.38 -16.59 -23.65
CA PHE H 286 -1.63 -15.32 -24.30
C PHE H 286 -1.01 -15.43 -25.69
N PHE H 287 -1.75 -15.02 -26.72
CA PHE H 287 -1.29 -15.15 -28.10
C PHE H 287 -1.99 -14.13 -28.99
N SER H 288 -1.21 -13.39 -29.78
CA SER H 288 -1.77 -12.39 -30.69
C SER H 288 -2.31 -13.02 -31.97
N GLN H 289 -3.59 -12.79 -32.24
CA GLN H 289 -4.27 -13.32 -33.42
C GLN H 289 -5.43 -12.37 -33.74
N PRO H 290 -6.11 -12.57 -34.90
CA PRO H 290 -7.20 -11.66 -35.21
C PRO H 290 -8.35 -11.79 -34.22
N VAL H 291 -8.83 -10.64 -33.74
CA VAL H 291 -9.91 -10.58 -32.80
C VAL H 291 -10.97 -9.59 -33.26
N ARG H 292 -12.22 -10.07 -33.36
CA ARG H 292 -13.36 -9.20 -33.64
C ARG H 292 -13.69 -8.53 -32.31
N LEU H 293 -13.71 -7.21 -32.31
CA LEU H 293 -14.01 -6.44 -31.11
C LEU H 293 -15.50 -6.12 -31.03
N GLY H 294 -16.03 -6.08 -29.80
CA GLY H 294 -17.46 -5.82 -29.58
C GLY H 294 -17.73 -5.03 -28.31
N LYS H 295 -18.99 -5.06 -27.87
CA LYS H 295 -19.38 -4.29 -26.68
C LYS H 295 -18.73 -4.73 -25.37
N GLU H 296 -18.21 -5.95 -25.33
CA GLU H 296 -17.55 -6.50 -24.12
C GLU H 296 -16.03 -6.63 -24.30
N GLY H 297 -15.47 -5.92 -25.29
CA GLY H 297 -14.05 -6.03 -25.60
C GLY H 297 -13.95 -7.12 -26.65
N VAL H 298 -13.33 -8.25 -26.30
CA VAL H 298 -13.25 -9.37 -27.22
C VAL H 298 -14.67 -9.91 -27.46
N GLU H 299 -15.09 -9.99 -28.73
CA GLU H 299 -16.40 -10.56 -29.08
C GLU H 299 -16.13 -11.99 -29.56
N GLU H 300 -15.05 -12.17 -30.33
CA GLU H 300 -14.63 -13.49 -30.80
C GLU H 300 -13.16 -13.47 -31.20
N ILE H 301 -12.45 -14.53 -30.80
CA ILE H 301 -11.05 -14.68 -31.14
C ILE H 301 -11.05 -15.57 -32.37
N LEU H 302 -10.65 -14.99 -33.51
CA LEU H 302 -10.66 -15.71 -34.80
C LEU H 302 -9.43 -16.59 -35.01
N PRO H 303 -9.59 -17.67 -35.82
CA PRO H 303 -8.44 -18.53 -36.10
C PRO H 303 -7.42 -17.82 -36.97
N ILE H 304 -6.15 -18.21 -36.86
CA ILE H 304 -5.07 -17.55 -37.62
C ILE H 304 -5.11 -17.75 -39.15
N GLY H 305 -5.90 -18.72 -39.61
CA GLY H 305 -6.03 -18.99 -41.04
C GLY H 305 -4.87 -19.82 -41.56
N PRO H 306 -4.86 -20.11 -42.87
CA PRO H 306 -3.79 -20.93 -43.47
C PRO H 306 -2.38 -20.34 -43.37
N LEU H 307 -1.41 -21.16 -42.96
CA LEU H 307 -0.01 -20.73 -42.85
C LEU H 307 0.85 -21.47 -43.85
N SER H 308 1.86 -20.77 -44.37
CA SER H 308 2.83 -21.36 -45.31
C SER H 308 3.78 -22.25 -44.51
N ASN H 309 4.59 -23.07 -45.20
CA ASN H 309 5.55 -23.91 -44.49
C ASN H 309 6.50 -23.06 -43.63
N PHE H 310 6.96 -21.93 -44.18
CA PHE H 310 7.85 -21.01 -43.46
C PHE H 310 7.18 -20.45 -42.19
N GLU H 311 5.93 -20.04 -42.33
CA GLU H 311 5.16 -19.48 -41.20
C GLU H 311 4.90 -20.51 -40.10
N GLN H 312 4.60 -21.75 -40.49
N GLN H 312 4.60 -21.76 -40.48
CA GLN H 312 4.39 -22.85 -39.55
CA GLN H 312 4.37 -22.80 -39.48
C GLN H 312 5.65 -23.07 -38.73
C GLN H 312 5.65 -23.06 -38.70
N GLN H 313 6.77 -23.17 -39.42
CA GLN H 313 8.09 -23.38 -38.80
C GLN H 313 8.49 -22.18 -37.93
N ALA H 314 8.17 -20.96 -38.37
CA ALA H 314 8.50 -19.76 -37.60
C ALA H 314 7.68 -19.74 -36.30
N LEU H 315 6.45 -20.23 -36.40
CA LEU H 315 5.55 -20.32 -35.25
C LEU H 315 6.07 -21.32 -34.21
N GLU H 316 6.46 -22.52 -34.64
CA GLU H 316 7.00 -23.56 -33.74
C GLU H 316 8.29 -23.10 -33.03
N ASN H 317 9.26 -22.59 -33.80
CA ASN H 317 10.55 -22.12 -33.25
C ASN H 317 10.41 -20.95 -32.27
N MET H 318 9.25 -20.30 -32.32
CA MET H 318 8.98 -19.12 -31.51
C MET H 318 8.36 -19.37 -30.12
N LEU H 319 7.65 -20.49 -29.95
CA LEU H 319 6.92 -20.78 -28.71
C LEU H 319 7.74 -20.79 -27.39
N PRO H 320 8.94 -21.42 -27.38
CA PRO H 320 9.71 -21.42 -26.14
C PRO H 320 9.94 -20.00 -25.60
N THR H 321 10.28 -19.07 -26.49
CA THR H 321 10.52 -17.67 -26.10
C THR H 321 9.23 -16.99 -25.57
N LEU H 322 8.11 -17.25 -26.25
CA LEU H 322 6.82 -16.66 -25.89
C LEU H 322 6.31 -17.19 -24.54
N ARG H 323 6.39 -18.50 -24.36
CA ARG H 323 5.93 -19.14 -23.11
C ARG H 323 6.80 -18.73 -21.91
N ALA H 324 8.10 -18.55 -22.14
CA ALA H 324 9.00 -18.07 -21.08
C ALA H 324 8.66 -16.61 -20.72
N ASP H 325 8.35 -15.78 -21.72
CA ASP H 325 7.97 -14.38 -21.47
C ASP H 325 6.68 -14.29 -20.63
N ILE H 326 5.74 -15.19 -20.90
CA ILE H 326 4.47 -15.24 -20.17
C ILE H 326 4.69 -15.70 -18.74
N GLU H 327 5.42 -16.82 -18.62
CA GLU H 327 5.73 -17.41 -17.33
C GLU H 327 6.39 -16.39 -16.39
N LEU H 328 7.26 -15.55 -16.95
CA LEU H 328 7.96 -14.51 -16.18
C LEU H 328 6.96 -13.54 -15.55
N GLY H 329 5.96 -13.13 -16.32
CA GLY H 329 4.93 -12.22 -15.84
C GLY H 329 4.05 -12.84 -14.77
N GLU H 330 3.62 -14.07 -15.00
CA GLU H 330 2.81 -14.82 -14.03
C GLU H 330 3.54 -14.94 -12.69
N LYS H 331 4.82 -15.36 -12.77
CA LYS H 331 5.71 -15.48 -11.58
C LYS H 331 5.86 -14.19 -10.76
N PHE H 332 5.91 -13.05 -11.44
CA PHE H 332 6.08 -11.77 -10.74
C PHE H 332 4.95 -11.48 -9.73
N ILE H 333 3.75 -11.96 -10.03
CA ILE H 333 2.59 -11.74 -9.16
C ILE H 333 2.31 -12.93 -8.23
N ASN H 334 2.40 -14.15 -8.76
CA ASN H 334 2.12 -15.38 -8.00
C ASN H 334 3.29 -15.89 -7.13
N GLY H 335 4.52 -15.63 -7.57
CA GLY H 335 5.72 -16.05 -6.83
C GLY H 335 6.34 -17.34 -7.37
#